data_7YCE
# 
_entry.id   7YCE 
# 
_audit_conform.dict_name       mmcif_pdbx.dic 
_audit_conform.dict_version    5.380 
_audit_conform.dict_location   http://mmcif.pdb.org/dictionaries/ascii/mmcif_pdbx.dic 
# 
loop_
_database_2.database_id 
_database_2.database_code 
_database_2.pdbx_database_accession 
_database_2.pdbx_DOI 
PDB   7YCE         pdb_00007yce 10.2210/pdb7yce/pdb 
WWPDB D_1300030657 ?            ?                   
# 
_pdbx_database_status.status_code                     REL 
_pdbx_database_status.status_code_sf                  REL 
_pdbx_database_status.status_code_mr                  ? 
_pdbx_database_status.entry_id                        7YCE 
_pdbx_database_status.recvd_initial_deposition_date   2022-07-01 
_pdbx_database_status.SG_entry                        N 
_pdbx_database_status.deposit_site                    PDBJ 
_pdbx_database_status.process_site                    PDBJ 
_pdbx_database_status.status_code_cs                  ? 
_pdbx_database_status.status_code_nmr_data            ? 
_pdbx_database_status.methods_development_category    ? 
_pdbx_database_status.pdb_format_compatible           Y 
# 
_audit_author.name               'Amano, Y.' 
_audit_author.pdbx_ordinal       1 
_audit_author.identifier_ORCID   0000-0002-7190-7537 
# 
_citation.abstract                  ? 
_citation.abstract_id_CAS           ? 
_citation.book_id_ISBN              ? 
_citation.book_publisher            ? 
_citation.book_publisher_city       ? 
_citation.book_title                ? 
_citation.coordinate_linkage        ? 
_citation.country                   UK 
_citation.database_id_Medline       ? 
_citation.details                   ? 
_citation.id                        primary 
_citation.journal_abbrev            Bioorg.Med.Chem. 
_citation.journal_id_ASTM           BMECEP 
_citation.journal_id_CSD            1200 
_citation.journal_id_ISSN           1464-3391 
_citation.journal_full              ? 
_citation.journal_issue             ? 
_citation.journal_volume            71 
_citation.language                  ? 
_citation.page_first                116949 
_citation.page_last                 116949 
_citation.title                     
;Discovery and biological evaluation of 1-{2,7-diazaspiro[3.5]nonan-2-yl}prop-2-en-1-one derivatives as covalent inhibitors of KRAS G12C with favorable metabolic stability and anti-tumor activity.
;
_citation.year                      2022 
_citation.database_id_CSD           ? 
_citation.pdbx_database_id_DOI      10.1016/j.bmc.2022.116949 
_citation.pdbx_database_id_PubMed   35926326 
_citation.pdbx_database_id_patent   ? 
_citation.unpublished_flag          ? 
# 
loop_
_citation_author.citation_id 
_citation_author.name 
_citation_author.ordinal 
_citation_author.identifier_ORCID 
primary 'Imaizumi, T.'  1  ? 
primary 'Akaiwa, M.'    2  ? 
primary 'Abe, T.'       3  ? 
primary 'Nigawara, T.'  4  ? 
primary 'Koike, T.'     5  ? 
primary 'Satake, Y.'    6  ? 
primary 'Watanabe, K.'  7  ? 
primary 'Kaneko, O.'    8  ? 
primary 'Amano, Y.'     9  ? 
primary 'Mori, K.'      10 ? 
primary 'Yamanaka, Y.'  11 ? 
primary 'Nagashima, T.' 12 ? 
primary 'Shimazaki, M.' 13 ? 
primary 'Kuramoto, K.'  14 ? 
# 
_cell.angle_alpha                  90.000 
_cell.angle_alpha_esd              ? 
_cell.angle_beta                   90.000 
_cell.angle_beta_esd               ? 
_cell.angle_gamma                  120.000 
_cell.angle_gamma_esd              ? 
_cell.entry_id                     7YCE 
_cell.details                      ? 
_cell.formula_units_Z              ? 
_cell.length_a                     94.809 
_cell.length_a_esd                 ? 
_cell.length_b                     94.809 
_cell.length_b_esd                 ? 
_cell.length_c                     119.410 
_cell.length_c_esd                 ? 
_cell.volume                       ? 
_cell.volume_esd                   ? 
_cell.Z_PDB                        18 
_cell.reciprocal_angle_alpha       ? 
_cell.reciprocal_angle_beta        ? 
_cell.reciprocal_angle_gamma       ? 
_cell.reciprocal_angle_alpha_esd   ? 
_cell.reciprocal_angle_beta_esd    ? 
_cell.reciprocal_angle_gamma_esd   ? 
_cell.reciprocal_length_a          ? 
_cell.reciprocal_length_b          ? 
_cell.reciprocal_length_c          ? 
_cell.reciprocal_length_a_esd      ? 
_cell.reciprocal_length_b_esd      ? 
_cell.reciprocal_length_c_esd      ? 
_cell.pdbx_unique_axis             ? 
_cell.pdbx_esd_method              ? 
# 
_symmetry.entry_id                         7YCE 
_symmetry.cell_setting                     ? 
_symmetry.Int_Tables_number                155 
_symmetry.space_group_name_Hall            ? 
_symmetry.space_group_name_H-M             'H 3 2' 
_symmetry.pdbx_full_space_group_name_H-M   ? 
# 
loop_
_entity.id 
_entity.type 
_entity.src_method 
_entity.pdbx_description 
_entity.formula_weight 
_entity.pdbx_number_of_molecules 
_entity.pdbx_ec 
_entity.pdbx_mutation 
_entity.pdbx_fragment 
_entity.details 
1 polymer     man 'Isoform 2B of GTPase KRas' 19358.836 1  3.6.5.2 'G12C, C118S' ? ? 
2 non-polymer syn "GUANOSINE-5'-DIPHOSPHATE" 443.201   1  ?       ?             ? ? 
3 non-polymer syn 'MAGNESIUM ION' 24.305    1  ?       ?             ? ? 
4 non-polymer syn 'SULFATE ION' 96.063    1  ?       ?             ? ? 
5 non-polymer syn 
;1-[7-[6-chloranyl-2-(1-ethylpiperidin-4-yl)oxy-8-fluoranyl-7-(5-methyl-1~{H}-indazol-4-yl)quinazolin-4-yl]-2,7-diazaspiro[3.5]nonan-2-yl]propan-1-one
;
620.160   1  ?       ?             ? ? 
6 water       nat water 18.015    95 ?       ?             ? ? 
# 
_entity_name_com.entity_id   1 
_entity_name_com.name        'K-Ras 2,Ki-Ras,c-K-ras,c-Ki-ras' 
# 
_entity_poly.entity_id                      1 
_entity_poly.type                           'polypeptide(L)' 
_entity_poly.nstd_linkage                   no 
_entity_poly.nstd_monomer                   no 
_entity_poly.pdbx_seq_one_letter_code       
;GMTEYKLVVVGACGVGKSALTIQLIQNHFVDEYDPTIEDSYRKQVVIDGETCLLDILDTAGQEEYSAMRDQYMRTGEGFL
CVFAINNTKSFEDIHHYREQIKRVKDSEDVPMVLVGNKSDLPSRTVDTKQAQDLARSYGIPFIETSAKTRQGVDDAFYTL
VREIRKHKEK
;
_entity_poly.pdbx_seq_one_letter_code_can   
;GMTEYKLVVVGACGVGKSALTIQLIQNHFVDEYDPTIEDSYRKQVVIDGETCLLDILDTAGQEEYSAMRDQYMRTGEGFL
CVFAINNTKSFEDIHHYREQIKRVKDSEDVPMVLVGNKSDLPSRTVDTKQAQDLARSYGIPFIETSAKTRQGVDDAFYTL
VREIRKHKEK
;
_entity_poly.pdbx_strand_id                 A 
_entity_poly.pdbx_target_identifier         ? 
# 
loop_
_entity_poly_seq.entity_id 
_entity_poly_seq.num 
_entity_poly_seq.mon_id 
_entity_poly_seq.hetero 
1 1   GLY n 
1 2   MET n 
1 3   THR n 
1 4   GLU n 
1 5   TYR n 
1 6   LYS n 
1 7   LEU n 
1 8   VAL n 
1 9   VAL n 
1 10  VAL n 
1 11  GLY n 
1 12  ALA n 
1 13  CYS n 
1 14  GLY n 
1 15  VAL n 
1 16  GLY n 
1 17  LYS n 
1 18  SER n 
1 19  ALA n 
1 20  LEU n 
1 21  THR n 
1 22  ILE n 
1 23  GLN n 
1 24  LEU n 
1 25  ILE n 
1 26  GLN n 
1 27  ASN n 
1 28  HIS n 
1 29  PHE n 
1 30  VAL n 
1 31  ASP n 
1 32  GLU n 
1 33  TYR n 
1 34  ASP n 
1 35  PRO n 
1 36  THR n 
1 37  ILE n 
1 38  GLU n 
1 39  ASP n 
1 40  SER n 
1 41  TYR n 
1 42  ARG n 
1 43  LYS n 
1 44  GLN n 
1 45  VAL n 
1 46  VAL n 
1 47  ILE n 
1 48  ASP n 
1 49  GLY n 
1 50  GLU n 
1 51  THR n 
1 52  CYS n 
1 53  LEU n 
1 54  LEU n 
1 55  ASP n 
1 56  ILE n 
1 57  LEU n 
1 58  ASP n 
1 59  THR n 
1 60  ALA n 
1 61  GLY n 
1 62  GLN n 
1 63  GLU n 
1 64  GLU n 
1 65  TYR n 
1 66  SER n 
1 67  ALA n 
1 68  MET n 
1 69  ARG n 
1 70  ASP n 
1 71  GLN n 
1 72  TYR n 
1 73  MET n 
1 74  ARG n 
1 75  THR n 
1 76  GLY n 
1 77  GLU n 
1 78  GLY n 
1 79  PHE n 
1 80  LEU n 
1 81  CYS n 
1 82  VAL n 
1 83  PHE n 
1 84  ALA n 
1 85  ILE n 
1 86  ASN n 
1 87  ASN n 
1 88  THR n 
1 89  LYS n 
1 90  SER n 
1 91  PHE n 
1 92  GLU n 
1 93  ASP n 
1 94  ILE n 
1 95  HIS n 
1 96  HIS n 
1 97  TYR n 
1 98  ARG n 
1 99  GLU n 
1 100 GLN n 
1 101 ILE n 
1 102 LYS n 
1 103 ARG n 
1 104 VAL n 
1 105 LYS n 
1 106 ASP n 
1 107 SER n 
1 108 GLU n 
1 109 ASP n 
1 110 VAL n 
1 111 PRO n 
1 112 MET n 
1 113 VAL n 
1 114 LEU n 
1 115 VAL n 
1 116 GLY n 
1 117 ASN n 
1 118 LYS n 
1 119 SER n 
1 120 ASP n 
1 121 LEU n 
1 122 PRO n 
1 123 SER n 
1 124 ARG n 
1 125 THR n 
1 126 VAL n 
1 127 ASP n 
1 128 THR n 
1 129 LYS n 
1 130 GLN n 
1 131 ALA n 
1 132 GLN n 
1 133 ASP n 
1 134 LEU n 
1 135 ALA n 
1 136 ARG n 
1 137 SER n 
1 138 TYR n 
1 139 GLY n 
1 140 ILE n 
1 141 PRO n 
1 142 PHE n 
1 143 ILE n 
1 144 GLU n 
1 145 THR n 
1 146 SER n 
1 147 ALA n 
1 148 LYS n 
1 149 THR n 
1 150 ARG n 
1 151 GLN n 
1 152 GLY n 
1 153 VAL n 
1 154 ASP n 
1 155 ASP n 
1 156 ALA n 
1 157 PHE n 
1 158 TYR n 
1 159 THR n 
1 160 LEU n 
1 161 VAL n 
1 162 ARG n 
1 163 GLU n 
1 164 ILE n 
1 165 ARG n 
1 166 LYS n 
1 167 HIS n 
1 168 LYS n 
1 169 GLU n 
1 170 LYS n 
# 
_entity_src_gen.entity_id                          1 
_entity_src_gen.pdbx_src_id                        1 
_entity_src_gen.pdbx_alt_source_flag               sample 
_entity_src_gen.pdbx_seq_type                      'Biological sequence' 
_entity_src_gen.pdbx_beg_seq_num                   1 
_entity_src_gen.pdbx_end_seq_num                   170 
_entity_src_gen.gene_src_common_name               human 
_entity_src_gen.gene_src_genus                     ? 
_entity_src_gen.pdbx_gene_src_gene                 'KRAS, KRAS2, RASK2' 
_entity_src_gen.gene_src_species                   ? 
_entity_src_gen.gene_src_strain                    ? 
_entity_src_gen.gene_src_tissue                    ? 
_entity_src_gen.gene_src_tissue_fraction           ? 
_entity_src_gen.gene_src_details                   ? 
_entity_src_gen.pdbx_gene_src_fragment             ? 
_entity_src_gen.pdbx_gene_src_scientific_name      'Homo sapiens' 
_entity_src_gen.pdbx_gene_src_ncbi_taxonomy_id     9606 
_entity_src_gen.pdbx_gene_src_variant              ? 
_entity_src_gen.pdbx_gene_src_cell_line            ? 
_entity_src_gen.pdbx_gene_src_atcc                 ? 
_entity_src_gen.pdbx_gene_src_organ                ? 
_entity_src_gen.pdbx_gene_src_organelle            ? 
_entity_src_gen.pdbx_gene_src_cell                 ? 
_entity_src_gen.pdbx_gene_src_cellular_location    ? 
_entity_src_gen.host_org_common_name               ? 
_entity_src_gen.pdbx_host_org_scientific_name      'Escherichia coli' 
_entity_src_gen.pdbx_host_org_ncbi_taxonomy_id     562 
_entity_src_gen.host_org_genus                     ? 
_entity_src_gen.pdbx_host_org_gene                 ? 
_entity_src_gen.pdbx_host_org_organ                ? 
_entity_src_gen.host_org_species                   ? 
_entity_src_gen.pdbx_host_org_tissue               ? 
_entity_src_gen.pdbx_host_org_tissue_fraction      ? 
_entity_src_gen.pdbx_host_org_strain               ? 
_entity_src_gen.pdbx_host_org_variant              ? 
_entity_src_gen.pdbx_host_org_cell_line            ? 
_entity_src_gen.pdbx_host_org_atcc                 ? 
_entity_src_gen.pdbx_host_org_culture_collection   ? 
_entity_src_gen.pdbx_host_org_cell                 ? 
_entity_src_gen.pdbx_host_org_organelle            ? 
_entity_src_gen.pdbx_host_org_cellular_location    ? 
_entity_src_gen.pdbx_host_org_vector_type          ? 
_entity_src_gen.pdbx_host_org_vector               ? 
_entity_src_gen.host_org_details                   ? 
_entity_src_gen.expression_system_id               ? 
_entity_src_gen.plasmid_name                       ? 
_entity_src_gen.plasmid_details                    ? 
_entity_src_gen.pdbx_description                   ? 
# 
_struct_ref.id                         1 
_struct_ref.db_name                    UNP 
_struct_ref.db_code                    RASK_HUMAN 
_struct_ref.pdbx_db_accession          P01116-2 
_struct_ref.pdbx_db_isoform            ? 
_struct_ref.entity_id                  1 
_struct_ref.pdbx_seq_one_letter_code   
;MTEYKLVVVGAGGVGKSALTIQLIQNHFVDEYDPTIEDSYRKQVVIDGETCLLDILDTAGQEEYSAMRDQYMRTGEGFLC
VFAINNTKSFEDIHHYREQIKRVKDSEDVPMVLVGNKCDLPSRTVDTKQAQDLARSYGIPFIETSAKTRQGVDDAFYTLV
REIRKHKEK
;
_struct_ref.pdbx_align_begin           1 
# 
_struct_ref_seq.align_id                      1 
_struct_ref_seq.ref_id                        1 
_struct_ref_seq.pdbx_PDB_id_code              7YCE 
_struct_ref_seq.pdbx_strand_id                A 
_struct_ref_seq.seq_align_beg                 2 
_struct_ref_seq.pdbx_seq_align_beg_ins_code   ? 
_struct_ref_seq.seq_align_end                 170 
_struct_ref_seq.pdbx_seq_align_end_ins_code   ? 
_struct_ref_seq.pdbx_db_accession             P01116-2 
_struct_ref_seq.db_align_beg                  1 
_struct_ref_seq.pdbx_db_align_beg_ins_code    ? 
_struct_ref_seq.db_align_end                  169 
_struct_ref_seq.pdbx_db_align_end_ins_code    ? 
_struct_ref_seq.pdbx_auth_seq_align_beg       1 
_struct_ref_seq.pdbx_auth_seq_align_end       169 
# 
loop_
_struct_ref_seq_dif.align_id 
_struct_ref_seq_dif.pdbx_pdb_id_code 
_struct_ref_seq_dif.mon_id 
_struct_ref_seq_dif.pdbx_pdb_strand_id 
_struct_ref_seq_dif.seq_num 
_struct_ref_seq_dif.pdbx_pdb_ins_code 
_struct_ref_seq_dif.pdbx_seq_db_name 
_struct_ref_seq_dif.pdbx_seq_db_accession_code 
_struct_ref_seq_dif.db_mon_id 
_struct_ref_seq_dif.pdbx_seq_db_seq_num 
_struct_ref_seq_dif.details 
_struct_ref_seq_dif.pdbx_auth_seq_num 
_struct_ref_seq_dif.pdbx_ordinal 
1 7YCE GLY A 1   ? UNP P01116-2 ?   ?   'expression tag'      0   1 
1 7YCE CYS A 13  ? UNP P01116-2 GLY 12  'engineered mutation' 12  2 
1 7YCE SER A 119 ? UNP P01116-2 CYS 118 'engineered mutation' 118 3 
# 
loop_
_chem_comp.id 
_chem_comp.type 
_chem_comp.mon_nstd_flag 
_chem_comp.name 
_chem_comp.pdbx_synonyms 
_chem_comp.formula 
_chem_comp.formula_weight 
ALA 'L-peptide linking' y ALANINE ? 'C3 H7 N O2'         89.093  
ARG 'L-peptide linking' y ARGININE ? 'C6 H15 N4 O2 1'     175.209 
ASN 'L-peptide linking' y ASPARAGINE ? 'C4 H8 N2 O3'        132.118 
ASP 'L-peptide linking' y 'ASPARTIC ACID' ? 'C4 H7 N O4'         133.103 
CYS 'L-peptide linking' y CYSTEINE ? 'C3 H7 N O2 S'       121.158 
GDP 'RNA linking'       n "GUANOSINE-5'-DIPHOSPHATE" ? 'C10 H15 N5 O11 P2'  443.201 
GLN 'L-peptide linking' y GLUTAMINE ? 'C5 H10 N2 O3'       146.144 
GLU 'L-peptide linking' y 'GLUTAMIC ACID' ? 'C5 H9 N O4'         147.129 
GLY 'peptide linking'   y GLYCINE ? 'C2 H5 N O2'         75.067  
HIS 'L-peptide linking' y HISTIDINE ? 'C6 H10 N3 O2 1'     156.162 
HOH non-polymer         . WATER ? 'H2 O'               18.015  
ILE 'L-peptide linking' y ISOLEUCINE ? 'C6 H13 N O2'        131.173 
IQN non-polymer         . 
;1-[7-[6-chloranyl-2-(1-ethylpiperidin-4-yl)oxy-8-fluoranyl-7-(5-methyl-1~{H}-indazol-4-yl)quinazolin-4-yl]-2,7-diazaspiro[3.5]nonan-2-yl]propan-1-one
;
? 'C33 H39 Cl F N7 O2' 620.160 
LEU 'L-peptide linking' y LEUCINE ? 'C6 H13 N O2'        131.173 
LYS 'L-peptide linking' y LYSINE ? 'C6 H15 N2 O2 1'     147.195 
MET 'L-peptide linking' y METHIONINE ? 'C5 H11 N O2 S'      149.211 
MG  non-polymer         . 'MAGNESIUM ION' ? 'Mg 2'               24.305  
PHE 'L-peptide linking' y PHENYLALANINE ? 'C9 H11 N O2'        165.189 
PRO 'L-peptide linking' y PROLINE ? 'C5 H9 N O2'         115.130 
SER 'L-peptide linking' y SERINE ? 'C3 H7 N O3'         105.093 
SO4 non-polymer         . 'SULFATE ION' ? 'O4 S -2'            96.063  
THR 'L-peptide linking' y THREONINE ? 'C4 H9 N O3'         119.119 
TYR 'L-peptide linking' y TYROSINE ? 'C9 H11 N O3'        181.189 
VAL 'L-peptide linking' y VALINE ? 'C5 H11 N O2'        117.146 
# 
_exptl.absorpt_coefficient_mu     ? 
_exptl.absorpt_correction_T_max   ? 
_exptl.absorpt_correction_T_min   ? 
_exptl.absorpt_correction_type    ? 
_exptl.absorpt_process_details    ? 
_exptl.entry_id                   7YCE 
_exptl.crystals_number            1 
_exptl.details                    ? 
_exptl.method                     'X-RAY DIFFRACTION' 
_exptl.method_details             ? 
# 
_exptl_crystal.colour                       ? 
_exptl_crystal.density_diffrn               ? 
_exptl_crystal.density_Matthews             2.67 
_exptl_crystal.density_method               ? 
_exptl_crystal.density_percent_sol          53.89 
_exptl_crystal.description                  ? 
_exptl_crystal.F_000                        ? 
_exptl_crystal.id                           1 
_exptl_crystal.preparation                  ? 
_exptl_crystal.size_max                     ? 
_exptl_crystal.size_mid                     ? 
_exptl_crystal.size_min                     ? 
_exptl_crystal.size_rad                     ? 
_exptl_crystal.colour_lustre                ? 
_exptl_crystal.colour_modifier              ? 
_exptl_crystal.colour_primary               ? 
_exptl_crystal.density_meas                 ? 
_exptl_crystal.density_meas_esd             ? 
_exptl_crystal.density_meas_gt              ? 
_exptl_crystal.density_meas_lt              ? 
_exptl_crystal.density_meas_temp            ? 
_exptl_crystal.density_meas_temp_esd        ? 
_exptl_crystal.density_meas_temp_gt         ? 
_exptl_crystal.density_meas_temp_lt         ? 
_exptl_crystal.pdbx_crystal_image_url       ? 
_exptl_crystal.pdbx_crystal_image_format    ? 
_exptl_crystal.pdbx_mosaicity               ? 
_exptl_crystal.pdbx_mosaicity_esd           ? 
_exptl_crystal.pdbx_mosaic_method           ? 
_exptl_crystal.pdbx_mosaic_block_size       ? 
_exptl_crystal.pdbx_mosaic_block_size_esd   ? 
# 
_exptl_crystal_grow.apparatus       ? 
_exptl_crystal_grow.atmosphere      ? 
_exptl_crystal_grow.crystal_id      1 
_exptl_crystal_grow.details         ? 
_exptl_crystal_grow.method          'VAPOR DIFFUSION, SITTING DROP' 
_exptl_crystal_grow.method_ref      ? 
_exptl_crystal_grow.pH              6.5 
_exptl_crystal_grow.pressure        ? 
_exptl_crystal_grow.pressure_esd    ? 
_exptl_crystal_grow.seeding         ? 
_exptl_crystal_grow.seeding_ref     ? 
_exptl_crystal_grow.temp            293 
_exptl_crystal_grow.temp_details    ? 
_exptl_crystal_grow.temp_esd        ? 
_exptl_crystal_grow.time            ? 
_exptl_crystal_grow.pdbx_details    'MES, ammonium sulfate, PEG550MME' 
_exptl_crystal_grow.pdbx_pH_range   ? 
# 
_diffrn.ambient_environment              ? 
_diffrn.ambient_temp                     90 
_diffrn.ambient_temp_details             ? 
_diffrn.ambient_temp_esd                 ? 
_diffrn.crystal_id                       1 
_diffrn.crystal_support                  ? 
_diffrn.crystal_treatment                ? 
_diffrn.details                          ? 
_diffrn.id                               1 
_diffrn.ambient_pressure                 ? 
_diffrn.ambient_pressure_esd             ? 
_diffrn.ambient_pressure_gt              ? 
_diffrn.ambient_pressure_lt              ? 
_diffrn.ambient_temp_gt                  ? 
_diffrn.ambient_temp_lt                  ? 
_diffrn.pdbx_serial_crystal_experiment   N 
# 
_diffrn_detector.details                      ? 
_diffrn_detector.detector                     PIXEL 
_diffrn_detector.diffrn_id                    1 
_diffrn_detector.type                         'RIGAKU HyPix-6000HE' 
_diffrn_detector.area_resol_mean              ? 
_diffrn_detector.dtime                        ? 
_diffrn_detector.pdbx_frames_total            ? 
_diffrn_detector.pdbx_collection_time_total   ? 
_diffrn_detector.pdbx_collection_date         2021-06-09 
_diffrn_detector.pdbx_frequency               ? 
# 
_diffrn_radiation.collimation                      ? 
_diffrn_radiation.diffrn_id                        1 
_diffrn_radiation.filter_edge                      ? 
_diffrn_radiation.inhomogeneity                    ? 
_diffrn_radiation.monochromator                    ? 
_diffrn_radiation.polarisn_norm                    ? 
_diffrn_radiation.polarisn_ratio                   ? 
_diffrn_radiation.probe                            ? 
_diffrn_radiation.type                             ? 
_diffrn_radiation.xray_symbol                      ? 
_diffrn_radiation.wavelength_id                    1 
_diffrn_radiation.pdbx_monochromatic_or_laue_m_l   M 
_diffrn_radiation.pdbx_wavelength_list             ? 
_diffrn_radiation.pdbx_wavelength                  ? 
_diffrn_radiation.pdbx_diffrn_protocol             'SINGLE WAVELENGTH' 
_diffrn_radiation.pdbx_analyzer                    ? 
_diffrn_radiation.pdbx_scattering_type             x-ray 
# 
_diffrn_radiation_wavelength.id           1 
_diffrn_radiation_wavelength.wavelength   1.5418 
_diffrn_radiation_wavelength.wt           1.0 
# 
_diffrn_source.current                     ? 
_diffrn_source.details                     ? 
_diffrn_source.diffrn_id                   1 
_diffrn_source.power                       ? 
_diffrn_source.size                        ? 
_diffrn_source.source                      'ROTATING ANODE' 
_diffrn_source.target                      ? 
_diffrn_source.type                        'RIGAKU FR-E+ SUPERBRIGHT' 
_diffrn_source.voltage                     ? 
_diffrn_source.take-off_angle              ? 
_diffrn_source.pdbx_wavelength_list        1.5418 
_diffrn_source.pdbx_wavelength             ? 
_diffrn_source.pdbx_synchrotron_beamline   ? 
_diffrn_source.pdbx_synchrotron_site       ? 
# 
_reflns.B_iso_Wilson_estimate                          ? 
_reflns.entry_id                                       7YCE 
_reflns.data_reduction_details                         ? 
_reflns.data_reduction_method                          ? 
_reflns.d_resolution_high                              1.800 
_reflns.d_resolution_low                               22.94 
_reflns.details                                        ? 
_reflns.limit_h_max                                    ? 
_reflns.limit_h_min                                    ? 
_reflns.limit_k_max                                    ? 
_reflns.limit_k_min                                    ? 
_reflns.limit_l_max                                    ? 
_reflns.limit_l_min                                    ? 
_reflns.number_all                                     ? 
_reflns.number_obs                                     17961 
_reflns.observed_criterion                             ? 
_reflns.observed_criterion_F_max                       ? 
_reflns.observed_criterion_F_min                       ? 
_reflns.observed_criterion_I_max                       ? 
_reflns.observed_criterion_I_min                       ? 
_reflns.observed_criterion_sigma_F                     ? 
_reflns.observed_criterion_sigma_I                     ? 
_reflns.percent_possible_obs                           92.900 
_reflns.R_free_details                                 ? 
_reflns.Rmerge_F_all                                   ? 
_reflns.Rmerge_F_obs                                   ? 
_reflns.Friedel_coverage                               ? 
_reflns.number_gt                                      ? 
_reflns.threshold_expression                           ? 
_reflns.pdbx_redundancy                                8.700 
_reflns.pdbx_Rmerge_I_obs                              0.068 
_reflns.pdbx_Rmerge_I_all                              ? 
_reflns.pdbx_Rsym_value                                ? 
_reflns.pdbx_netI_over_av_sigmaI                       ? 
_reflns.pdbx_netI_over_sigmaI                          18.700 
_reflns.pdbx_res_netI_over_av_sigmaI_2                 ? 
_reflns.pdbx_res_netI_over_sigmaI_2                    ? 
_reflns.pdbx_chi_squared                               ? 
_reflns.pdbx_scaling_rejects                           ? 
_reflns.pdbx_d_res_high_opt                            ? 
_reflns.pdbx_d_res_low_opt                             ? 
_reflns.pdbx_d_res_opt_method                          ? 
_reflns.phase_calculation_details                      ? 
_reflns.pdbx_Rrim_I_all                                0.073 
_reflns.pdbx_Rpim_I_all                                0.025 
_reflns.pdbx_d_opt                                     ? 
_reflns.pdbx_number_measured_all                       ? 
_reflns.pdbx_diffrn_id                                 1 
_reflns.pdbx_ordinal                                   1 
_reflns.pdbx_CC_half                                   0.987 
_reflns.pdbx_CC_star                                   ? 
_reflns.pdbx_R_split                                   ? 
_reflns.pdbx_aniso_diffraction_limit_axis_1_ortho[1]   ? 
_reflns.pdbx_aniso_diffraction_limit_axis_1_ortho[2]   ? 
_reflns.pdbx_aniso_diffraction_limit_axis_1_ortho[3]   ? 
_reflns.pdbx_aniso_diffraction_limit_axis_2_ortho[1]   ? 
_reflns.pdbx_aniso_diffraction_limit_axis_2_ortho[2]   ? 
_reflns.pdbx_aniso_diffraction_limit_axis_2_ortho[3]   ? 
_reflns.pdbx_aniso_diffraction_limit_axis_3_ortho[1]   ? 
_reflns.pdbx_aniso_diffraction_limit_axis_3_ortho[2]   ? 
_reflns.pdbx_aniso_diffraction_limit_axis_3_ortho[3]   ? 
_reflns.pdbx_aniso_diffraction_limit_1                 ? 
_reflns.pdbx_aniso_diffraction_limit_2                 ? 
_reflns.pdbx_aniso_diffraction_limit_3                 ? 
_reflns.pdbx_aniso_B_tensor_eigenvector_1_ortho[1]     ? 
_reflns.pdbx_aniso_B_tensor_eigenvector_1_ortho[2]     ? 
_reflns.pdbx_aniso_B_tensor_eigenvector_1_ortho[3]     ? 
_reflns.pdbx_aniso_B_tensor_eigenvector_2_ortho[1]     ? 
_reflns.pdbx_aniso_B_tensor_eigenvector_2_ortho[2]     ? 
_reflns.pdbx_aniso_B_tensor_eigenvector_2_ortho[3]     ? 
_reflns.pdbx_aniso_B_tensor_eigenvector_3_ortho[1]     ? 
_reflns.pdbx_aniso_B_tensor_eigenvector_3_ortho[2]     ? 
_reflns.pdbx_aniso_B_tensor_eigenvector_3_ortho[3]     ? 
_reflns.pdbx_aniso_B_tensor_eigenvalue_1               ? 
_reflns.pdbx_aniso_B_tensor_eigenvalue_2               ? 
_reflns.pdbx_aniso_B_tensor_eigenvalue_3               ? 
_reflns.pdbx_orthogonalization_convention              ? 
_reflns.pdbx_percent_possible_ellipsoidal              ? 
_reflns.pdbx_percent_possible_spherical                ? 
_reflns.pdbx_percent_possible_ellipsoidal_anomalous    ? 
_reflns.pdbx_percent_possible_spherical_anomalous      ? 
_reflns.pdbx_redundancy_anomalous                      ? 
_reflns.pdbx_CC_half_anomalous                         ? 
_reflns.pdbx_absDiff_over_sigma_anomalous              ? 
_reflns.pdbx_percent_possible_anomalous                ? 
_reflns.pdbx_observed_signal_threshold                 ? 
_reflns.pdbx_signal_type                               ? 
_reflns.pdbx_signal_details                            ? 
_reflns.pdbx_signal_software_id                        ? 
_reflns.pdbx_CC_split_method                           ? 
# 
loop_
_reflns_shell.d_res_high 
_reflns_shell.d_res_low 
_reflns_shell.meanI_over_sigI_all 
_reflns_shell.meanI_over_sigI_obs 
_reflns_shell.number_measured_all 
_reflns_shell.number_measured_obs 
_reflns_shell.number_possible 
_reflns_shell.number_unique_all 
_reflns_shell.number_unique_obs 
_reflns_shell.percent_possible_all 
_reflns_shell.percent_possible_obs 
_reflns_shell.Rmerge_F_all 
_reflns_shell.Rmerge_F_obs 
_reflns_shell.Rmerge_I_all 
_reflns_shell.Rmerge_I_obs 
_reflns_shell.meanI_over_sigI_gt 
_reflns_shell.meanI_over_uI_all 
_reflns_shell.meanI_over_uI_gt 
_reflns_shell.number_measured_gt 
_reflns_shell.number_unique_gt 
_reflns_shell.percent_possible_gt 
_reflns_shell.Rmerge_F_gt 
_reflns_shell.Rmerge_I_gt 
_reflns_shell.pdbx_redundancy 
_reflns_shell.pdbx_Rsym_value 
_reflns_shell.pdbx_chi_squared 
_reflns_shell.pdbx_netI_over_sigmaI_all 
_reflns_shell.pdbx_netI_over_sigmaI_obs 
_reflns_shell.pdbx_Rrim_I_all 
_reflns_shell.pdbx_Rpim_I_all 
_reflns_shell.pdbx_rejects 
_reflns_shell.pdbx_ordinal 
_reflns_shell.pdbx_diffrn_id 
_reflns_shell.pdbx_CC_half 
_reflns_shell.pdbx_CC_star 
_reflns_shell.pdbx_R_split 
_reflns_shell.pdbx_percent_possible_ellipsoidal 
_reflns_shell.pdbx_percent_possible_spherical 
_reflns_shell.pdbx_percent_possible_ellipsoidal_anomalous 
_reflns_shell.pdbx_percent_possible_spherical_anomalous 
_reflns_shell.pdbx_redundancy_anomalous 
_reflns_shell.pdbx_CC_half_anomalous 
_reflns_shell.pdbx_absDiff_over_sigma_anomalous 
_reflns_shell.pdbx_percent_possible_anomalous 
1.800 1.840  ? ? 11943 ? ? ? 1163 100.000 ? ? ? ? 0.185 ? ? ? ? ? ? ? ? 10.300 ? ? ? 5.300  0.195 0.060 ? 1 1 0.991 ? ? ? ? ? ? ? 
? ? ? 
9.000 22.930 ? ? 1071  ? ? ? 170  94.400  ? ? ? ? 0.022 ? ? ? ? ? ? ? ? 6.300  ? ? ? 39.500 0.024 0.010 ? 2 1 0.999 ? ? ? ? ? ? ? 
? ? ? 
# 
_refine.aniso_B[1][1]                            -0.4700 
_refine.aniso_B[1][2]                            -0.2300 
_refine.aniso_B[1][3]                            -0.0000 
_refine.aniso_B[2][2]                            -0.4700 
_refine.aniso_B[2][3]                            -0.0000 
_refine.aniso_B[3][3]                            1.5100 
_refine.B_iso_max                                97.790 
_refine.B_iso_mean                               25.4940 
_refine.B_iso_min                                8.490 
_refine.correlation_coeff_Fo_to_Fc               0.8800 
_refine.correlation_coeff_Fo_to_Fc_free          0.8720 
_refine.details                                  'U VALUES      : REFINED INDIVIDUALLY' 
_refine.diff_density_max                         ? 
_refine.diff_density_max_esd                     ? 
_refine.diff_density_min                         ? 
_refine.diff_density_min_esd                     ? 
_refine.diff_density_rms                         ? 
_refine.diff_density_rms_esd                     ? 
_refine.entry_id                                 7YCE 
_refine.pdbx_refine_id                           'X-RAY DIFFRACTION' 
_refine.ls_abs_structure_details                 ? 
_refine.ls_abs_structure_Flack                   ? 
_refine.ls_abs_structure_Flack_esd               ? 
_refine.ls_abs_structure_Rogers                  ? 
_refine.ls_abs_structure_Rogers_esd              ? 
_refine.ls_d_res_high                            1.8000 
_refine.ls_d_res_low                             22.9400 
_refine.ls_extinction_coef                       ? 
_refine.ls_extinction_coef_esd                   ? 
_refine.ls_extinction_expression                 ? 
_refine.ls_extinction_method                     ? 
_refine.ls_goodness_of_fit_all                   ? 
_refine.ls_goodness_of_fit_all_esd               ? 
_refine.ls_goodness_of_fit_obs                   ? 
_refine.ls_goodness_of_fit_obs_esd               ? 
_refine.ls_hydrogen_treatment                    ? 
_refine.ls_matrix_type                           ? 
_refine.ls_number_constraints                    ? 
_refine.ls_number_parameters                     ? 
_refine.ls_number_reflns_all                     ? 
_refine.ls_number_reflns_obs                     16941 
_refine.ls_number_reflns_R_free                  933 
_refine.ls_number_reflns_R_work                  ? 
_refine.ls_number_restraints                     ? 
_refine.ls_percent_reflns_obs                    92.2500 
_refine.ls_percent_reflns_R_free                 5.2000 
_refine.ls_R_factor_all                          ? 
_refine.ls_R_factor_obs                          0.2747 
_refine.ls_R_factor_R_free                       0.2910 
_refine.ls_R_factor_R_free_error                 ? 
_refine.ls_R_factor_R_free_error_details         ? 
_refine.ls_R_factor_R_work                       0.2737 
_refine.ls_R_Fsqd_factor_obs                     ? 
_refine.ls_R_I_factor_obs                        ? 
_refine.ls_redundancy_reflns_all                 ? 
_refine.ls_redundancy_reflns_obs                 ? 
_refine.ls_restrained_S_all                      ? 
_refine.ls_restrained_S_obs                      ? 
_refine.ls_shift_over_esd_max                    ? 
_refine.ls_shift_over_esd_mean                   ? 
_refine.ls_structure_factor_coef                 ? 
_refine.ls_weighting_details                     ? 
_refine.ls_weighting_scheme                      ? 
_refine.ls_wR_factor_all                         ? 
_refine.ls_wR_factor_obs                         ? 
_refine.ls_wR_factor_R_free                      ? 
_refine.ls_wR_factor_R_work                      ? 
_refine.occupancy_max                            ? 
_refine.occupancy_min                            ? 
_refine.solvent_model_details                    MASK 
_refine.solvent_model_param_bsol                 ? 
_refine.solvent_model_param_ksol                 ? 
_refine.pdbx_R_complete                          ? 
_refine.ls_R_factor_gt                           ? 
_refine.ls_goodness_of_fit_gt                    ? 
_refine.ls_goodness_of_fit_ref                   ? 
_refine.ls_shift_over_su_max                     ? 
_refine.ls_shift_over_su_max_lt                  ? 
_refine.ls_shift_over_su_mean                    ? 
_refine.ls_shift_over_su_mean_lt                 ? 
_refine.pdbx_ls_sigma_I                          ? 
_refine.pdbx_ls_sigma_F                          0.000 
_refine.pdbx_ls_sigma_Fsqd                       ? 
_refine.pdbx_data_cutoff_high_absF               ? 
_refine.pdbx_data_cutoff_high_rms_absF           ? 
_refine.pdbx_data_cutoff_low_absF                ? 
_refine.pdbx_isotropic_thermal_model             ? 
_refine.pdbx_ls_cross_valid_method               THROUGHOUT 
_refine.pdbx_method_to_determine_struct          'MOLECULAR REPLACEMENT' 
_refine.pdbx_starting_model                      4L8G 
_refine.pdbx_stereochemistry_target_values       'MAXIMUM LIKELIHOOD' 
_refine.pdbx_R_Free_selection_details            RANDOM 
_refine.pdbx_stereochem_target_val_spec_case     ? 
_refine.pdbx_overall_ESU_R                       0.1930 
_refine.pdbx_overall_ESU_R_Free                  0.1640 
_refine.pdbx_solvent_vdw_probe_radii             1.2000 
_refine.pdbx_solvent_ion_probe_radii             0.8000 
_refine.pdbx_solvent_shrinkage_radii             0.8000 
_refine.pdbx_real_space_R                        ? 
_refine.pdbx_density_correlation                 ? 
_refine.pdbx_pd_number_of_powder_patterns        ? 
_refine.pdbx_pd_number_of_points                 ? 
_refine.pdbx_pd_meas_number_of_points            ? 
_refine.pdbx_pd_proc_ls_prof_R_factor            ? 
_refine.pdbx_pd_proc_ls_prof_wR_factor           ? 
_refine.pdbx_pd_Marquardt_correlation_coeff      ? 
_refine.pdbx_pd_Fsqrd_R_factor                   ? 
_refine.pdbx_pd_ls_matrix_band_width             ? 
_refine.pdbx_overall_phase_error                 ? 
_refine.pdbx_overall_SU_R_free_Cruickshank_DPI   ? 
_refine.pdbx_overall_SU_R_free_Blow_DPI          ? 
_refine.pdbx_overall_SU_R_Blow_DPI               ? 
_refine.pdbx_TLS_residual_ADP_flag               ? 
_refine.pdbx_diffrn_id                           1 
_refine.overall_SU_B                             4.5010 
_refine.overall_SU_ML                            0.1320 
_refine.overall_SU_R_Cruickshank_DPI             ? 
_refine.overall_SU_R_free                        ? 
_refine.overall_FOM_free_R_set                   ? 
_refine.overall_FOM_work_R_set                   ? 
_refine.pdbx_average_fsc_overall                 ? 
_refine.pdbx_average_fsc_work                    ? 
_refine.pdbx_average_fsc_free                    ? 
# 
_refine_hist.pdbx_refine_id                   'X-RAY DIFFRACTION' 
_refine_hist.cycle_id                         final 
_refine_hist.details                          ? 
_refine_hist.d_res_high                       1.8000 
_refine_hist.d_res_low                        22.9400 
_refine_hist.number_atoms_solvent             95 
_refine_hist.number_atoms_total               1518 
_refine_hist.number_reflns_all                ? 
_refine_hist.number_reflns_obs                ? 
_refine_hist.number_reflns_R_free             ? 
_refine_hist.number_reflns_R_work             ? 
_refine_hist.R_factor_all                     ? 
_refine_hist.R_factor_obs                     ? 
_refine_hist.R_factor_R_free                  ? 
_refine_hist.R_factor_R_work                  ? 
_refine_hist.pdbx_number_residues_total       169 
_refine_hist.pdbx_B_iso_mean_ligand           24.37 
_refine_hist.pdbx_B_iso_mean_solvent          29.56 
_refine_hist.pdbx_number_atoms_protein        1345 
_refine_hist.pdbx_number_atoms_nucleic_acid   0 
_refine_hist.pdbx_number_atoms_ligand         78 
_refine_hist.pdbx_number_atoms_lipid          ? 
_refine_hist.pdbx_number_atoms_carb           ? 
_refine_hist.pdbx_pseudo_atom_details         ? 
# 
loop_
_refine_ls_restr.pdbx_refine_id 
_refine_ls_restr.criterion 
_refine_ls_restr.dev_ideal 
_refine_ls_restr.dev_ideal_target 
_refine_ls_restr.number 
_refine_ls_restr.rejects 
_refine_ls_restr.type 
_refine_ls_restr.weight 
_refine_ls_restr.pdbx_restraint_function 
'X-RAY DIFFRACTION' ? 0.007  0.012  1450 ? r_bond_refined_d       ? ? 
'X-RAY DIFFRACTION' ? 1.808  1.733  1969 ? r_angle_refined_deg    ? ? 
'X-RAY DIFFRACTION' ? 6.249  5.000  168  ? r_dihedral_angle_1_deg ? ? 
'X-RAY DIFFRACTION' ? 36.580 22.692 78   ? r_dihedral_angle_2_deg ? ? 
'X-RAY DIFFRACTION' ? 16.862 15.000 253  ? r_dihedral_angle_3_deg ? ? 
'X-RAY DIFFRACTION' ? 20.066 15.000 10   ? r_dihedral_angle_4_deg ? ? 
'X-RAY DIFFRACTION' ? 0.123  0.200  187  ? r_chiral_restr         ? ? 
'X-RAY DIFFRACTION' ? 0.008  0.020  1144 ? r_gen_planes_refined   ? ? 
# 
_refine_ls_shell.pdbx_refine_id                   'X-RAY DIFFRACTION' 
_refine_ls_shell.d_res_high                       1.8000 
_refine_ls_shell.d_res_low                        1.8470 
_refine_ls_shell.number_reflns_all                1412 
_refine_ls_shell.number_reflns_obs                ? 
_refine_ls_shell.number_reflns_R_free             75 
_refine_ls_shell.number_reflns_R_work             1337 
_refine_ls_shell.percent_reflns_obs               99.3700 
_refine_ls_shell.percent_reflns_R_free            ? 
_refine_ls_shell.R_factor_all                     ? 
_refine_ls_shell.R_factor_obs                     ? 
_refine_ls_shell.R_factor_R_free                  0.2790 
_refine_ls_shell.R_factor_R_free_error            0.0000 
_refine_ls_shell.R_factor_R_work                  0.2240 
_refine_ls_shell.redundancy_reflns_all            ? 
_refine_ls_shell.redundancy_reflns_obs            ? 
_refine_ls_shell.wR_factor_all                    ? 
_refine_ls_shell.wR_factor_obs                    ? 
_refine_ls_shell.wR_factor_R_free                 ? 
_refine_ls_shell.wR_factor_R_work                 ? 
_refine_ls_shell.pdbx_R_complete                  ? 
_refine_ls_shell.pdbx_total_number_of_bins_used   20 
_refine_ls_shell.pdbx_phase_error                 ? 
_refine_ls_shell.pdbx_fsc_work                    ? 
_refine_ls_shell.pdbx_fsc_free                    ? 
# 
_struct.entry_id                     7YCE 
_struct.title                        'KRas G12C in complex with Compound 7b' 
_struct.pdbx_model_details           ? 
_struct.pdbx_formula_weight          ? 
_struct.pdbx_formula_weight_method   ? 
_struct.pdbx_model_type_details      ? 
_struct.pdbx_CASP_flag               N 
# 
_struct_keywords.entry_id        7YCE 
_struct_keywords.text            'ONCOPROTEIN-inhibitor complex' 
_struct_keywords.pdbx_keywords   ONCOPROTEIN/inhibitor 
# 
loop_
_struct_asym.id 
_struct_asym.pdbx_blank_PDB_chainid_flag 
_struct_asym.pdbx_modified 
_struct_asym.entity_id 
_struct_asym.details 
A N N 1 ? 
B N N 2 ? 
C N N 3 ? 
D N N 4 ? 
E N N 5 ? 
F N N 6 ? 
# 
loop_
_struct_conf.conf_type_id 
_struct_conf.id 
_struct_conf.pdbx_PDB_helix_id 
_struct_conf.beg_label_comp_id 
_struct_conf.beg_label_asym_id 
_struct_conf.beg_label_seq_id 
_struct_conf.pdbx_beg_PDB_ins_code 
_struct_conf.end_label_comp_id 
_struct_conf.end_label_asym_id 
_struct_conf.end_label_seq_id 
_struct_conf.pdbx_end_PDB_ins_code 
_struct_conf.beg_auth_comp_id 
_struct_conf.beg_auth_asym_id 
_struct_conf.beg_auth_seq_id 
_struct_conf.end_auth_comp_id 
_struct_conf.end_auth_asym_id 
_struct_conf.end_auth_seq_id 
_struct_conf.pdbx_PDB_helix_class 
_struct_conf.details 
_struct_conf.pdbx_PDB_helix_length 
HELX_P HELX_P1 AA1 GLY A 16  ? ASN A 27  ? GLY A 15  ASN A 26  1 ? 12 
HELX_P HELX_P2 AA2 MET A 68  ? GLY A 76  ? MET A 67  GLY A 75  1 ? 9  
HELX_P HELX_P3 AA3 ASN A 87  ? ASP A 93  ? ASN A 86  ASP A 92  1 ? 7  
HELX_P HELX_P4 AA4 ASP A 93  ? ASP A 106 ? ASP A 92  ASP A 105 1 ? 14 
HELX_P HELX_P5 AA5 ASP A 127 ? GLY A 139 ? ASP A 126 GLY A 138 1 ? 13 
HELX_P HELX_P6 AA6 GLY A 152 ? LYS A 168 ? GLY A 151 LYS A 167 1 ? 17 
# 
_struct_conf_type.id          HELX_P 
_struct_conf_type.criteria    ? 
_struct_conf_type.reference   ? 
# 
loop_
_struct_conn.id 
_struct_conn.conn_type_id 
_struct_conn.pdbx_leaving_atom_flag 
_struct_conn.pdbx_PDB_id 
_struct_conn.ptnr1_label_asym_id 
_struct_conn.ptnr1_label_comp_id 
_struct_conn.ptnr1_label_seq_id 
_struct_conn.ptnr1_label_atom_id 
_struct_conn.pdbx_ptnr1_label_alt_id 
_struct_conn.pdbx_ptnr1_PDB_ins_code 
_struct_conn.pdbx_ptnr1_standard_comp_id 
_struct_conn.ptnr1_symmetry 
_struct_conn.ptnr2_label_asym_id 
_struct_conn.ptnr2_label_comp_id 
_struct_conn.ptnr2_label_seq_id 
_struct_conn.ptnr2_label_atom_id 
_struct_conn.pdbx_ptnr2_label_alt_id 
_struct_conn.pdbx_ptnr2_PDB_ins_code 
_struct_conn.ptnr1_auth_asym_id 
_struct_conn.ptnr1_auth_comp_id 
_struct_conn.ptnr1_auth_seq_id 
_struct_conn.ptnr2_auth_asym_id 
_struct_conn.ptnr2_auth_comp_id 
_struct_conn.ptnr2_auth_seq_id 
_struct_conn.ptnr2_symmetry 
_struct_conn.pdbx_ptnr3_label_atom_id 
_struct_conn.pdbx_ptnr3_label_seq_id 
_struct_conn.pdbx_ptnr3_label_comp_id 
_struct_conn.pdbx_ptnr3_label_asym_id 
_struct_conn.pdbx_ptnr3_label_alt_id 
_struct_conn.pdbx_ptnr3_PDB_ins_code 
_struct_conn.details 
_struct_conn.pdbx_dist_value 
_struct_conn.pdbx_value_order 
_struct_conn.pdbx_role 
metalc1 metalc ? ? A SER 18 OG  ? ? ? 1_555 C MG . MG ? ? A SER 17  A MG 202 1_555 ? ? ? ? ? ? ? 2.098 ? ? 
metalc2 metalc ? ? B GDP .  O2B ? ? ? 1_555 C MG . MG ? ? A GDP 201 A MG 202 1_555 ? ? ? ? ? ? ? 2.149 ? ? 
# 
_struct_conn_type.id          metalc 
_struct_conn_type.criteria    ? 
_struct_conn_type.reference   ? 
# 
_struct_sheet.id               AA1 
_struct_sheet.type             ? 
_struct_sheet.number_strands   6 
_struct_sheet.details          ? 
# 
loop_
_struct_sheet_order.sheet_id 
_struct_sheet_order.range_id_1 
_struct_sheet_order.range_id_2 
_struct_sheet_order.offset 
_struct_sheet_order.sense 
AA1 1 2 ? anti-parallel 
AA1 2 3 ? parallel      
AA1 3 4 ? parallel      
AA1 4 5 ? parallel      
AA1 5 6 ? parallel      
# 
loop_
_struct_sheet_range.sheet_id 
_struct_sheet_range.id 
_struct_sheet_range.beg_label_comp_id 
_struct_sheet_range.beg_label_asym_id 
_struct_sheet_range.beg_label_seq_id 
_struct_sheet_range.pdbx_beg_PDB_ins_code 
_struct_sheet_range.end_label_comp_id 
_struct_sheet_range.end_label_asym_id 
_struct_sheet_range.end_label_seq_id 
_struct_sheet_range.pdbx_end_PDB_ins_code 
_struct_sheet_range.beg_auth_comp_id 
_struct_sheet_range.beg_auth_asym_id 
_struct_sheet_range.beg_auth_seq_id 
_struct_sheet_range.end_auth_comp_id 
_struct_sheet_range.end_auth_asym_id 
_struct_sheet_range.end_auth_seq_id 
AA1 1 ASP A 39  ? ILE A 47  ? ASP A 38  ILE A 46  
AA1 2 GLU A 50  ? ASP A 58  ? GLU A 49  ASP A 57  
AA1 3 THR A 3   ? VAL A 10  ? THR A 2   VAL A 9   
AA1 4 GLY A 78  ? ALA A 84  ? GLY A 77  ALA A 83  
AA1 5 MET A 112 ? ASN A 117 ? MET A 111 ASN A 116 
AA1 6 PHE A 142 ? GLU A 144 ? PHE A 141 GLU A 143 
# 
loop_
_pdbx_struct_sheet_hbond.sheet_id 
_pdbx_struct_sheet_hbond.range_id_1 
_pdbx_struct_sheet_hbond.range_id_2 
_pdbx_struct_sheet_hbond.range_1_label_atom_id 
_pdbx_struct_sheet_hbond.range_1_label_comp_id 
_pdbx_struct_sheet_hbond.range_1_label_asym_id 
_pdbx_struct_sheet_hbond.range_1_label_seq_id 
_pdbx_struct_sheet_hbond.range_1_PDB_ins_code 
_pdbx_struct_sheet_hbond.range_1_auth_atom_id 
_pdbx_struct_sheet_hbond.range_1_auth_comp_id 
_pdbx_struct_sheet_hbond.range_1_auth_asym_id 
_pdbx_struct_sheet_hbond.range_1_auth_seq_id 
_pdbx_struct_sheet_hbond.range_2_label_atom_id 
_pdbx_struct_sheet_hbond.range_2_label_comp_id 
_pdbx_struct_sheet_hbond.range_2_label_asym_id 
_pdbx_struct_sheet_hbond.range_2_label_seq_id 
_pdbx_struct_sheet_hbond.range_2_PDB_ins_code 
_pdbx_struct_sheet_hbond.range_2_auth_atom_id 
_pdbx_struct_sheet_hbond.range_2_auth_comp_id 
_pdbx_struct_sheet_hbond.range_2_auth_asym_id 
_pdbx_struct_sheet_hbond.range_2_auth_seq_id 
AA1 1 2 N VAL A 45  ? N VAL A 44  O CYS A 52  ? O CYS A 51  
AA1 2 3 O ASP A 55  ? O ASP A 54  N TYR A 5   ? N TYR A 4   
AA1 3 4 N VAL A 10  ? N VAL A 9   O LEU A 80  ? O LEU A 79  
AA1 4 5 N PHE A 83  ? N PHE A 82  O ASN A 117 ? O ASN A 116 
AA1 5 6 N LEU A 114 ? N LEU A 113 O ILE A 143 ? O ILE A 142 
# 
_atom_sites.entry_id                    7YCE 
_atom_sites.Cartn_transf_matrix[1][1]   ? 
_atom_sites.Cartn_transf_matrix[1][2]   ? 
_atom_sites.Cartn_transf_matrix[1][3]   ? 
_atom_sites.Cartn_transf_matrix[2][1]   ? 
_atom_sites.Cartn_transf_matrix[2][2]   ? 
_atom_sites.Cartn_transf_matrix[2][3]   ? 
_atom_sites.Cartn_transf_matrix[3][1]   ? 
_atom_sites.Cartn_transf_matrix[3][2]   ? 
_atom_sites.Cartn_transf_matrix[3][3]   ? 
_atom_sites.Cartn_transf_vector[1]      ? 
_atom_sites.Cartn_transf_vector[2]      ? 
_atom_sites.Cartn_transf_vector[3]      ? 
_atom_sites.fract_transf_matrix[1][1]   -0.00385872 
_atom_sites.fract_transf_matrix[1][2]   -0.01155218 
_atom_sites.fract_transf_matrix[1][3]   0.00007686 
_atom_sites.fract_transf_matrix[2][1]   0.00736208 
_atom_sites.fract_transf_matrix[2][2]   -0.00885316 
_atom_sites.fract_transf_matrix[2][3]   0.00396853 
_atom_sites.fract_transf_matrix[3][1]   -0.00294444 
_atom_sites.fract_transf_matrix[3][2]   0.00103522 
_atom_sites.fract_transf_matrix[3][3]   0.00777169 
_atom_sites.fract_transf_vector[1]      -0.099456 
_atom_sites.fract_transf_vector[2]      0.156627 
_atom_sites.fract_transf_vector[3]      -0.231061 
_atom_sites.solution_primary            ? 
_atom_sites.solution_secondary          ? 
_atom_sites.solution_hydrogens          ? 
_atom_sites.special_details             ? 
# 
loop_
_atom_type.symbol 
C  
CL 
F  
MG 
N  
O  
P  
S  
# 
loop_
_atom_site.group_PDB 
_atom_site.id 
_atom_site.type_symbol 
_atom_site.label_atom_id 
_atom_site.label_alt_id 
_atom_site.label_comp_id 
_atom_site.label_asym_id 
_atom_site.label_entity_id 
_atom_site.label_seq_id 
_atom_site.pdbx_PDB_ins_code 
_atom_site.Cartn_x 
_atom_site.Cartn_y 
_atom_site.Cartn_z 
_atom_site.occupancy 
_atom_site.B_iso_or_equiv 
_atom_site.pdbx_formal_charge 
_atom_site.auth_seq_id 
_atom_site.auth_comp_id 
_atom_site.auth_asym_id 
_atom_site.auth_atom_id 
_atom_site.pdbx_PDB_model_num 
ATOM   1    N  N     . MET A 1 2   ? 21.242  1.959   9.928   1.00 45.38 ? 1   MET A N     1 
ATOM   2    C  CA    . MET A 1 2   ? 19.900  1.451   9.507   1.00 43.24 ? 1   MET A CA    1 
ATOM   3    C  C     . MET A 1 2   ? 18.960  2.628   9.281   1.00 38.05 ? 1   MET A C     1 
ATOM   4    O  O     . MET A 1 2   ? 18.556  3.306   10.222  1.00 34.76 ? 1   MET A O     1 
ATOM   5    C  CB    . MET A 1 2   ? 19.277  0.544   10.572  1.00 42.24 ? 1   MET A CB    1 
ATOM   6    C  CG    . MET A 1 2   ? 19.581  -0.922  10.379  1.00 45.39 ? 1   MET A CG    1 
ATOM   7    S  SD    . MET A 1 2   ? 18.217  -1.957  10.969  1.00 48.12 ? 1   MET A SD    1 
ATOM   8    C  CE    . MET A 1 2   ? 18.067  -1.380  12.662  1.00 46.62 ? 1   MET A CE    1 
ATOM   9    N  N     . THR A 1 3   ? 18.574  2.824   8.019   1.00 35.36 ? 2   THR A N     1 
ATOM   10   C  CA    . THR A 1 3   ? 17.615  3.867   7.716   1.00 30.99 ? 2   THR A CA    1 
ATOM   11   C  C     . THR A 1 3   ? 16.200  3.312   7.876   1.00 28.54 ? 2   THR A C     1 
ATOM   12   O  O     . THR A 1 3   ? 15.943  2.136   7.630   1.00 26.32 ? 2   THR A O     1 
ATOM   13   C  CB    . THR A 1 3   ? 17.997  4.662   6.461   1.00 33.31 ? 2   THR A CB    1 
ATOM   14   O  OG1   . THR A 1 3   ? 16.862  4.823   5.604   1.00 33.70 ? 2   THR A OG1   1 
ATOM   15   C  CG2   . THR A 1 3   ? 19.176  4.067   5.723   1.00 31.77 ? 2   THR A CG2   1 
ATOM   16   N  N     . GLU A 1 4   ? 15.310  4.181   8.348   1.00 28.12 ? 3   GLU A N     1 
ATOM   17   C  CA    . GLU A 1 4   ? 13.947  3.775   8.620   1.00 29.15 ? 3   GLU A CA    1 
ATOM   18   C  C     . GLU A 1 4   ? 13.057  4.347   7.524   1.00 25.67 ? 3   GLU A C     1 
ATOM   19   O  O     . GLU A 1 4   ? 13.342  5.423   7.013   1.00 25.66 ? 3   GLU A O     1 
ATOM   20   C  CB    . GLU A 1 4   ? 13.510  4.312   9.980   1.00 31.20 ? 3   GLU A CB    1 
ATOM   21   C  CG    . GLU A 1 4   ? 14.245  3.661   11.131  1.00 37.58 ? 3   GLU A CG    1 
ATOM   22   C  CD    . GLU A 1 4   ? 13.660  4.056   12.474  1.00 41.71 ? 3   GLU A CD    1 
ATOM   23   O  OE1   . GLU A 1 4   ? 14.108  5.079   13.024  1.00 41.92 ? 3   GLU A OE1   1 
ATOM   24   O  OE2   . GLU A 1 4   ? 12.733  3.365   12.941  1.00 44.88 ? 3   GLU A OE2   1 
ATOM   25   N  N     . TYR A 1 5   ? 11.991  3.611   7.178   1.00 24.07 ? 4   TYR A N     1 
ATOM   26   C  CA    . TYR A 1 5   ? 10.994  4.083   6.226   1.00 22.77 ? 4   TYR A CA    1 
ATOM   27   C  C     . TYR A 1 5   ? 9.609   3.812   6.791   1.00 21.99 ? 4   TYR A C     1 
ATOM   28   O  O     . TYR A 1 5   ? 9.273   2.665   7.091   1.00 21.31 ? 4   TYR A O     1 
ATOM   29   C  CB    . TYR A 1 5   ? 11.106  3.316   4.909   1.00 21.81 ? 4   TYR A CB    1 
ATOM   30   C  CG    . TYR A 1 5   ? 12.375  3.584   4.143   1.00 19.88 ? 4   TYR A CG    1 
ATOM   31   C  CD1   . TYR A 1 5   ? 13.531  2.876   4.425   1.00 19.50 ? 4   TYR A CD1   1 
ATOM   32   C  CD2   . TYR A 1 5   ? 12.427  4.554   3.151   1.00 19.99 ? 4   TYR A CD2   1 
ATOM   33   C  CE1   . TYR A 1 5   ? 14.708  3.116   3.744   1.00 19.45 ? 4   TYR A CE1   1 
ATOM   34   C  CE2   . TYR A 1 5   ? 13.600  4.802   2.455   1.00 18.71 ? 4   TYR A CE2   1 
ATOM   35   C  CZ    . TYR A 1 5   ? 14.735  4.078   2.752   1.00 18.21 ? 4   TYR A CZ    1 
ATOM   36   O  OH    . TYR A 1 5   ? 15.880  4.315   2.062   1.00 20.53 ? 4   TYR A OH    1 
ATOM   37   N  N     . LYS A 1 6   ? 8.836   4.884   6.940   1.00 21.38 ? 5   LYS A N     1 
ATOM   38   C  CA    . LYS A 1 6   ? 7.469   4.775   7.416   1.00 21.91 ? 5   LYS A CA    1 
ATOM   39   C  C     . LYS A 1 6   ? 6.555   4.617   6.202   1.00 18.07 ? 5   LYS A C     1 
ATOM   40   O  O     . LYS A 1 6   ? 6.449   5.534   5.386   1.00 18.54 ? 5   LYS A O     1 
ATOM   41   C  CB    . LYS A 1 6   ? 7.123   5.996   8.273   1.00 25.47 ? 5   LYS A CB    1 
ATOM   42   C  CG    . LYS A 1 6   ? 7.814   6.064   9.633   1.00 32.23 ? 5   LYS A CG    1 
ATOM   43   C  CD    . LYS A 1 6   ? 7.850   7.469   10.214  1.00 34.86 ? 5   LYS A CD    1 
ATOM   44   C  CE    . LYS A 1 6   ? 8.537   7.576   11.568  1.00 42.61 ? 5   LYS A CE    1 
ATOM   45   N  NZ    . LYS A 1 6   ? 9.751   6.723   11.663  1.00 44.43 ? 5   LYS A NZ    1 
ATOM   46   N  N     . LEU A 1 7   ? 5.973   3.417   6.080   1.00 16.35 ? 6   LEU A N     1 
ATOM   47   C  CA    . LEU A 1 7   ? 5.035   3.058   5.035   1.00 15.28 ? 6   LEU A CA    1 
ATOM   48   C  C     . LEU A 1 7   ? 3.644   2.909   5.639   1.00 15.84 ? 6   LEU A C     1 
ATOM   49   O  O     . LEU A 1 7   ? 3.485   2.358   6.728   1.00 17.17 ? 6   LEU A O     1 
ATOM   50   C  CB    . LEU A 1 7   ? 5.449   1.746   4.355   1.00 16.50 ? 6   LEU A CB    1 
ATOM   51   C  CG    . LEU A 1 7   ? 6.928   1.509   4.045   1.00 15.53 ? 6   LEU A CG    1 
ATOM   52   C  CD1   . LEU A 1 7   ? 7.115   0.265   3.202   1.00 16.92 ? 6   LEU A CD1   1 
ATOM   53   C  CD2   . LEU A 1 7   ? 7.600   2.699   3.391   1.00 16.19 ? 6   LEU A CD2   1 
ATOM   54   N  N     . VAL A 1 8   ? 2.635   3.373   4.904   1.00 14.34 ? 7   VAL A N     1 
ATOM   55   C  CA    . VAL A 1 8   ? 1.253   3.217   5.316   1.00 13.34 ? 7   VAL A CA    1 
ATOM   56   C  C     . VAL A 1 8   ? 0.489   2.499   4.204   1.00 14.19 ? 7   VAL A C     1 
ATOM   57   O  O     . VAL A 1 8   ? 0.452   3.003   3.079   1.00 14.78 ? 7   VAL A O     1 
ATOM   58   C  CB    . VAL A 1 8   ? 0.585   4.582   5.556   1.00 13.28 ? 7   VAL A CB    1 
ATOM   59   C  CG1   . VAL A 1 8   ? -0.841  4.399   6.086   1.00 12.03 ? 7   VAL A CG1   1 
ATOM   60   C  CG2   . VAL A 1 8   ? 1.402   5.443   6.512   1.00 12.68 ? 7   VAL A CG2   1 
ATOM   61   N  N     . VAL A 1 9   ? -0.206  1.417   4.576   1.00 12.89 ? 8   VAL A N     1 
ATOM   62   C  CA    . VAL A 1 9   ? -1.017  0.609   3.682   1.00 12.39 ? 8   VAL A CA    1 
ATOM   63   C  C     . VAL A 1 9   ? -2.480  1.012   3.823   1.00 11.86 ? 8   VAL A C     1 
ATOM   64   O  O     . VAL A 1 9   ? -3.064  0.860   4.898   1.00 10.83 ? 8   VAL A O     1 
ATOM   65   C  CB    . VAL A 1 9   ? -0.813  -0.895  3.938   1.00 12.75 ? 8   VAL A CB    1 
ATOM   66   C  CG1   . VAL A 1 9   ? -1.550  -1.730  2.902   1.00 12.75 ? 8   VAL A CG1   1 
ATOM   67   C  CG2   . VAL A 1 9   ? 0.669   -1.267  3.913   1.00 12.21 ? 8   VAL A CG2   1 
ATOM   68   N  N     . VAL A 1 10  ? -3.062  1.532   2.725   1.00 11.09 ? 9   VAL A N     1 
ATOM   69   C  CA    . VAL A 1 10  ? -4.455  1.981   2.722   1.00 11.38 ? 9   VAL A CA    1 
ATOM   70   C  C     . VAL A 1 10  ? -5.259  1.209   1.673   1.00 12.01 ? 9   VAL A C     1 
ATOM   71   O  O     . VAL A 1 10  ? -4.716  0.581   0.745   1.00 10.81 ? 9   VAL A O     1 
ATOM   72   C  CB    . VAL A 1 10  ? -4.609  3.503   2.540   1.00 11.41 ? 9   VAL A CB    1 
ATOM   73   C  CG1   . VAL A 1 10  ? -3.827  4.289   3.589   1.00 12.34 ? 9   VAL A CG1   1 
ATOM   74   C  CG2   . VAL A 1 10  ? -4.202  3.955   1.131   1.00 11.02 ? 9   VAL A CG2   1 
ATOM   75   N  N     . GLY A 1 11  ? -6.590  1.294   1.840   1.00 13.63 ? 10  GLY A N     1 
ATOM   76   C  CA    . GLY A 1 11  ? -7.528  0.625   0.964   1.00 13.60 ? 10  GLY A CA    1 
ATOM   77   C  C     . GLY A 1 11  ? -8.740  0.110   1.734   1.00 14.24 ? 10  GLY A C     1 
ATOM   78   O  O     . GLY A 1 11  ? -8.728  0.074   2.971   1.00 14.33 ? 10  GLY A O     1 
ATOM   79   N  N     . ALA A 1 12  ? -9.765  -0.302  0.972   1.00 13.66 ? 11  ALA A N     1 
ATOM   80   C  CA    . ALA A 1 12  ? -11.034 -0.741  1.532   1.00 13.63 ? 11  ALA A CA    1 
ATOM   81   C  C     . ALA A 1 12  ? -10.805 -2.002  2.349   1.00 14.79 ? 11  ALA A C     1 
ATOM   82   O  O     . ALA A 1 12  ? -9.841  -2.715  2.098   1.00 14.82 ? 11  ALA A O     1 
ATOM   83   C  CB    . ALA A 1 12  ? -12.055 -1.019  0.441   1.00 12.57 ? 11  ALA A CB    1 
ATOM   84   N  N     . CYS A 1 13  ? -11.744 -2.295  3.263   1.00 14.44 ? 12  CYS A N     1 
ATOM   85   C  CA    . CYS A 1 13  ? -11.848 -3.609  3.883   1.00 15.71 ? 12  CYS A CA    1 
ATOM   86   C  C     . CYS A 1 13  ? -11.807 -4.703  2.818   1.00 15.13 ? 12  CYS A C     1 
ATOM   87   O  O     . CYS A 1 13  ? -12.411 -4.575  1.747   1.00 13.57 ? 12  CYS A O     1 
ATOM   88   C  CB    . CYS A 1 13  ? -13.153 -3.787  4.662   1.00 18.26 ? 12  CYS A CB    1 
ATOM   89   S  SG    . CYS A 1 13  ? -13.332 -2.673  6.082   1.00 20.75 ? 12  CYS A SG    1 
ATOM   90   N  N     . GLY A 1 14  ? -11.081 -5.778  3.153   1.00 14.69 ? 13  GLY A N     1 
ATOM   91   C  CA    . GLY A 1 14  ? -11.132 -7.041  2.437   1.00 13.91 ? 13  GLY A CA    1 
ATOM   92   C  C     . GLY A 1 14  ? -10.233 -7.106  1.200   1.00 13.61 ? 13  GLY A C     1 
ATOM   93   O  O     . GLY A 1 14  ? -10.190 -8.161  0.574   1.00 14.09 ? 13  GLY A O     1 
ATOM   94   N  N     . VAL A 1 15  ? -9.504  -6.016  0.878   1.00 12.12 ? 14  VAL A N     1 
ATOM   95   C  CA    . VAL A 1 15  ? -8.644  -5.996  -0.310  1.00 12.09 ? 14  VAL A CA    1 
ATOM   96   C  C     . VAL A 1 15  ? -7.354  -6.786  -0.106  1.00 11.82 ? 14  VAL A C     1 
ATOM   97   O  O     . VAL A 1 15  ? -6.737  -7.173  -1.102  1.00 12.32 ? 14  VAL A O     1 
ATOM   98   C  CB    . VAL A 1 15  ? -8.302  -4.572  -0.793  1.00 11.60 ? 14  VAL A CB    1 
ATOM   99   C  CG1   . VAL A 1 15  ? -9.564  -3.790  -1.156  1.00 11.51 ? 14  VAL A CG1   1 
ATOM   100  C  CG2   . VAL A 1 15  ? -7.401  -3.820  0.194   1.00 10.51 ? 14  VAL A CG2   1 
ATOM   101  N  N     . GLY A 1 16  ? -6.933  -6.988  1.163   1.00 12.40 ? 15  GLY A N     1 
ATOM   102  C  CA    . GLY A 1 16  ? -5.748  -7.773  1.456   1.00 11.66 ? 15  GLY A CA    1 
ATOM   103  C  C     . GLY A 1 16  ? -4.573  -6.942  1.982   1.00 12.20 ? 15  GLY A C     1 
ATOM   104  O  O     . GLY A 1 16  ? -3.424  -7.303  1.784   1.00 12.38 ? 15  GLY A O     1 
ATOM   105  N  N     . LYS A 1 17  ? -4.854  -5.823  2.654   1.00 11.92 ? 16  LYS A N     1 
ATOM   106  C  CA    . LYS A 1 17  ? -3.827  -5.001  3.270   1.00 11.81 ? 16  LYS A CA    1 
ATOM   107  C  C     . LYS A 1 17  ? -3.084  -5.838  4.318   1.00 13.17 ? 16  LYS A C     1 
ATOM   108  O  O     . LYS A 1 17  ? -1.857  -5.934  4.328   1.00 12.47 ? 16  LYS A O     1 
ATOM   109  C  CB    . LYS A 1 17  ? -4.463  -3.759  3.906   1.00 11.62 ? 16  LYS A CB    1 
ATOM   110  C  CG    . LYS A 1 17  ? -5.180  -2.759  2.986   1.00 10.59 ? 16  LYS A CG    1 
ATOM   111  C  CD    . LYS A 1 17  ? -5.747  -1.566  3.772   1.00 10.68 ? 16  LYS A CD    1 
ATOM   112  C  CE    . LYS A 1 17  ? -6.695  -1.982  4.888   1.00 11.02 ? 16  LYS A CE    1 
ATOM   113  N  NZ    . LYS A 1 17  ? -7.903  -2.699  4.383   1.00 11.43 ? 16  LYS A NZ    1 
ATOM   114  N  N     . SER A 1 18  ? -3.841  -6.494  5.199   1.00 13.36 ? 17  SER A N     1 
ATOM   115  C  CA    . SER A 1 18  ? -3.198  -7.287  6.232   1.00 13.10 ? 17  SER A CA    1 
ATOM   116  C  C     . SER A 1 18  ? -2.472  -8.472  5.608   1.00 13.88 ? 17  SER A C     1 
ATOM   117  O  O     . SER A 1 18  ? -1.317  -8.732  5.958   1.00 17.06 ? 17  SER A O     1 
ATOM   118  C  CB    . SER A 1 18  ? -4.189  -7.702  7.313   1.00 12.44 ? 17  SER A CB    1 
ATOM   119  O  OG    . SER A 1 18  ? -4.714  -6.554  7.974   1.00 14.08 ? 17  SER A OG    1 
ATOM   120  N  N     . ALA A 1 19  ? -3.115  -9.160  4.648   1.00 13.77 ? 18  ALA A N     1 
ATOM   121  C  CA    . ALA A 1 19  ? -2.472  -10.327 4.070   1.00 13.84 ? 18  ALA A CA    1 
ATOM   122  C  C     . ALA A 1 19  ? -1.164  -9.942  3.370   1.00 13.86 ? 18  ALA A C     1 
ATOM   123  O  O     . ALA A 1 19  ? -0.193  -10.698 3.391   1.00 14.24 ? 18  ALA A O     1 
ATOM   124  C  CB    . ALA A 1 19  ? -3.433  -11.039 3.156   1.00 16.05 ? 18  ALA A CB    1 
ATOM   125  N  N     . LEU A 1 20  ? -1.142  -8.796  2.694   1.00 13.03 ? 19  LEU A N     1 
ATOM   126  C  CA    . LEU A 1 20  ? 0.063   -8.383  2.002   1.00 12.63 ? 19  LEU A CA    1 
ATOM   127  C  C     . LEU A 1 20  ? 1.165   -8.117  3.032   1.00 13.01 ? 19  LEU A C     1 
ATOM   128  O  O     . LEU A 1 20  ? 2.294   -8.538  2.836   1.00 12.26 ? 19  LEU A O     1 
ATOM   129  C  CB    . LEU A 1 20  ? -0.191  -7.135  1.150   1.00 12.73 ? 19  LEU A CB    1 
ATOM   130  C  CG    . LEU A 1 20  ? -0.856  -7.392  -0.201  1.00 12.82 ? 19  LEU A CG    1 
ATOM   131  C  CD1   . LEU A 1 20  ? -1.425  -6.106  -0.824  1.00 13.49 ? 19  LEU A CD1   1 
ATOM   132  C  CD2   . LEU A 1 20  ? 0.009   -8.201  -1.170  1.00 12.76 ? 19  LEU A CD2   1 
ATOM   133  N  N     . THR A 1 21  ? 0.837   -7.387  4.091   1.00 14.23 ? 20  THR A N     1 
ATOM   134  C  CA    . THR A 1 21  ? 1.802   -7.029  5.121   1.00 15.83 ? 20  THR A CA    1 
ATOM   135  C  C     . THR A 1 21  ? 2.363   -8.295  5.783   1.00 16.69 ? 20  THR A C     1 
ATOM   136  O  O     . THR A 1 21  ? 3.576   -8.437  5.960   1.00 15.19 ? 20  THR A O     1 
ATOM   137  C  CB    . THR A 1 21  ? 1.178   -6.065  6.144   1.00 17.33 ? 20  THR A CB    1 
ATOM   138  O  OG1   . THR A 1 21  ? 0.651   -4.919  5.467   1.00 16.83 ? 20  THR A OG1   1 
ATOM   139  C  CG2   . THR A 1 21  ? 2.159   -5.623  7.212   1.00 16.98 ? 20  THR A CG2   1 
ATOM   140  N  N     . ILE A 1 22  ? 1.470   -9.228  6.144   1.00 17.59 ? 21  ILE A N     1 
ATOM   141  C  CA    . ILE A 1 22  ? 1.877   -10.484 6.759   1.00 19.11 ? 21  ILE A CA    1 
ATOM   142  C  C     . ILE A 1 22  ? 2.774   -11.287 5.814   1.00 20.32 ? 21  ILE A C     1 
ATOM   143  O  O     . ILE A 1 22  ? 3.749   -11.913 6.253   1.00 19.90 ? 21  ILE A O     1 
ATOM   144  C  CB    . ILE A 1 22  ? 0.652   -11.281 7.263   1.00 19.59 ? 21  ILE A CB    1 
ATOM   145  C  CG1   . ILE A 1 22  ? 0.014   -10.563 8.450   1.00 20.56 ? 21  ILE A CG1   1 
ATOM   146  C  CG2   . ILE A 1 22  ? 1.036   -12.714 7.619   1.00 18.97 ? 21  ILE A CG2   1 
ATOM   147  C  CD1   . ILE A 1 22  ? -1.397  -10.975 8.756   1.00 24.37 ? 21  ILE A CD1   1 
ATOM   148  N  N     . GLN A 1 23  ? 2.457   -11.297 4.515   1.00 20.68 ? 22  GLN A N     1 
ATOM   149  C  CA    . GLN A 1 23  ? 3.345   -11.976 3.581   1.00 21.11 ? 22  GLN A CA    1 
ATOM   150  C  C     . GLN A 1 23  ? 4.758   -11.398 3.652   1.00 22.56 ? 22  GLN A C     1 
ATOM   151  O  O     . GLN A 1 23  ? 5.748   -12.130 3.740   1.00 22.66 ? 22  GLN A O     1 
ATOM   152  C  CB    . GLN A 1 23  ? 2.847   -11.890 2.139   1.00 21.75 ? 22  GLN A CB    1 
ATOM   153  C  CG    . GLN A 1 23  ? 1.992   -13.084 1.739   1.00 21.85 ? 22  GLN A CG    1 
ATOM   154  C  CD    . GLN A 1 23  ? 2.740   -14.397 1.673   1.00 22.83 ? 22  GLN A CD    1 
ATOM   155  O  OE1   . GLN A 1 23  ? 3.813   -14.587 2.259   1.00 21.16 ? 22  GLN A OE1   1 
ATOM   156  N  NE2   . GLN A 1 23  ? 2.160   -15.334 0.950   1.00 21.27 ? 22  GLN A NE2   1 
ATOM   157  N  N     . LEU A 1 24  ? 4.856   -10.072 3.601   1.00 20.80 ? 23  LEU A N     1 
ATOM   158  C  CA    . LEU A 1 24  ? 6.173   -9.469  3.639   1.00 22.83 ? 23  LEU A CA    1 
ATOM   159  C  C     . LEU A 1 24  ? 6.872   -9.831  4.951   1.00 24.96 ? 23  LEU A C     1 
ATOM   160  O  O     . LEU A 1 24  ? 8.025   -10.248 4.937   1.00 26.30 ? 23  LEU A O     1 
ATOM   161  C  CB    . LEU A 1 24  ? 6.062   -7.953  3.478   1.00 21.77 ? 23  LEU A CB    1 
ATOM   162  C  CG    . LEU A 1 24  ? 7.413   -7.239  3.404   1.00 22.46 ? 23  LEU A CG    1 
ATOM   163  C  CD1   . LEU A 1 24  ? 7.962   -7.299  1.991   1.00 22.52 ? 23  LEU A CD1   1 
ATOM   164  C  CD2   . LEU A 1 24  ? 7.291   -5.788  3.835   1.00 21.57 ? 23  LEU A CD2   1 
ATOM   165  N  N     . ILE A 1 25  ? 6.144   -9.691  6.063   1.00 28.59 ? 24  ILE A N     1 
ATOM   166  C  CA    . ILE A 1 25  ? 6.734   -9.567  7.382   1.00 33.38 ? 24  ILE A CA    1 
ATOM   167  C  C     . ILE A 1 25  ? 6.807   -10.910 8.111   1.00 36.47 ? 24  ILE A C     1 
ATOM   168  O  O     . ILE A 1 25  ? 7.405   -10.965 9.185   1.00 42.86 ? 24  ILE A O     1 
ATOM   169  C  CB    . ILE A 1 25  ? 6.007   -8.460  8.177   1.00 35.50 ? 24  ILE A CB    1 
ATOM   170  C  CG1   . ILE A 1 25  ? 6.985   -7.403  8.686   1.00 37.76 ? 24  ILE A CG1   1 
ATOM   171  C  CG2   . ILE A 1 25  ? 5.103   -8.993  9.282   1.00 38.13 ? 24  ILE A CG2   1 
ATOM   172  C  CD1   . ILE A 1 25  ? 6.426   -6.014  8.628   1.00 40.15 ? 24  ILE A CD1   1 
ATOM   173  N  N     . GLN A 1 26  ? 6.248   -11.985 7.524   1.00 34.97 ? 25  GLN A N     1 
ATOM   174  C  CA    . GLN A 1 26  ? 6.167   -13.290 8.175   1.00 35.78 ? 25  GLN A CA    1 
ATOM   175  C  C     . GLN A 1 26  ? 6.150   -14.431 7.155   1.00 34.83 ? 25  GLN A C     1 
ATOM   176  O  O     . GLN A 1 26  ? 6.233   -15.597 7.525   1.00 37.54 ? 25  GLN A O     1 
ATOM   177  C  CB    . GLN A 1 26  ? 5.012   -13.370 9.183   1.00 39.96 ? 25  GLN A CB    1 
ATOM   178  C  CG    . GLN A 1 26  ? 5.388   -12.903 10.591  1.00 43.92 ? 25  GLN A CG    1 
ATOM   179  C  CD    . GLN A 1 26  ? 5.950   -13.991 11.483  1.00 50.36 ? 25  GLN A CD    1 
ATOM   180  O  OE1   . GLN A 1 26  ? 6.006   -13.858 12.706  1.00 57.69 ? 25  GLN A OE1   1 
ATOM   181  N  NE2   . GLN A 1 26  ? 6.369   -15.096 10.885  1.00 53.43 ? 25  GLN A NE2   1 
ATOM   182  N  N     . ASN A 1 27  ? 6.074   -14.103 5.863   1.00 29.77 ? 26  ASN A N     1 
ATOM   183  C  CA    . ASN A 1 27  ? 6.153   -15.081 4.786   1.00 29.48 ? 26  ASN A CA    1 
ATOM   184  C  C     . ASN A 1 27  ? 5.107   -16.193 4.915   1.00 32.43 ? 26  ASN A C     1 
ATOM   185  O  O     . ASN A 1 27  ? 5.429   -17.367 4.732   1.00 32.56 ? 26  ASN A O     1 
ATOM   186  C  CB    . ASN A 1 27  ? 7.552   -15.691 4.653   1.00 32.02 ? 26  ASN A CB    1 
ATOM   187  C  CG    . ASN A 1 27  ? 8.535   -14.761 3.974   1.00 32.77 ? 26  ASN A CG    1 
ATOM   188  O  OD1   . ASN A 1 27  ? 8.605   -14.702 2.746   1.00 29.14 ? 26  ASN A OD1   1 
ATOM   189  N  ND2   . ASN A 1 27  ? 9.289   -14.023 4.769   1.00 30.58 ? 26  ASN A ND2   1 
ATOM   190  N  N     . HIS A 1 28  ? 3.853   -15.826 5.209   1.00 29.95 ? 27  HIS A N     1 
ATOM   191  C  CA    . HIS A 1 28  ? 2.741   -16.761 5.107   1.00 30.22 ? 27  HIS A CA    1 
ATOM   192  C  C     . HIS A 1 28  ? 1.446   -16.026 4.755   1.00 27.43 ? 27  HIS A C     1 
ATOM   193  O  O     . HIS A 1 28  ? 1.307   -14.827 4.995   1.00 24.57 ? 27  HIS A O     1 
ATOM   194  C  CB    . HIS A 1 28  ? 2.619   -17.665 6.353   1.00 31.76 ? 27  HIS A CB    1 
ATOM   195  C  CG    . HIS A 1 28  ? 1.964   -17.034 7.537   1.00 34.96 ? 27  HIS A CG    1 
ATOM   196  N  ND1   . HIS A 1 28  ? 2.568   -16.020 8.274   1.00 38.88 ? 27  HIS A ND1   1 
ATOM   197  C  CD2   . HIS A 1 28  ? 0.777   -17.283 8.137   1.00 38.12 ? 27  HIS A CD2   1 
ATOM   198  C  CE1   . HIS A 1 28  ? 1.776   -15.661 9.271   1.00 36.84 ? 27  HIS A CE1   1 
ATOM   199  N  NE2   . HIS A 1 28  ? 0.664   -16.415 9.199   1.00 39.27 ? 27  HIS A NE2   1 
ATOM   200  N  N     . PHE A 1 29  ? 0.492   -16.791 4.221   1.00 27.37 ? 28  PHE A N     1 
ATOM   201  C  CA    . PHE A 1 29  ? -0.807  -16.277 3.826   1.00 26.52 ? 28  PHE A CA    1 
ATOM   202  C  C     . PHE A 1 29  ? -1.842  -16.579 4.910   1.00 27.20 ? 28  PHE A C     1 
ATOM   203  O  O     . PHE A 1 29  ? -2.094  -17.743 5.196   1.00 28.44 ? 28  PHE A O     1 
ATOM   204  C  CB    . PHE A 1 29  ? -1.174  -16.880 2.465   1.00 23.56 ? 28  PHE A CB    1 
ATOM   205  C  CG    . PHE A 1 29  ? -2.538  -16.489 1.951   1.00 23.90 ? 28  PHE A CG    1 
ATOM   206  C  CD1   . PHE A 1 29  ? -2.887  -15.148 1.823   1.00 23.03 ? 28  PHE A CD1   1 
ATOM   207  C  CD2   . PHE A 1 29  ? -3.460  -17.456 1.561   1.00 23.28 ? 28  PHE A CD2   1 
ATOM   208  C  CE1   . PHE A 1 29  ? -4.131  -14.784 1.326   1.00 22.25 ? 28  PHE A CE1   1 
ATOM   209  C  CE2   . PHE A 1 29  ? -4.703  -17.084 1.064   1.00 23.73 ? 28  PHE A CE2   1 
ATOM   210  C  CZ    . PHE A 1 29  ? -5.038  -15.749 0.954   1.00 21.18 ? 28  PHE A CZ    1 
ATOM   211  N  N     . VAL A 1 30  ? -2.426  -15.535 5.510   1.00 31.23 ? 29  VAL A N     1 
ATOM   212  C  CA    . VAL A 1 30  ? -3.476  -15.676 6.513   1.00 35.51 ? 29  VAL A CA    1 
ATOM   213  C  C     . VAL A 1 30  ? -4.822  -15.487 5.824   1.00 38.45 ? 29  VAL A C     1 
ATOM   214  O  O     . VAL A 1 30  ? -5.005  -14.534 5.063   1.00 37.79 ? 29  VAL A O     1 
ATOM   215  C  CB    . VAL A 1 30  ? -3.348  -14.676 7.679   1.00 36.66 ? 29  VAL A CB    1 
ATOM   216  C  CG1   . VAL A 1 30  ? -2.069  -14.898 8.470   1.00 41.10 ? 29  VAL A CG1   1 
ATOM   217  C  CG2   . VAL A 1 30  ? -3.444  -13.226 7.217   1.00 40.32 ? 29  VAL A CG2   1 
ATOM   218  N  N     . ASP A 1 31  ? -5.782  -16.357 6.134   1.00 36.59 ? 30  ASP A N     1 
ATOM   219  C  CA    . ASP A 1 31  ? -7.007  -16.237 5.372   1.00 41.10 ? 30  ASP A CA    1 
ATOM   220  C  C     . ASP A 1 31  ? -8.110  -15.531 6.157   1.00 36.84 ? 30  ASP A C     1 
ATOM   221  O  O     . ASP A 1 31  ? -9.132  -15.196 5.573   1.00 33.98 ? 30  ASP A O     1 
ATOM   222  C  CB    . ASP A 1 31  ? -7.289  -17.465 4.496   1.00 47.69 ? 30  ASP A CB    1 
ATOM   223  C  CG    . ASP A 1 31  ? -7.989  -18.601 5.210   1.00 50.44 ? 30  ASP A CG    1 
ATOM   224  O  OD1   . ASP A 1 31  ? -7.324  -19.282 6.013   1.00 53.61 ? 30  ASP A OD1   1 
ATOM   225  O  OD2   . ASP A 1 31  ? -9.200  -18.788 4.953   1.00 54.35 ? 30  ASP A OD2   1 
ATOM   226  N  N     . GLU A 1 32  ? -7.890  -15.218 7.443   1.00 35.97 ? 31  GLU A N     1 
ATOM   227  C  CA    . GLU A 1 32  ? -8.957  -14.519 8.138   1.00 41.84 ? 31  GLU A CA    1 
ATOM   228  C  C     . GLU A 1 32  ? -8.425  -13.591 9.230   1.00 42.12 ? 31  GLU A C     1 
ATOM   229  O  O     . GLU A 1 32  ? -8.882  -13.641 10.375  1.00 44.77 ? 31  GLU A O     1 
ATOM   230  C  CB    . GLU A 1 32  ? -10.021 -15.499 8.638   1.00 47.37 ? 31  GLU A CB    1 
ATOM   231  C  CG    . GLU A 1 32  ? -11.294 -14.818 9.121   1.00 55.29 ? 31  GLU A CG    1 
ATOM   232  C  CD    . GLU A 1 32  ? -12.372 -15.767 9.625   1.00 59.39 ? 31  GLU A CD    1 
ATOM   233  O  OE1   . GLU A 1 32  ? -12.615 -16.801 8.957   1.00 58.89 ? 31  GLU A OE1   1 
ATOM   234  O  OE2   . GLU A 1 32  ? -12.962 -15.476 10.684  1.00 62.02 ? 31  GLU A OE2   1 
ATOM   235  N  N     . TYR A 1 33  ? -7.522  -12.685 8.846   1.00 32.07 ? 32  TYR A N     1 
ATOM   236  C  CA    . TYR A 1 33  ? -6.937  -11.769 9.811   1.00 28.52 ? 32  TYR A CA    1 
ATOM   237  C  C     . TYR A 1 33  ? -7.967  -10.750 10.290  1.00 26.51 ? 32  TYR A C     1 
ATOM   238  O  O     . TYR A 1 33  ? -8.610  -10.064 9.495   1.00 25.29 ? 32  TYR A O     1 
ATOM   239  C  CB    . TYR A 1 33  ? -5.704  -11.075 9.232   1.00 24.64 ? 32  TYR A CB    1 
ATOM   240  C  CG    . TYR A 1 33  ? -4.875  -10.371 10.266  1.00 23.97 ? 32  TYR A CG    1 
ATOM   241  C  CD1   . TYR A 1 33  ? -3.906  -11.053 10.985  1.00 24.89 ? 32  TYR A CD1   1 
ATOM   242  C  CD2   . TYR A 1 33  ? -5.057  -9.023  10.525  1.00 25.09 ? 32  TYR A CD2   1 
ATOM   243  C  CE1   . TYR A 1 33  ? -3.124  -10.406 11.928  1.00 25.64 ? 32  TYR A CE1   1 
ATOM   244  C  CE2   . TYR A 1 33  ? -4.284  -8.358  11.460  1.00 24.54 ? 32  TYR A CE2   1 
ATOM   245  C  CZ    . TYR A 1 33  ? -3.328  -9.058  12.179  1.00 26.14 ? 32  TYR A CZ    1 
ATOM   246  O  OH    . TYR A 1 33  ? -2.582  -8.412  13.123  1.00 25.80 ? 32  TYR A OH    1 
ATOM   247  N  N     . ASP A 1 34  ? -8.091  -10.663 11.614  1.00 26.63 ? 33  ASP A N     1 
ATOM   248  C  CA    . ASP A 1 34  ? -9.032  -9.806  12.316  1.00 26.54 ? 33  ASP A CA    1 
ATOM   249  C  C     . ASP A 1 34  ? -9.097  -8.436  11.642  1.00 27.10 ? 33  ASP A C     1 
ATOM   250  O  O     . ASP A 1 34  ? -8.102  -7.707  11.606  1.00 24.76 ? 33  ASP A O     1 
ATOM   251  C  CB    . ASP A 1 34  ? -8.636  -9.736  13.794  1.00 28.42 ? 33  ASP A CB    1 
ATOM   252  C  CG    . ASP A 1 34  ? -9.557  -8.943  14.705  1.00 31.51 ? 33  ASP A CG    1 
ATOM   253  O  OD1   . ASP A 1 34  ? -10.377 -8.142  14.190  1.00 29.41 ? 33  ASP A OD1   1 
ATOM   254  O  OD2   . ASP A 1 34  ? -9.423  -9.123  15.948  1.00 34.02 ? 33  ASP A OD2   1 
ATOM   255  N  N     . PRO A 1 35  ? -10.271 -8.038  11.090  1.00 26.44 ? 34  PRO A N     1 
ATOM   256  C  CA    . PRO A 1 35  ? -10.397 -6.750  10.396  1.00 25.42 ? 34  PRO A CA    1 
ATOM   257  C  C     . PRO A 1 35  ? -10.314 -5.533  11.312  1.00 25.85 ? 34  PRO A C     1 
ATOM   258  O  O     . PRO A 1 35  ? -10.294 -4.399  10.828  1.00 23.53 ? 34  PRO A O     1 
ATOM   259  C  CB    . PRO A 1 35  ? -11.767 -6.785  9.698   1.00 24.40 ? 34  PRO A CB    1 
ATOM   260  C  CG    . PRO A 1 35  ? -12.533 -7.939  10.348  1.00 24.42 ? 34  PRO A CG    1 
ATOM   261  C  CD    . PRO A 1 35  ? -11.525 -8.814  11.076  1.00 25.76 ? 34  PRO A CD    1 
ATOM   262  N  N     . THR A 1 36  ? -10.243 -5.761  12.636  1.00 24.54 ? 35  THR A N     1 
ATOM   263  C  CA    . THR A 1 36  ? -10.274 -4.637  13.557  1.00 24.88 ? 35  THR A CA    1 
ATOM   264  C  C     . THR A 1 36  ? -8.872  -4.311  14.071  1.00 25.91 ? 35  THR A C     1 
ATOM   265  O  O     . THR A 1 36  ? -8.699  -3.305  14.758  1.00 28.65 ? 35  THR A O     1 
ATOM   266  C  CB    . THR A 1 36  ? -11.278 -4.849  14.706  1.00 24.57 ? 35  THR A CB    1 
ATOM   267  O  OG1   . THR A 1 36  ? -10.782 -5.937  15.484  1.00 26.25 ? 35  THR A OG1   1 
ATOM   268  C  CG2   . THR A 1 36  ? -12.684 -5.164  14.242  1.00 24.43 ? 35  THR A CG2   1 
ATOM   269  N  N     . ILE A 1 37  ? -7.878  -5.140  13.725  1.00 26.26 ? 36  ILE A N     1 
ATOM   270  C  CA    . ILE A 1 37  ? -6.512  -4.908  14.180  1.00 25.78 ? 36  ILE A CA    1 
ATOM   271  C  C     . ILE A 1 37  ? -5.803  -3.951  13.221  1.00 25.08 ? 36  ILE A C     1 
ATOM   272  O  O     . ILE A 1 37  ? -5.560  -4.287  12.062  1.00 23.48 ? 36  ILE A O     1 
ATOM   273  C  CB    . ILE A 1 37  ? -5.720  -6.222  14.335  1.00 28.08 ? 36  ILE A CB    1 
ATOM   274  C  CG1   . ILE A 1 37  ? -6.385  -7.186  15.328  1.00 29.80 ? 36  ILE A CG1   1 
ATOM   275  C  CG2   . ILE A 1 37  ? -4.273  -5.908  14.717  1.00 27.82 ? 36  ILE A CG2   1 
ATOM   276  C  CD1   . ILE A 1 37  ? -5.670  -8.529  15.483  1.00 32.43 ? 36  ILE A CD1   1 
ATOM   277  N  N     . GLU A 1 38  ? -5.507  -2.751  13.725  1.00 23.83 ? 37  GLU A N     1 
ATOM   278  C  CA    . GLU A 1 38  ? -4.660  -1.779  13.054  1.00 23.35 ? 37  GLU A CA    1 
ATOM   279  C  C     . GLU A 1 38  ? -3.354  -1.684  13.835  1.00 23.23 ? 37  GLU A C     1 
ATOM   280  O  O     . GLU A 1 38  ? -3.378  -1.330  15.014  1.00 27.32 ? 37  GLU A O     1 
ATOM   281  C  CB    . GLU A 1 38  ? -5.327  -0.398  13.026  1.00 22.90 ? 37  GLU A CB    1 
ATOM   282  C  CG    . GLU A 1 38  ? -4.373  0.721   12.577  1.00 24.38 ? 37  GLU A CG    1 
ATOM   283  C  CD    . GLU A 1 38  ? -4.974  2.069   12.203  1.00 24.24 ? 37  GLU A CD    1 
ATOM   284  O  OE1   . GLU A 1 38  ? -4.393  3.100   12.594  1.00 23.81 ? 37  GLU A OE1   1 
ATOM   285  O  OE2   . GLU A 1 38  ? -6.022  2.094   11.517  1.00 25.33 ? 37  GLU A OE2   1 
ATOM   286  N  N     . ASP A 1 39  ? -2.220  -1.948  13.181  1.00 22.43 ? 38  ASP A N     1 
ATOM   287  C  CA    . ASP A 1 39  ? -0.954  -1.892  13.897  1.00 23.60 ? 38  ASP A CA    1 
ATOM   288  C  C     . ASP A 1 39  ? 0.187   -1.578  12.936  1.00 24.83 ? 38  ASP A C     1 
ATOM   289  O  O     . ASP A 1 39  ? 0.001   -1.615  11.713  1.00 21.77 ? 38  ASP A O     1 
ATOM   290  C  CB    . ASP A 1 39  ? -0.669  -3.220  14.609  1.00 23.53 ? 38  ASP A CB    1 
ATOM   291  C  CG    . ASP A 1 39  ? 0.237   -3.098  15.830  1.00 24.25 ? 38  ASP A CG    1 
ATOM   292  O  OD1   . ASP A 1 39  ? 0.562   -1.962  16.234  1.00 24.62 ? 38  ASP A OD1   1 
ATOM   293  O  OD2   . ASP A 1 39  ? 0.631   -4.154  16.363  1.00 24.31 ? 38  ASP A OD2   1 
ATOM   294  N  N     . SER A 1 40  ? 1.356   -1.297  13.525  1.00 23.25 ? 39  SER A N     1 
ATOM   295  C  CA    . SER A 1 40  ? 2.605   -1.075  12.811  1.00 26.17 ? 39  SER A CA    1 
ATOM   296  C  C     . SER A 1 40  ? 3.492   -2.307  12.947  1.00 27.26 ? 39  SER A C     1 
ATOM   297  O  O     . SER A 1 40  ? 3.639   -2.863  14.030  1.00 29.73 ? 39  SER A O     1 
ATOM   298  C  CB    . SER A 1 40  ? 3.359   0.132   13.330  1.00 26.01 ? 39  SER A CB    1 
ATOM   299  O  OG    . SER A 1 40  ? 2.552   1.289   13.307  1.00 33.83 ? 39  SER A OG    1 
ATOM   300  N  N     . TYR A 1 41  ? 4.148   -2.667  11.850  1.00 26.24 ? 40  TYR A N     1 
ATOM   301  C  CA    . TYR A 1 41  ? 5.019   -3.822  11.828  1.00 26.67 ? 40  TYR A CA    1 
ATOM   302  C  C     . TYR A 1 41  ? 6.393   -3.380  11.345  1.00 27.24 ? 40  TYR A C     1 
ATOM   303  O  O     . TYR A 1 41  ? 6.541   -2.318  10.731  1.00 27.94 ? 40  TYR A O     1 
ATOM   304  C  CB    . TYR A 1 41  ? 4.380   -4.927  10.983  1.00 25.44 ? 40  TYR A CB    1 
ATOM   305  C  CG    . TYR A 1 41  ? 2.986   -5.265  11.440  1.00 25.80 ? 40  TYR A CG    1 
ATOM   306  C  CD1   . TYR A 1 41  ? 2.788   -6.038  12.577  1.00 25.46 ? 40  TYR A CD1   1 
ATOM   307  C  CD2   . TYR A 1 41  ? 1.866   -4.741  10.805  1.00 24.21 ? 40  TYR A CD2   1 
ATOM   308  C  CE1   . TYR A 1 41  ? 1.514   -6.327  13.032  1.00 25.65 ? 40  TYR A CE1   1 
ATOM   309  C  CE2   . TYR A 1 41  ? 0.579   -5.027  11.245  1.00 25.39 ? 40  TYR A CE2   1 
ATOM   310  C  CZ    . TYR A 1 41  ? 0.407   -5.838  12.357  1.00 24.82 ? 40  TYR A CZ    1 
ATOM   311  O  OH    . TYR A 1 41  ? -0.834  -6.128  12.826  1.00 26.16 ? 40  TYR A OH    1 
ATOM   312  N  N     . ARG A 1 42  ? 7.394   -4.197  11.664  1.00 27.74 ? 41  ARG A N     1 
ATOM   313  C  CA    . ARG A 1 42  ? 8.753   -3.865  11.291  1.00 28.13 ? 41  ARG A CA    1 
ATOM   314  C  C     . ARG A 1 42  ? 9.361   -5.027  10.524  1.00 28.52 ? 41  ARG A C     1 
ATOM   315  O  O     . ARG A 1 42  ? 9.076   -6.185  10.806  1.00 28.92 ? 41  ARG A O     1 
ATOM   316  C  CB    . ARG A 1 42  ? 9.526   -3.267  12.473  1.00 29.51 ? 41  ARG A CB    1 
ATOM   317  C  CG    . ARG A 1 42  ? 9.131   -1.812  12.682  1.00 32.42 ? 41  ARG A CG    1 
ATOM   318  C  CD    . ARG A 1 42  ? 9.588   -1.184  13.964  1.00 33.71 ? 41  ARG A CD    1 
ATOM   319  N  NE    . ARG A 1 42  ? 9.099   0.169   14.221  1.00 38.64 ? 41  ARG A NE    1 
ATOM   320  C  CZ    . ARG A 1 42  ? 7.859   0.500   14.587  1.00 41.32 ? 41  ARG A CZ    1 
ATOM   321  N  NH1   . ARG A 1 42  ? 6.912   -0.418  14.692  1.00 44.83 ? 41  ARG A NH1   1 
ATOM   322  N  NH2   . ARG A 1 42  ? 7.560   1.762   14.831  1.00 43.32 ? 41  ARG A NH2   1 
ATOM   323  N  N     . LYS A 1 43  ? 10.075  -4.675  9.456   1.00 28.61 ? 42  LYS A N     1 
ATOM   324  C  CA    . LYS A 1 43  ? 10.880  -5.635  8.739   1.00 25.99 ? 42  LYS A CA    1 
ATOM   325  C  C     . LYS A 1 43  ? 12.223  -4.992  8.467   1.00 27.63 ? 42  LYS A C     1 
ATOM   326  O  O     . LYS A 1 43  ? 12.289  -3.823  8.084   1.00 26.78 ? 42  LYS A O     1 
ATOM   327  C  CB    . LYS A 1 43  ? 10.249  -6.097  7.422   1.00 26.80 ? 42  LYS A CB    1 
ATOM   328  C  CG    . LYS A 1 43  ? 10.798  -7.457  7.000   1.00 27.43 ? 42  LYS A CG    1 
ATOM   329  C  CD    . LYS A 1 43  ? 10.705  -7.872  5.549   1.00 27.98 ? 42  LYS A CD    1 
ATOM   330  C  CE    . LYS A 1 43  ? 11.529  -9.129  5.347   1.00 27.88 ? 42  LYS A CE    1 
ATOM   331  N  NZ    . LYS A 1 43  ? 10.941  -10.090 4.385   1.00 30.11 ? 42  LYS A NZ    1 
ATOM   332  N  N     . GLN A 1 44  ? 13.270  -5.789  8.686   1.00 28.30 ? 43  GLN A N     1 
ATOM   333  C  CA    . GLN A 1 44  ? 14.610  -5.446  8.269   1.00 27.01 ? 43  GLN A CA    1 
ATOM   334  C  C     . GLN A 1 44  ? 14.866  -6.140  6.934   1.00 27.92 ? 43  GLN A C     1 
ATOM   335  O  O     . GLN A 1 44  ? 14.677  -7.348  6.816   1.00 28.78 ? 43  GLN A O     1 
ATOM   336  C  CB    . GLN A 1 44  ? 15.622  -5.834  9.345   1.00 29.71 ? 43  GLN A CB    1 
ATOM   337  C  CG    . GLN A 1 44  ? 16.967  -5.146  9.156   1.00 31.18 ? 43  GLN A CG    1 
ATOM   338  C  CD    . GLN A 1 44  ? 17.999  -5.684  10.114  1.00 34.02 ? 43  GLN A CD    1 
ATOM   339  O  OE1   . GLN A 1 44  ? 18.663  -6.679  9.840   1.00 34.60 ? 43  GLN A OE1   1 
ATOM   340  N  NE2   . GLN A 1 44  ? 18.132  -5.023  11.249  1.00 36.06 ? 43  GLN A NE2   1 
ATOM   341  N  N     . VAL A 1 45  ? 15.226  -5.337  5.933   1.00 24.88 ? 44  VAL A N     1 
ATOM   342  C  CA    . VAL A 1 45  ? 15.460  -5.777  4.566   1.00 25.49 ? 44  VAL A CA    1 
ATOM   343  C  C     . VAL A 1 45  ? 16.661  -4.996  4.052   1.00 24.15 ? 44  VAL A C     1 
ATOM   344  O  O     . VAL A 1 45  ? 16.814  -3.812  4.360   1.00 25.51 ? 44  VAL A O     1 
ATOM   345  C  CB    . VAL A 1 45  ? 14.282  -5.451  3.621   1.00 27.92 ? 44  VAL A CB    1 
ATOM   346  C  CG1   . VAL A 1 45  ? 13.896  -6.610  2.718   1.00 26.14 ? 44  VAL A CG1   1 
ATOM   347  C  CG2   . VAL A 1 45  ? 13.085  -4.814  4.288   1.00 27.85 ? 44  VAL A CG2   1 
ATOM   348  N  N     . VAL A 1 46  ? 17.480  -5.656  3.232   1.00 24.82 ? 45  VAL A N     1 
ATOM   349  C  CA    . VAL A 1 46  ? 18.497  -4.959  2.464   1.00 24.35 ? 45  VAL A CA    1 
ATOM   350  C  C     . VAL A 1 46  ? 17.915  -4.661  1.086   1.00 22.19 ? 45  VAL A C     1 
ATOM   351  O  O     . VAL A 1 46  ? 17.505  -5.575  0.380   1.00 21.67 ? 45  VAL A O     1 
ATOM   352  C  CB    . VAL A 1 46  ? 19.790  -5.787  2.338   1.00 26.59 ? 45  VAL A CB    1 
ATOM   353  C  CG1   . VAL A 1 46  ? 20.847  -5.045  1.537   1.00 24.32 ? 45  VAL A CG1   1 
ATOM   354  C  CG2   . VAL A 1 46  ? 20.340  -6.189  3.706   1.00 29.10 ? 45  VAL A CG2   1 
ATOM   355  N  N     . ILE A 1 47  ? 17.887  -3.379  0.724   1.00 21.47 ? 46  ILE A N     1 
ATOM   356  C  CA    . ILE A 1 47  ? 17.344  -2.956  -0.560  1.00 19.20 ? 46  ILE A CA    1 
ATOM   357  C  C     . ILE A 1 47  ? 18.437  -2.152  -1.263  1.00 16.91 ? 46  ILE A C     1 
ATOM   358  O  O     . ILE A 1 47  ? 18.863  -1.124  -0.762  1.00 17.61 ? 46  ILE A O     1 
ATOM   359  C  CB    . ILE A 1 47  ? 16.011  -2.185  -0.376  1.00 17.80 ? 46  ILE A CB    1 
ATOM   360  C  CG1   . ILE A 1 47  ? 14.972  -3.049  0.361   1.00 17.53 ? 46  ILE A CG1   1 
ATOM   361  C  CG2   . ILE A 1 47  ? 15.489  -1.680  -1.723  1.00 19.78 ? 46  ILE A CG2   1 
ATOM   362  C  CD1   . ILE A 1 47  ? 13.654  -2.374  0.687   1.00 17.59 ? 46  ILE A CD1   1 
ATOM   363  N  N     . ASP A 1 48  ? 18.916  -2.675  -2.392  1.00 19.09 ? 47  ASP A N     1 
ATOM   364  C  CA    . ASP A 1 48  ? 20.056  -2.097  -3.103  1.00 21.14 ? 47  ASP A CA    1 
ATOM   365  C  C     . ASP A 1 48  ? 21.249  -1.889  -2.175  1.00 22.60 ? 47  ASP A C     1 
ATOM   366  O  O     . ASP A 1 48  ? 21.802  -0.798  -2.112  1.00 22.64 ? 47  ASP A O     1 
ATOM   367  C  CB    . ASP A 1 48  ? 19.630  -0.818  -3.830  1.00 20.98 ? 47  ASP A CB    1 
ATOM   368  C  CG    . ASP A 1 48  ? 18.355  -1.059  -4.618  1.00 20.49 ? 47  ASP A CG    1 
ATOM   369  O  OD1   . ASP A 1 48  ? 18.349  -1.995  -5.462  1.00 18.50 ? 47  ASP A OD1   1 
ATOM   370  O  OD2   . ASP A 1 48  ? 17.370  -0.346  -4.349  1.00 22.35 ? 47  ASP A OD2   1 
ATOM   371  N  N     . GLY A 1 49  ? 21.641  -2.952  -1.469  1.00 25.69 ? 48  GLY A N     1 
ATOM   372  C  CA    . GLY A 1 49  ? 22.785  -2.913  -0.571  1.00 29.97 ? 48  GLY A CA    1 
ATOM   373  C  C     . GLY A 1 49  ? 22.657  -1.913  0.582   1.00 32.64 ? 48  GLY A C     1 
ATOM   374  O  O     . GLY A 1 49  ? 23.667  -1.529  1.167   1.00 34.66 ? 48  GLY A O     1 
ATOM   375  N  N     . GLU A 1 50  ? 21.426  -1.490  0.901   1.00 32.13 ? 49  GLU A N     1 
ATOM   376  C  CA    . GLU A 1 50  ? 21.179  -0.603  2.030   1.00 33.20 ? 49  GLU A CA    1 
ATOM   377  C  C     . GLU A 1 50  ? 20.225  -1.281  3.016   1.00 32.07 ? 49  GLU A C     1 
ATOM   378  O  O     . GLU A 1 50  ? 19.093  -1.620  2.672   1.00 29.30 ? 49  GLU A O     1 
ATOM   379  C  CB    . GLU A 1 50  ? 20.650  0.755   1.574   1.00 31.97 ? 49  GLU A CB    1 
ATOM   380  C  CG    . GLU A 1 50  ? 20.514  1.759   2.713   1.00 36.65 ? 49  GLU A CG    1 
ATOM   381  C  CD    . GLU A 1 50  ? 19.414  2.797   2.555   1.00 40.14 ? 49  GLU A CD    1 
ATOM   382  O  OE1   . GLU A 1 50  ? 18.289  2.421   2.168   1.00 40.60 ? 49  GLU A OE1   1 
ATOM   383  O  OE2   . GLU A 1 50  ? 19.681  3.992   2.818   1.00 43.46 ? 49  GLU A OE2   1 
ATOM   384  N  N     . THR A 1 51  ? 20.699  -1.454  4.257   1.00 31.03 ? 50  THR A N     1 
ATOM   385  C  CA    . THR A 1 51  ? 19.901  -2.041  5.327   1.00 28.64 ? 50  THR A CA    1 
ATOM   386  C  C     . THR A 1 51  ? 18.809  -1.052  5.726   1.00 25.59 ? 50  THR A C     1 
ATOM   387  O  O     . THR A 1 51  ? 19.090  0.070   6.149   1.00 23.61 ? 50  THR A O     1 
ATOM   388  C  CB    . THR A 1 51  ? 20.784  -2.503  6.498   1.00 30.11 ? 50  THR A CB    1 
ATOM   389  O  OG1   . THR A 1 51  ? 21.663  -3.502  5.991   1.00 30.57 ? 50  THR A OG1   1 
ATOM   390  C  CG2   . THR A 1 51  ? 20.008  -3.098  7.654   1.00 30.34 ? 50  THR A CG2   1 
ATOM   391  N  N     . CYS A 1 52  ? 17.557  -1.488  5.551   1.00 26.65 ? 51  CYS A N     1 
ATOM   392  C  CA    . CYS A 1 52  ? 16.393  -0.657  5.799   1.00 25.32 ? 51  CYS A CA    1 
ATOM   393  C  C     . CYS A 1 52  ? 15.612  -1.274  6.954   1.00 24.14 ? 51  CYS A C     1 
ATOM   394  O  O     . CYS A 1 52  ? 15.537  -2.494  7.066   1.00 25.42 ? 51  CYS A O     1 
ATOM   395  C  CB    . CYS A 1 52  ? 15.477  -0.669  4.575   1.00 24.35 ? 51  CYS A CB    1 
ATOM   396  S  SG    . CYS A 1 52  ? 16.275  -0.053  3.070   1.00 31.24 ? 51  CYS A SG    1 
ATOM   397  N  N     . LEU A 1 53  ? 15.031  -0.427  7.801   1.00 22.67 ? 52  LEU A N     1 
ATOM   398  C  CA    . LEU A 1 53  ? 13.997  -0.894  8.706   1.00 22.28 ? 52  LEU A CA    1 
ATOM   399  C  C     . LEU A 1 53  ? 12.672  -0.288  8.271   1.00 20.56 ? 52  LEU A C     1 
ATOM   400  O  O     . LEU A 1 53  ? 12.455  0.905   8.436   1.00 19.31 ? 52  LEU A O     1 
ATOM   401  C  CB    . LEU A 1 53  ? 14.341  -0.561  10.164  1.00 21.77 ? 52  LEU A CB    1 
ATOM   402  C  CG    . LEU A 1 53  ? 13.392  -1.144  11.219  1.00 21.85 ? 52  LEU A CG    1 
ATOM   403  C  CD1   . LEU A 1 53  ? 13.625  -2.638  11.425  1.00 21.96 ? 52  LEU A CD1   1 
ATOM   404  C  CD2   . LEU A 1 53  ? 13.530  -0.410  12.552  1.00 20.20 ? 52  LEU A CD2   1 
ATOM   405  N  N     . LEU A 1 54  ? 11.792  -1.148  7.739   1.00 21.40 ? 53  LEU A N     1 
ATOM   406  C  CA    . LEU A 1 54  ? 10.473  -0.741  7.300   1.00 22.55 ? 53  LEU A CA    1 
ATOM   407  C  C     . LEU A 1 54  ? 9.552   -0.720  8.512   1.00 22.95 ? 53  LEU A C     1 
ATOM   408  O  O     . LEU A 1 54  ? 9.489   -1.693  9.260   1.00 27.26 ? 53  LEU A O     1 
ATOM   409  C  CB    . LEU A 1 54  ? 9.948   -1.699  6.221   1.00 21.86 ? 53  LEU A CB    1 
ATOM   410  C  CG    . LEU A 1 54  ? 10.896  -2.015  5.055   1.00 21.06 ? 53  LEU A CG    1 
ATOM   411  C  CD1   . LEU A 1 54  ? 10.223  -2.886  4.004   1.00 22.05 ? 53  LEU A CD1   1 
ATOM   412  C  CD2   . LEU A 1 54  ? 11.449  -0.748  4.422   1.00 21.41 ? 53  LEU A CD2   1 
ATOM   413  N  N     . ASP A 1 55  ? 8.841   0.397   8.675   1.00 20.14 ? 54  ASP A N     1 
ATOM   414  C  CA    . ASP A 1 55  ? 7.774   0.538   9.644   1.00 20.50 ? 54  ASP A CA    1 
ATOM   415  C  C     . ASP A 1 55  ? 6.457   0.581   8.871   1.00 19.92 ? 54  ASP A C     1 
ATOM   416  O  O     . ASP A 1 55  ? 6.141   1.596   8.260   1.00 20.98 ? 54  ASP A O     1 
ATOM   417  C  CB    . ASP A 1 55  ? 7.939   1.836   10.431  1.00 21.74 ? 54  ASP A CB    1 
ATOM   418  C  CG    . ASP A 1 55  ? 7.031   1.949   11.647  1.00 26.88 ? 54  ASP A CG    1 
ATOM   419  O  OD1   . ASP A 1 55  ? 6.209   1.034   11.866  1.00 30.46 ? 54  ASP A OD1   1 
ATOM   420  O  OD2   . ASP A 1 55  ? 7.160   2.941   12.377  1.00 28.56 ? 54  ASP A OD2   1 
ATOM   421  N  N     . ILE A 1 56  ? 5.676   -0.499  8.934   1.00 18.68 ? 55  ILE A N     1 
ATOM   422  C  CA    . ILE A 1 56  ? 4.517   -0.607  8.065   1.00 17.84 ? 55  ILE A CA    1 
ATOM   423  C  C     . ILE A 1 56  ? 3.231   -0.502  8.877   1.00 18.24 ? 55  ILE A C     1 
ATOM   424  O  O     . ILE A 1 56  ? 2.936   -1.395  9.667   1.00 17.78 ? 55  ILE A O     1 
ATOM   425  C  CB    . ILE A 1 56  ? 4.585   -1.918  7.263   1.00 16.77 ? 55  ILE A CB    1 
ATOM   426  C  CG1   . ILE A 1 56  ? 5.929   -2.034  6.551   1.00 15.09 ? 55  ILE A CG1   1 
ATOM   427  C  CG2   . ILE A 1 56  ? 3.423   -2.042  6.280   1.00 15.64 ? 55  ILE A CG2   1 
ATOM   428  C  CD1   . ILE A 1 56  ? 6.177   -3.388  6.023   1.00 17.36 ? 55  ILE A CD1   1 
ATOM   429  N  N     . LEU A 1 57  ? 2.459   0.560   8.612   1.00 18.01 ? 56  LEU A N     1 
ATOM   430  C  CA    . LEU A 1 57  ? 1.171   0.761   9.258   1.00 20.22 ? 56  LEU A CA    1 
ATOM   431  C  C     . LEU A 1 57  ? 0.057   0.174   8.392   1.00 20.19 ? 56  LEU A C     1 
ATOM   432  O  O     . LEU A 1 57  ? -0.208  0.651   7.287   1.00 21.23 ? 56  LEU A O     1 
ATOM   433  C  CB    . LEU A 1 57  ? 0.944   2.244   9.554   1.00 20.94 ? 56  LEU A CB    1 
ATOM   434  C  CG    . LEU A 1 57  ? -0.158  2.593   10.559  1.00 23.91 ? 56  LEU A CG    1 
ATOM   435  C  CD1   . LEU A 1 57  ? -1.471  2.944   9.887   1.00 23.95 ? 56  LEU A CD1   1 
ATOM   436  C  CD2   . LEU A 1 57  ? -0.377  1.493   11.585  1.00 24.92 ? 56  LEU A CD2   1 
ATOM   437  N  N     . ASP A 1 58  ? -0.579  -0.871  8.933   1.00 18.87 ? 57  ASP A N     1 
ATOM   438  C  CA    . ASP A 1 58  ? -1.691  -1.570  8.316   1.00 17.67 ? 57  ASP A CA    1 
ATOM   439  C  C     . ASP A 1 58  ? -2.992  -0.990  8.861   1.00 19.91 ? 57  ASP A C     1 
ATOM   440  O  O     . ASP A 1 58  ? -3.365  -1.304  9.991   1.00 19.13 ? 57  ASP A O     1 
ATOM   441  C  CB    . ASP A 1 58  ? -1.567  -3.068  8.626   1.00 17.86 ? 57  ASP A CB    1 
ATOM   442  C  CG    . ASP A 1 58  ? -2.690  -3.946  8.097   1.00 18.89 ? 57  ASP A CG    1 
ATOM   443  O  OD1   . ASP A 1 58  ? -3.441  -3.469  7.196   1.00 17.18 ? 57  ASP A OD1   1 
ATOM   444  O  OD2   . ASP A 1 58  ? -2.831  -5.106  8.609   1.00 18.42 ? 57  ASP A OD2   1 
ATOM   445  N  N     . THR A 1 59  ? -3.692  -0.179  8.050   1.00 19.17 ? 58  THR A N     1 
ATOM   446  C  CA    . THR A 1 59  ? -4.870  0.553   8.509   1.00 19.96 ? 58  THR A CA    1 
ATOM   447  C  C     . THR A 1 59  ? -6.083  -0.365  8.653   1.00 21.71 ? 58  THR A C     1 
ATOM   448  O  O     . THR A 1 59  ? -6.179  -1.382  7.966   1.00 20.99 ? 58  THR A O     1 
ATOM   449  C  CB    . THR A 1 59  ? -5.232  1.752   7.614   1.00 20.73 ? 58  THR A CB    1 
ATOM   450  O  OG1   . THR A 1 59  ? -5.522  1.308   6.281   1.00 20.05 ? 58  THR A OG1   1 
ATOM   451  C  CG2   . THR A 1 59  ? -4.184  2.848   7.621   1.00 18.51 ? 58  THR A CG2   1 
ATOM   452  N  N     . ALA A 1 60  ? -7.004  0.035   9.554   1.00 22.45 ? 59  ALA A N     1 
ATOM   453  C  CA    . ALA A 1 60  ? -8.274  -0.635  9.832   1.00 25.44 ? 59  ALA A CA    1 
ATOM   454  C  C     . ALA A 1 60  ? -9.209  0.330   10.576  1.00 28.61 ? 59  ALA A C     1 
ATOM   455  O  O     . ALA A 1 60  ? -8.941  1.527   10.638  1.00 31.64 ? 59  ALA A O     1 
ATOM   456  C  CB    . ALA A 1 60  ? -8.045  -1.919  10.593  1.00 24.70 ? 59  ALA A CB    1 
ATOM   457  N  N     . GLY A 1 61  ? -10.342 -0.167  11.101  1.00 35.60 ? 60  GLY A N     1 
ATOM   458  C  CA    . GLY A 1 61  ? -11.210 0.639   11.954  1.00 38.13 ? 60  GLY A CA    1 
ATOM   459  C  C     . GLY A 1 61  ? -12.112 1.618   11.192  1.00 42.00 ? 60  GLY A C     1 
ATOM   460  O  O     . GLY A 1 61  ? -12.604 1.293   10.115  1.00 45.83 ? 60  GLY A O     1 
ATOM   461  N  N     . GLN A 1 62  ? -12.311 2.817   11.767  1.00 43.61 ? 61  GLN A N     1 
ATOM   462  C  CA    . GLN A 1 62  ? -13.392 3.741   11.442  1.00 47.38 ? 61  GLN A CA    1 
ATOM   463  C  C     . GLN A 1 62  ? -13.029 4.622   10.249  1.00 50.87 ? 61  GLN A C     1 
ATOM   464  O  O     . GLN A 1 62  ? -11.847 4.837   9.980   1.00 53.94 ? 61  GLN A O     1 
ATOM   465  C  CB    . GLN A 1 62  ? -13.719 4.629   12.652  1.00 51.67 ? 61  GLN A CB    1 
ATOM   466  C  CG    . GLN A 1 62  ? -12.543 5.445   13.195  1.00 56.45 ? 61  GLN A CG    1 
ATOM   467  C  CD    . GLN A 1 62  ? -12.613 6.943   12.984  1.00 60.18 ? 61  GLN A CD    1 
ATOM   468  O  OE1   . GLN A 1 62  ? -11.708 7.687   13.354  1.00 61.33 ? 61  GLN A OE1   1 
ATOM   469  N  NE2   . GLN A 1 62  ? -13.700 7.413   12.396  1.00 61.27 ? 61  GLN A NE2   1 
ATOM   470  N  N     . GLU A 1 63  ? -14.059 5.184   9.592   1.00 47.92 ? 62  GLU A N     1 
ATOM   471  C  CA    . GLU A 1 63  ? -13.902 5.913   8.340   1.00 50.85 ? 62  GLU A CA    1 
ATOM   472  C  C     . GLU A 1 63  ? -14.082 7.420   8.506   1.00 56.61 ? 62  GLU A C     1 
ATOM   473  O  O     . GLU A 1 63  ? -13.692 8.167   7.610   1.00 57.74 ? 62  GLU A O     1 
ATOM   474  C  CB    . GLU A 1 63  ? -14.992 5.557   7.330   1.00 45.25 ? 62  GLU A CB    1 
ATOM   475  C  CG    . GLU A 1 63  ? -15.234 4.081   7.153   1.00 43.31 ? 62  GLU A CG    1 
ATOM   476  C  CD    . GLU A 1 63  ? -16.319 3.825   6.128   1.00 42.06 ? 62  GLU A CD    1 
ATOM   477  O  OE1   . GLU A 1 63  ? -16.495 2.665   5.724   1.00 42.98 ? 62  GLU A OE1   1 
ATOM   478  O  OE2   . GLU A 1 63  ? -16.988 4.787   5.737   1.00 41.77 ? 62  GLU A OE2   1 
ATOM   479  N  N     . GLU A 1 64  ? -14.733 7.861   9.591   1.00 59.33 ? 63  GLU A N     1 
ATOM   480  C  CA    . GLU A 1 64  ? -15.087 9.268   9.697   1.00 69.45 ? 63  GLU A CA    1 
ATOM   481  C  C     . GLU A 1 64  ? -13.843 10.108  9.999   1.00 71.18 ? 63  GLU A C     1 
ATOM   482  O  O     . GLU A 1 64  ? -12.929 9.645   10.680  1.00 69.53 ? 63  GLU A O     1 
ATOM   483  C  CB    . GLU A 1 64  ? -16.270 9.479   10.647  1.00 73.12 ? 63  GLU A CB    1 
ATOM   484  C  CG    . GLU A 1 64  ? -17.018 10.773  10.373  1.00 77.44 ? 63  GLU A CG    1 
ATOM   485  C  CD    . GLU A 1 64  ? -18.516 10.656  10.132  1.00 80.09 ? 63  GLU A CD    1 
ATOM   486  O  OE1   . GLU A 1 64  ? -19.004 11.300  9.182   1.00 80.58 ? 63  GLU A OE1   1 
ATOM   487  O  OE2   . GLU A 1 64  ? -19.195 9.934   10.894  1.00 81.64 ? 63  GLU A OE2   1 
ATOM   488  N  N     . TYR A 1 65  ? -13.821 11.334  9.448   1.00 77.92 ? 64  TYR A N     1 
ATOM   489  C  CA    . TYR A 1 65  ? -12.701 12.261  9.553   1.00 82.62 ? 64  TYR A CA    1 
ATOM   490  C  C     . TYR A 1 65  ? -12.080 12.187  10.947  1.00 85.61 ? 64  TYR A C     1 
ATOM   491  O  O     . TYR A 1 65  ? -12.622 12.735  11.907  1.00 86.57 ? 64  TYR A O     1 
ATOM   492  C  CB    . TYR A 1 65  ? -13.124 13.685  9.164   1.00 82.92 ? 64  TYR A CB    1 
ATOM   493  C  CG    . TYR A 1 65  ? -12.114 14.779  9.427   1.00 83.62 ? 64  TYR A CG    1 
ATOM   494  C  CD1   . TYR A 1 65  ? -10.750 14.518  9.436   1.00 80.99 ? 64  TYR A CD1   1 
ATOM   495  C  CD2   . TYR A 1 65  ? -12.518 16.091  9.635   1.00 84.27 ? 64  TYR A CD2   1 
ATOM   496  C  CE1   . TYR A 1 65  ? -9.818  15.516  9.675   1.00 78.24 ? 64  TYR A CE1   1 
ATOM   497  C  CE2   . TYR A 1 65  ? -11.599 17.106  9.866   1.00 80.88 ? 64  TYR A CE2   1 
ATOM   498  C  CZ    . TYR A 1 65  ? -10.244 16.816  9.885   1.00 78.85 ? 64  TYR A CZ    1 
ATOM   499  O  OH    . TYR A 1 65  ? -9.331  17.804  10.107  1.00 73.07 ? 64  TYR A OH    1 
ATOM   500  N  N     . SER A 1 66  ? -10.939 11.497  11.039  1.00 84.27 ? 65  SER A N     1 
ATOM   501  C  CA    . SER A 1 66  ? -10.169 11.461  12.271  1.00 83.81 ? 65  SER A CA    1 
ATOM   502  C  C     . SER A 1 66  ? -9.122  12.573  12.252  1.00 85.05 ? 65  SER A C     1 
ATOM   503  O  O     . SER A 1 66  ? -8.628  12.954  11.191  1.00 87.40 ? 65  SER A O     1 
ATOM   504  C  CB    . SER A 1 66  ? -9.549  10.105  12.495  1.00 83.79 ? 65  SER A CB    1 
ATOM   505  O  OG    . SER A 1 66  ? -8.971  10.022  13.791  1.00 81.06 ? 65  SER A OG    1 
ATOM   506  N  N     . ALA A 1 67  ? -8.804  13.092  13.443  1.00 83.53 ? 66  ALA A N     1 
ATOM   507  C  CA    . ALA A 1 67  ? -7.852  14.183  13.583  1.00 80.10 ? 66  ALA A CA    1 
ATOM   508  C  C     . ALA A 1 67  ? -6.458  13.652  13.925  1.00 77.55 ? 66  ALA A C     1 
ATOM   509  O  O     . ALA A 1 67  ? -5.471  14.360  13.738  1.00 80.80 ? 66  ALA A O     1 
ATOM   510  C  CB    . ALA A 1 67  ? -8.345  15.179  14.603  1.00 77.95 ? 66  ALA A CB    1 
ATOM   511  N  N     . MET A 1 68  ? -6.380  12.404  14.412  1.00 74.51 ? 67  MET A N     1 
ATOM   512  C  CA    . MET A 1 68  ? -5.104  11.765  14.713  1.00 71.37 ? 67  MET A CA    1 
ATOM   513  C  C     . MET A 1 68  ? -4.726  10.774  13.611  1.00 65.30 ? 67  MET A C     1 
ATOM   514  O  O     . MET A 1 68  ? -3.589  10.306  13.545  1.00 63.01 ? 67  MET A O     1 
ATOM   515  C  CB    . MET A 1 68  ? -5.144  11.034  16.059  1.00 76.87 ? 67  MET A CB    1 
ATOM   516  C  CG    . MET A 1 68  ? -4.887  11.939  17.255  1.00 84.48 ? 67  MET A CG    1 
ATOM   517  S  SD    . MET A 1 68  ? -6.326  12.963  17.682  1.00 97.79 ? 67  MET A SD    1 
ATOM   518  C  CE    . MET A 1 68  ? -5.672  13.925  19.046  1.00 89.07 ? 67  MET A CE    1 
ATOM   519  N  N     . ARG A 1 69  ? -5.708  10.426  12.775  1.00 58.67 ? 68  ARG A N     1 
ATOM   520  C  CA    . ARG A 1 69  ? -5.438  9.755   11.518  1.00 52.22 ? 68  ARG A CA    1 
ATOM   521  C  C     . ARG A 1 69  ? -4.429  10.613  10.774  1.00 48.10 ? 68  ARG A C     1 
ATOM   522  O  O     . ARG A 1 69  ? -3.371  10.142  10.351  1.00 46.22 ? 68  ARG A O     1 
ATOM   523  C  CB    . ARG A 1 69  ? -6.745  9.675   10.722  1.00 51.91 ? 68  ARG A CB    1 
ATOM   524  C  CG    . ARG A 1 69  ? -6.798  8.525   9.727   1.00 47.71 ? 68  ARG A CG    1 
ATOM   525  C  CD    . ARG A 1 69  ? -6.731  7.177   10.404  1.00 42.14 ? 68  ARG A CD    1 
ATOM   526  N  NE    . ARG A 1 69  ? -7.990  6.475   10.249  1.00 40.59 ? 68  ARG A NE    1 
ATOM   527  C  CZ    . ARG A 1 69  ? -8.113  5.165   10.392  1.00 40.26 ? 68  ARG A CZ    1 
ATOM   528  N  NH1   . ARG A 1 69  ? -9.290  4.585   10.244  1.00 38.34 ? 68  ARG A NH1   1 
ATOM   529  N  NH2   . ARG A 1 69  ? -7.051  4.436   10.682  1.00 40.62 ? 68  ARG A NH2   1 
ATOM   530  N  N     . ASP A 1 70  ? -4.782  11.898  10.690  1.00 46.86 ? 69  ASP A N     1 
ATOM   531  C  CA    . ASP A 1 70  ? -3.987  12.930  10.059  1.00 47.31 ? 69  ASP A CA    1 
ATOM   532  C  C     . ASP A 1 70  ? -2.533  12.820  10.498  1.00 45.30 ? 69  ASP A C     1 
ATOM   533  O  O     . ASP A 1 70  ? -1.635  12.933  9.670   1.00 45.08 ? 69  ASP A O     1 
ATOM   534  C  CB    . ASP A 1 70  ? -4.580  14.315  10.357  1.00 48.03 ? 69  ASP A CB    1 
ATOM   535  C  CG    . ASP A 1 70  ? -5.313  14.797  9.085   1.00 51.66 ? 69  ASP A CG    1 
ATOM   536  O  OD1   . ASP A 1 70  ? -6.354  14.203  8.500   1.00 52.05 ? 69  ASP A OD1   1 
ATOM   537  O  OD2   . ASP A 1 70  ? -5.107  16.041  8.797   1.00 57.97 ? 69  ASP A OD2   1 
ATOM   538  N  N     . GLN A 1 71  ? -2.333  12.548  11.792  1.00 47.19 ? 70  GLN A N     1 
ATOM   539  C  CA    . GLN A 1 71  ? -1.026  12.567  12.427  1.00 50.02 ? 70  GLN A CA    1 
ATOM   540  C  C     . GLN A 1 71  ? -0.098  11.498  11.841  1.00 50.74 ? 70  GLN A C     1 
ATOM   541  O  O     . GLN A 1 71  ? 0.991   11.830  11.365  1.00 46.83 ? 70  GLN A O     1 
ATOM   542  C  CB    . GLN A 1 71  ? -1.181  12.510  13.952  1.00 54.74 ? 70  GLN A CB    1 
ATOM   543  C  CG    . GLN A 1 71  ? 0.109   12.187  14.699  1.00 60.44 ? 70  GLN A CG    1 
ATOM   544  C  CD    . GLN A 1 71  ? 1.226   13.172  14.446  1.00 64.89 ? 70  GLN A CD    1 
ATOM   545  O  OE1   . GLN A 1 71  ? 1.012   14.309  14.028  1.00 71.16 ? 70  GLN A OE1   1 
ATOM   546  N  NE2   . GLN A 1 71  ? 2.448   12.741  14.706  1.00 66.91 ? 70  GLN A NE2   1 
ATOM   547  N  N     . TYR A 1 72  ? -0.513  10.219  11.893  1.00 49.58 ? 71  TYR A N     1 
ATOM   548  C  CA    . TYR A 1 72  ? 0.319   9.140   11.376  1.00 45.09 ? 71  TYR A CA    1 
ATOM   549  C  C     . TYR A 1 72  ? 0.378   9.212   9.850   1.00 46.03 ? 71  TYR A C     1 
ATOM   550  O  O     . TYR A 1 72  ? 1.421   8.940   9.250   1.00 46.45 ? 71  TYR A O     1 
ATOM   551  C  CB    . TYR A 1 72  ? -0.162  7.770   11.867  1.00 46.97 ? 71  TYR A CB    1 
ATOM   552  N  N     . MET A 1 73  ? -0.749  9.584   9.228   1.00 41.31 ? 72  MET A N     1 
ATOM   553  C  CA    . MET A 1 73  ? -0.781  9.832   7.797   1.00 42.03 ? 72  MET A CA    1 
ATOM   554  C  C     . MET A 1 73  ? 0.195   10.953  7.442   1.00 44.82 ? 72  MET A C     1 
ATOM   555  O  O     . MET A 1 73  ? 0.801   10.923  6.373   1.00 44.17 ? 72  MET A O     1 
ATOM   556  C  CB    . MET A 1 73  ? -2.192  10.198  7.324   1.00 41.35 ? 72  MET A CB    1 
ATOM   557  C  CG    . MET A 1 73  ? -3.217  9.083   7.512   1.00 41.56 ? 72  MET A CG    1 
ATOM   558  S  SD    . MET A 1 73  ? -2.851  7.536   6.600   1.00 40.29 ? 72  MET A SD    1 
ATOM   559  C  CE    . MET A 1 73  ? -2.787  8.163   4.926   1.00 39.68 ? 72  MET A CE    1 
ATOM   560  N  N     . ARG A 1 74  ? 0.386   11.909  8.364   1.00 41.29 ? 73  ARG A N     1 
ATOM   561  C  CA    . ARG A 1 74  ? 1.277   13.038  8.131   1.00 43.04 ? 73  ARG A CA    1 
ATOM   562  C  C     . ARG A 1 74  ? 2.749   12.616  8.140   1.00 39.93 ? 73  ARG A C     1 
ATOM   563  O  O     . ARG A 1 74  ? 3.544   13.162  7.380   1.00 43.20 ? 73  ARG A O     1 
ATOM   564  C  CB    . ARG A 1 74  ? 1.011   14.179  9.120   1.00 43.37 ? 73  ARG A CB    1 
ATOM   565  C  CG    . ARG A 1 74  ? 1.148   15.564  8.504   1.00 51.67 ? 73  ARG A CG    1 
ATOM   566  C  CD    . ARG A 1 74  ? 0.570   16.712  9.319   1.00 55.49 ? 73  ARG A CD    1 
ATOM   567  N  NE    . ARG A 1 74  ? -0.351  17.479  8.485   1.00 59.87 ? 73  ARG A NE    1 
ATOM   568  C  CZ    . ARG A 1 74  ? -1.671  17.566  8.657   1.00 58.79 ? 73  ARG A CZ    1 
ATOM   569  N  NH1   . ARG A 1 74  ? -2.391  18.273  7.805   1.00 56.23 ? 73  ARG A NH1   1 
ATOM   570  N  NH2   . ARG A 1 74  ? -2.271  16.959  9.669   1.00 55.09 ? 73  ARG A NH2   1 
ATOM   571  N  N     . THR A 1 75  ? 3.119   11.646  8.986   1.00 39.62 ? 74  THR A N     1 
ATOM   572  C  CA    . THR A 1 75  ? 4.520   11.258  9.113   1.00 39.77 ? 74  THR A CA    1 
ATOM   573  C  C     . THR A 1 75  ? 4.887   10.071  8.211   1.00 35.37 ? 74  THR A C     1 
ATOM   574  O  O     . THR A 1 75  ? 6.065   9.710   8.108   1.00 34.78 ? 74  THR A O     1 
ATOM   575  C  CB    . THR A 1 75  ? 4.915   11.003  10.575  1.00 38.69 ? 74  THR A CB    1 
ATOM   576  O  OG1   . THR A 1 75  ? 4.247   9.815   10.998  1.00 41.58 ? 74  THR A OG1   1 
ATOM   577  C  CG2   . THR A 1 75  ? 4.597   12.168  11.492  1.00 40.23 ? 74  THR A CG2   1 
ATOM   578  N  N     . GLY A 1 76  ? 3.881   9.445   7.586   1.00 28.90 ? 75  GLY A N     1 
ATOM   579  C  CA    . GLY A 1 76  ? 4.152   8.407   6.608   1.00 22.97 ? 75  GLY A CA    1 
ATOM   580  C  C     . GLY A 1 76  ? 4.918   8.992   5.429   1.00 20.66 ? 75  GLY A C     1 
ATOM   581  O  O     . GLY A 1 76  ? 4.601   10.088  4.965   1.00 19.08 ? 75  GLY A O     1 
ATOM   582  N  N     . GLU A 1 77  ? 5.929   8.258   4.949   1.00 18.38 ? 76  GLU A N     1 
ATOM   583  C  CA    . GLU A 1 77  ? 6.739   8.770   3.853   1.00 18.85 ? 76  GLU A CA    1 
ATOM   584  C  C     . GLU A 1 77  ? 6.284   8.202   2.513   1.00 17.16 ? 76  GLU A C     1 
ATOM   585  O  O     . GLU A 1 77  ? 6.534   8.801   1.475   1.00 17.03 ? 76  GLU A O     1 
ATOM   586  C  CB    . GLU A 1 77  ? 8.202   8.417   4.081   1.00 18.95 ? 76  GLU A CB    1 
ATOM   587  C  CG    . GLU A 1 77  ? 8.776   9.098   5.314   1.00 21.79 ? 76  GLU A CG    1 
ATOM   588  C  CD    . GLU A 1 77  ? 10.143  8.539   5.645   1.00 23.15 ? 76  GLU A CD    1 
ATOM   589  O  OE1   . GLU A 1 77  ? 10.204  7.393   6.130   1.00 23.36 ? 76  GLU A OE1   1 
ATOM   590  O  OE2   . GLU A 1 77  ? 11.134  9.230   5.366   1.00 26.40 ? 76  GLU A OE2   1 
ATOM   591  N  N     . GLY A 1 78  ? 5.652   7.031   2.550   1.00 16.02 ? 77  GLY A N     1 
ATOM   592  C  CA    . GLY A 1 78  ? 5.145   6.400   1.341   1.00 15.27 ? 77  GLY A CA    1 
ATOM   593  C  C     . GLY A 1 78  ? 3.899   5.566   1.630   1.00 14.35 ? 77  GLY A C     1 
ATOM   594  O  O     . GLY A 1 78  ? 3.735   5.051   2.731   1.00 13.82 ? 77  GLY A O     1 
ATOM   595  N  N     . PHE A 1 79  ? 3.049   5.418   0.616   1.00 13.97 ? 78  PHE A N     1 
ATOM   596  C  CA    . PHE A 1 79  ? 1.713   4.867   0.797   1.00 14.48 ? 78  PHE A CA    1 
ATOM   597  C  C     . PHE A 1 79  ? 1.482   3.796   -0.260  1.00 13.72 ? 78  PHE A C     1 
ATOM   598  O  O     . PHE A 1 79  ? 1.627   4.084   -1.451  1.00 13.13 ? 78  PHE A O     1 
ATOM   599  C  CB    . PHE A 1 79  ? 0.660   5.976   0.665   1.00 15.63 ? 78  PHE A CB    1 
ATOM   600  C  CG    . PHE A 1 79  ? 0.859   7.079   1.679   1.00 17.18 ? 78  PHE A CG    1 
ATOM   601  C  CD1   . PHE A 1 79  ? 1.717   8.136   1.425   1.00 17.48 ? 78  PHE A CD1   1 
ATOM   602  C  CD2   . PHE A 1 79  ? 0.221   7.023   2.910   1.00 18.15 ? 78  PHE A CD2   1 
ATOM   603  C  CE1   . PHE A 1 79  ? 1.959   9.108   2.384   1.00 18.82 ? 78  PHE A CE1   1 
ATOM   604  C  CE2   . PHE A 1 79  ? 0.463   7.992   3.876   1.00 18.73 ? 78  PHE A CE2   1 
ATOM   605  C  CZ    . PHE A 1 79  ? 1.322   9.034   3.606   1.00 19.36 ? 78  PHE A CZ    1 
ATOM   606  N  N     . LEU A 1 80  ? 1.131   2.579   0.194   1.00 13.06 ? 79  LEU A N     1 
ATOM   607  C  CA    . LEU A 1 80  ? 0.627   1.571   -0.719  1.00 13.22 ? 79  LEU A CA    1 
ATOM   608  C  C     . LEU A 1 80  ? -0.882  1.757   -0.797  1.00 14.19 ? 79  LEU A C     1 
ATOM   609  O  O     . LEU A 1 80  ? -1.565  1.589   0.209   1.00 15.21 ? 79  LEU A O     1 
ATOM   610  C  CB    . LEU A 1 80  ? 0.900   0.168   -0.179  1.00 14.78 ? 79  LEU A CB    1 
ATOM   611  C  CG    . LEU A 1 80  ? 2.250   -0.484  -0.403  1.00 17.60 ? 79  LEU A CG    1 
ATOM   612  C  CD1   . LEU A 1 80  ? 2.122   -1.972  -0.088  1.00 18.77 ? 79  LEU A CD1   1 
ATOM   613  C  CD2   . LEU A 1 80  ? 2.805   -0.280  -1.812  1.00 16.62 ? 79  LEU A CD2   1 
ATOM   614  N  N     . CYS A 1 81  ? -1.377  2.101   -1.991  1.00 13.93 ? 80  CYS A N     1 
ATOM   615  C  CA    . CYS A 1 81  ? -2.805  2.218   -2.212  1.00 13.37 ? 80  CYS A CA    1 
ATOM   616  C  C     . CYS A 1 81  ? -3.313  0.937   -2.843  1.00 12.84 ? 80  CYS A C     1 
ATOM   617  O  O     . CYS A 1 81  ? -2.980  0.657   -4.002  1.00 11.70 ? 80  CYS A O     1 
ATOM   618  C  CB    . CYS A 1 81  ? -3.119  3.454   -3.038  1.00 15.75 ? 80  CYS A CB    1 
ATOM   619  S  SG    . CYS A 1 81  ? -2.649  4.969   -2.164  1.00 19.04 ? 80  CYS A SG    1 
ATOM   620  N  N     . VAL A 1 82  ? -4.095  0.169   -2.057  1.00 11.09 ? 81  VAL A N     1 
ATOM   621  C  CA    . VAL A 1 82  ? -4.381  -1.208  -2.434  1.00 11.80 ? 81  VAL A CA    1 
ATOM   622  C  C     . VAL A 1 82  ? -5.851  -1.323  -2.799  1.00 10.67 ? 81  VAL A C     1 
ATOM   623  O  O     . VAL A 1 82  ? -6.709  -0.893  -2.044  1.00 10.83 ? 81  VAL A O     1 
ATOM   624  C  CB    . VAL A 1 82  ? -4.062  -2.226  -1.319  1.00 11.82 ? 81  VAL A CB    1 
ATOM   625  C  CG1   . VAL A 1 82  ? -4.259  -3.656  -1.796  1.00 12.07 ? 81  VAL A CG1   1 
ATOM   626  C  CG2   . VAL A 1 82  ? -2.675  -2.035  -0.693  1.00 12.02 ? 81  VAL A CG2   1 
ATOM   627  N  N     . PHE A 1 83  ? -6.110  -1.960  -3.940  1.00 11.08 ? 82  PHE A N     1 
ATOM   628  C  CA    . PHE A 1 83  ? -7.448  -2.398  -4.279  1.00 10.18 ? 82  PHE A CA    1 
ATOM   629  C  C     . PHE A 1 83  ? -7.322  -3.865  -4.669  1.00 10.18 ? 82  PHE A C     1 
ATOM   630  O  O     . PHE A 1 83  ? -6.199  -4.353  -4.866  1.00 9.01  ? 82  PHE A O     1 
ATOM   631  C  CB    . PHE A 1 83  ? -8.068  -1.520  -5.383  1.00 9.86  ? 82  PHE A CB    1 
ATOM   632  C  CG    . PHE A 1 83  ? -7.441  -1.730  -6.737  1.00 10.14 ? 82  PHE A CG    1 
ATOM   633  C  CD1   . PHE A 1 83  ? -6.281  -1.052  -7.091  1.00 9.96  ? 82  PHE A CD1   1 
ATOM   634  C  CD2   . PHE A 1 83  ? -7.989  -2.618  -7.656  1.00 10.64 ? 82  PHE A CD2   1 
ATOM   635  C  CE1   . PHE A 1 83  ? -5.690  -1.241  -8.338  1.00 10.38 ? 82  PHE A CE1   1 
ATOM   636  C  CE2   . PHE A 1 83  ? -7.383  -2.841  -8.889  1.00 10.77 ? 82  PHE A CE2   1 
ATOM   637  C  CZ    . PHE A 1 83  ? -6.246  -2.140  -9.233  1.00 10.41 ? 82  PHE A CZ    1 
ATOM   638  N  N     . ALA A 1 84  ? -8.472  -4.547  -4.755  1.00 9.33  ? 83  ALA A N     1 
ATOM   639  C  CA    . ALA A 1 84  ? -8.527  -5.919  -5.198  1.00 10.44 ? 83  ALA A CA    1 
ATOM   640  C  C     . ALA A 1 84  ? -9.122  -5.955  -6.601  1.00 10.79 ? 83  ALA A C     1 
ATOM   641  O  O     . ALA A 1 84  ? -10.112 -5.286  -6.860  1.00 12.08 ? 83  ALA A O     1 
ATOM   642  C  CB    . ALA A 1 84  ? -9.371  -6.708  -4.207  1.00 10.33 ? 83  ALA A CB    1 
ATOM   643  N  N     . ILE A 1 85  ? -8.582  -6.793  -7.479  1.00 10.62 ? 84  ILE A N     1 
ATOM   644  C  CA    . ILE A 1 85  ? -8.978  -6.794  -8.886  1.00 11.52 ? 84  ILE A CA    1 
ATOM   645  C  C     . ILE A 1 85  ? -10.374 -7.394  -9.091  1.00 11.56 ? 84  ILE A C     1 
ATOM   646  O  O     . ILE A 1 85  ? -10.928 -7.313  -10.187 1.00 11.88 ? 84  ILE A O     1 
ATOM   647  C  CB    . ILE A 1 85  ? -7.926  -7.544  -9.717  1.00 11.77 ? 84  ILE A CB    1 
ATOM   648  C  CG1   . ILE A 1 85  ? -7.831  -9.008  -9.274  1.00 12.96 ? 84  ILE A CG1   1 
ATOM   649  C  CG2   . ILE A 1 85  ? -6.574  -6.819  -9.603  1.00 12.88 ? 84  ILE A CG2   1 
ATOM   650  C  CD1   . ILE A 1 85  ? -7.087  -9.911  -10.223 1.00 13.07 ? 84  ILE A CD1   1 
ATOM   651  N  N     . ASN A 1 86  ? -10.940 -8.006  -8.041  1.00 11.71 ? 85  ASN A N     1 
ATOM   652  C  CA    . ASN A 1 86  ? -12.305 -8.506  -8.121  1.00 12.74 ? 85  ASN A CA    1 
ATOM   653  C  C     . ASN A 1 86  ? -13.229 -7.643  -7.263  1.00 12.36 ? 85  ASN A C     1 
ATOM   654  O  O     . ASN A 1 86  ? -14.279 -8.105  -6.807  1.00 12.59 ? 85  ASN A O     1 
ATOM   655  C  CB    . ASN A 1 86  ? -12.383 -9.971  -7.667  1.00 13.38 ? 85  ASN A CB    1 
ATOM   656  C  CG    . ASN A 1 86  ? -12.017 -10.110 -6.204  1.00 14.81 ? 85  ASN A CG    1 
ATOM   657  O  OD1   . ASN A 1 86  ? -11.317 -9.256  -5.633  1.00 15.61 ? 85  ASN A OD1   1 
ATOM   658  N  ND2   . ASN A 1 86  ? -12.518 -11.159 -5.578  1.00 15.40 ? 85  ASN A ND2   1 
ATOM   659  N  N     . ASN A 1 87  ? -12.828 -6.394  -7.009  1.00 12.53 ? 86  ASN A N     1 
ATOM   660  C  CA    . ASN A 1 87  ? -13.619 -5.506  -6.169  1.00 12.58 ? 86  ASN A CA    1 
ATOM   661  C  C     . ASN A 1 87  ? -13.616 -4.103  -6.767  1.00 12.07 ? 86  ASN A C     1 
ATOM   662  O  O     . ASN A 1 87  ? -12.770 -3.265  -6.434  1.00 12.22 ? 86  ASN A O     1 
ATOM   663  C  CB    . ASN A 1 87  ? -13.155 -5.540  -4.710  1.00 13.58 ? 86  ASN A CB    1 
ATOM   664  C  CG    . ASN A 1 87  ? -13.977 -4.697  -3.755  1.00 14.85 ? 86  ASN A CG    1 
ATOM   665  O  OD1   . ASN A 1 87  ? -14.727 -3.792  -4.144  1.00 16.00 ? 86  ASN A OD1   1 
ATOM   666  N  ND2   . ASN A 1 87  ? -13.803 -4.966  -2.474  1.00 17.93 ? 86  ASN A ND2   1 
ATOM   667  N  N     . THR A 1 88  ? -14.619 -3.862  -7.622  1.00 12.83 ? 87  THR A N     1 
ATOM   668  C  CA    . THR A 1 88  ? -14.677 -2.659  -8.423  1.00 12.28 ? 87  THR A CA    1 
ATOM   669  C  C     . THR A 1 88  ? -14.747 -1.442  -7.516  1.00 11.34 ? 87  THR A C     1 
ATOM   670  O  O     . THR A 1 88  ? -14.115 -0.424  -7.779  1.00 9.51  ? 87  THR A O     1 
ATOM   671  C  CB    . THR A 1 88  ? -15.890 -2.687  -9.353  1.00 14.72 ? 87  THR A CB    1 
ATOM   672  O  OG1   . THR A 1 88  ? -15.559 -3.641  -10.367 1.00 16.91 ? 87  THR A OG1   1 
ATOM   673  C  CG2   . THR A 1 88  ? -16.108 -1.325  -9.983  1.00 15.05 ? 87  THR A CG2   1 
ATOM   674  N  N     . LYS A 1 89  ? -15.541 -1.543  -6.443  1.00 13.09 ? 88  LYS A N     1 
ATOM   675  C  CA    . LYS A 1 89  ? -15.678 -0.415  -5.536  1.00 12.43 ? 88  LYS A CA    1 
ATOM   676  C  C     . LYS A 1 89  ? -14.345 -0.063  -4.852  1.00 11.90 ? 88  LYS A C     1 
ATOM   677  O  O     . LYS A 1 89  ? -14.057 1.123   -4.656  1.00 12.02 ? 88  LYS A O     1 
ATOM   678  C  CB    . LYS A 1 89  ? -16.791 -0.662  -4.510  1.00 15.14 ? 88  LYS A CB    1 
ATOM   679  C  CG    . LYS A 1 89  ? -16.897 0.441   -3.463  1.00 17.99 ? 88  LYS A CG    1 
ATOM   680  C  CD    . LYS A 1 89  ? -18.145 0.439   -2.611  1.00 21.94 ? 88  LYS A CD    1 
ATOM   681  C  CE    . LYS A 1 89  ? -18.394 1.814   -2.013  1.00 24.84 ? 88  LYS A CE    1 
ATOM   682  N  NZ    . LYS A 1 89  ? -17.246 2.324   -1.224  1.00 25.04 ? 88  LYS A NZ    1 
ATOM   683  N  N     . SER A 1 90  ? -13.573 -1.074  -4.427  1.00 10.60 ? 89  SER A N     1 
ATOM   684  C  CA    . SER A 1 90  ? -12.274 -0.821  -3.816  1.00 9.97  ? 89  SER A CA    1 
ATOM   685  C  C     . SER A 1 90  ? -11.356 -0.043  -4.760  1.00 10.12 ? 89  SER A C     1 
ATOM   686  O  O     . SER A 1 90  ? -10.563 0.772   -4.289  1.00 10.38 ? 89  SER A O     1 
ATOM   687  C  CB    . SER A 1 90  ? -11.595 -2.066  -3.296  1.00 10.01 ? 89  SER A CB    1 
ATOM   688  O  OG    . SER A 1 90  ? -10.984 -2.811  -4.344  1.00 9.48  ? 89  SER A OG    1 
ATOM   689  N  N     . PHE A 1 91  ? -11.500 -0.253  -6.073  1.00 9.87  ? 90  PHE A N     1 
ATOM   690  C  CA    . PHE A 1 91  ? -10.710 0.477   -7.058  1.00 10.49 ? 90  PHE A CA    1 
ATOM   691  C  C     . PHE A 1 91  ? -11.231 1.913   -7.168  1.00 10.62 ? 90  PHE A C     1 
ATOM   692  O  O     . PHE A 1 91  ? -10.474 2.887   -7.178  1.00 10.64 ? 90  PHE A O     1 
ATOM   693  C  CB    . PHE A 1 91  ? -10.764 -0.274  -8.399  1.00 10.38 ? 90  PHE A CB    1 
ATOM   694  C  CG    . PHE A 1 91  ? -10.096 0.435   -9.554  1.00 11.60 ? 90  PHE A CG    1 
ATOM   695  C  CD1   . PHE A 1 91  ? -8.716  0.541   -9.614  1.00 11.51 ? 90  PHE A CD1   1 
ATOM   696  C  CD2   . PHE A 1 91  ? -10.852 1.037   -10.559 1.00 12.62 ? 90  PHE A CD2   1 
ATOM   697  C  CE1   . PHE A 1 91  ? -8.091  1.203   -10.662 1.00 12.29 ? 90  PHE A CE1   1 
ATOM   698  C  CE2   . PHE A 1 91  ? -10.227 1.698   -11.613 1.00 13.70 ? 90  PHE A CE2   1 
ATOM   699  C  CZ    . PHE A 1 91  ? -8.840  1.776   -11.666 1.00 12.24 ? 90  PHE A CZ    1 
ATOM   700  N  N     . GLU A 1 92  ? -12.553 2.051   -7.190  1.00 11.97 ? 91  GLU A N     1 
ATOM   701  C  CA    . GLU A 1 92  ? -13.146 3.375   -7.263  1.00 13.65 ? 91  GLU A CA    1 
ATOM   702  C  C     . GLU A 1 92  ? -12.700 4.220   -6.067  1.00 13.52 ? 91  GLU A C     1 
ATOM   703  O  O     . GLU A 1 92  ? -12.448 5.406   -6.248  1.00 14.02 ? 91  GLU A O     1 
ATOM   704  C  CB    . GLU A 1 92  ? -14.666 3.265   -7.431  1.00 14.54 ? 91  GLU A CB    1 
ATOM   705  C  CG    . GLU A 1 92  ? -15.076 2.757   -8.801  1.00 14.39 ? 91  GLU A CG    1 
ATOM   706  C  CD    . GLU A 1 92  ? -16.504 2.239   -8.911  1.00 14.95 ? 91  GLU A CD    1 
ATOM   707  O  OE1   . GLU A 1 92  ? -17.179 2.174   -7.867  1.00 14.37 ? 91  GLU A OE1   1 
ATOM   708  O  OE2   . GLU A 1 92  ? -16.946 1.920   -10.069 1.00 15.12 ? 91  GLU A OE2   1 
ATOM   709  N  N     . ASP A 1 93  ? -12.591 3.603   -4.877  1.00 12.84 ? 92  ASP A N     1 
ATOM   710  C  CA    . ASP A 1 93  ? -12.235 4.268   -3.623  1.00 12.98 ? 92  ASP A CA    1 
ATOM   711  C  C     . ASP A 1 93  ? -10.823 4.870   -3.676  1.00 12.91 ? 92  ASP A C     1 
ATOM   712  O  O     . ASP A 1 93  ? -10.456 5.703   -2.834  1.00 11.65 ? 92  ASP A O     1 
ATOM   713  C  CB    . ASP A 1 93  ? -12.193 3.274   -2.455  1.00 14.77 ? 92  ASP A CB    1 
ATOM   714  C  CG    . ASP A 1 93  ? -13.541 2.796   -1.918  1.00 15.79 ? 92  ASP A CG    1 
ATOM   715  O  OD1   . ASP A 1 93  ? -14.567 3.415   -2.220  1.00 16.61 ? 92  ASP A OD1   1 
ATOM   716  O  OD2   . ASP A 1 93  ? -13.545 1.775   -1.217  1.00 19.80 ? 92  ASP A OD2   1 
ATOM   717  N  N     . ILE A 1 94  ? -10.001 4.418   -4.632  1.00 12.38 ? 93  ILE A N     1 
ATOM   718  C  CA    . ILE A 1 94  ? -8.637  4.924   -4.741  1.00 13.21 ? 93  ILE A CA    1 
ATOM   719  C  C     . ILE A 1 94  ? -8.628  6.437   -4.992  1.00 15.64 ? 93  ILE A C     1 
ATOM   720  O  O     . ILE A 1 94  ? -7.800  7.135   -4.417  1.00 16.03 ? 93  ILE A O     1 
ATOM   721  C  CB    . ILE A 1 94  ? -7.822  4.150   -5.805  1.00 12.72 ? 93  ILE A CB    1 
ATOM   722  C  CG1   . ILE A 1 94  ? -7.742  2.649   -5.501  1.00 12.23 ? 93  ILE A CG1   1 
ATOM   723  C  CG2   . ILE A 1 94  ? -6.431  4.743   -5.973  1.00 12.78 ? 93  ILE A CG2   1 
ATOM   724  C  CD1   . ILE A 1 94  ? -6.822  2.272   -4.352  1.00 12.07 ? 93  ILE A CD1   1 
ATOM   725  N  N     . HIS A 1 95  ? -9.549  6.956   -5.823  1.00 19.04 ? 94  HIS A N     1 
ATOM   726  C  CA    . HIS A 1 95  ? -9.616  8.400   -6.063  1.00 20.49 ? 94  HIS A CA    1 
ATOM   727  C  C     . HIS A 1 95  ? -9.625  9.123   -4.715  1.00 21.27 ? 94  HIS A C     1 
ATOM   728  O  O     . HIS A 1 95  ? -8.866  10.070  -4.505  1.00 21.35 ? 94  HIS A O     1 
ATOM   729  C  CB    . HIS A 1 95  ? -10.801 8.836   -6.970  1.00 22.74 ? 94  HIS A CB    1 
ATOM   730  C  CG    . HIS A 1 95  ? -10.897 8.212   -8.342  1.00 26.33 ? 94  HIS A CG    1 
ATOM   731  N  ND1   . HIS A 1 95  ? -11.746 7.136   -8.626  1.00 29.76 ? 94  HIS A ND1   1 
ATOM   732  C  CD2   . HIS A 1 95  ? -10.313 8.523   -9.529  1.00 26.58 ? 94  HIS A CD2   1 
ATOM   733  C  CE1   . HIS A 1 95  ? -11.632 6.789   -9.904  1.00 26.12 ? 94  HIS A CE1   1 
ATOM   734  N  NE2   . HIS A 1 95  ? -10.767 7.630   -10.481 1.00 27.59 ? 94  HIS A NE2   1 
ATOM   735  N  N     . HIS A 1 96  ? -10.436 8.612   -3.771  1.00 21.47 ? 95  HIS A N     1 
ATOM   736  C  CA    . HIS A 1 96  ? -10.657 9.230   -2.466  1.00 20.35 ? 95  HIS A CA    1 
ATOM   737  C  C     . HIS A 1 96  ? -9.422  9.144   -1.571  1.00 19.81 ? 95  HIS A C     1 
ATOM   738  O  O     . HIS A 1 96  ? -9.078  10.121  -0.913  1.00 18.81 ? 95  HIS A O     1 
ATOM   739  C  CB    . HIS A 1 96  ? -11.900 8.621   -1.799  1.00 20.01 ? 95  HIS A CB    1 
ATOM   740  C  CG    . HIS A 1 96  ? -12.045 8.926   -0.339  1.00 20.85 ? 95  HIS A CG    1 
ATOM   741  N  ND1   . HIS A 1 96  ? -12.722 10.046  0.115   1.00 21.81 ? 95  HIS A ND1   1 
ATOM   742  C  CD2   . HIS A 1 96  ? -11.633 8.260   0.762   1.00 20.93 ? 95  HIS A CD2   1 
ATOM   743  C  CE1   . HIS A 1 96  ? -12.713 10.065  1.443   1.00 21.86 ? 95  HIS A CE1   1 
ATOM   744  N  NE2   . HIS A 1 96  ? -12.058 8.973   1.864   1.00 21.63 ? 95  HIS A NE2   1 
ATOM   745  N  N     . TYR A 1 97  ? -8.756  7.978   -1.539  1.00 20.61 ? 96  TYR A N     1 
ATOM   746  C  CA    . TYR A 1 97  ? -7.540  7.808   -0.748  1.00 19.09 ? 96  TYR A CA    1 
ATOM   747  C  C     . TYR A 1 97  ? -6.417  8.710   -1.255  1.00 19.38 ? 96  TYR A C     1 
ATOM   748  O  O     . TYR A 1 97  ? -5.677  9.277   -0.456  1.00 17.21 ? 96  TYR A O     1 
ATOM   749  C  CB    . TYR A 1 97  ? -7.055  6.352   -0.700  1.00 19.55 ? 96  TYR A CB    1 
ATOM   750  C  CG    . TYR A 1 97  ? -7.934  5.444   0.119   1.00 19.90 ? 96  TYR A CG    1 
ATOM   751  C  CD1   . TYR A 1 97  ? -7.879  5.462   1.503   1.00 20.97 ? 96  TYR A CD1   1 
ATOM   752  C  CD2   . TYR A 1 97  ? -8.842  4.584   -0.488  1.00 19.79 ? 96  TYR A CD2   1 
ATOM   753  C  CE1   . TYR A 1 97  ? -8.700  4.646   2.265   1.00 22.11 ? 96  TYR A CE1   1 
ATOM   754  C  CE2   . TYR A 1 97  ? -9.665  3.754   0.263   1.00 21.07 ? 96  TYR A CE2   1 
ATOM   755  C  CZ    . TYR A 1 97  ? -9.602  3.795   1.648   1.00 22.38 ? 96  TYR A CZ    1 
ATOM   756  O  OH    . TYR A 1 97  ? -10.408 2.994   2.425   1.00 23.45 ? 96  TYR A OH    1 
ATOM   757  N  N     . ARG A 1 98  ? -6.274  8.855   -2.572  1.00 19.26 ? 97  ARG A N     1 
ATOM   758  C  CA    . ARG A 1 98  ? -5.198  9.708   -3.031  1.00 20.88 ? 97  ARG A CA    1 
ATOM   759  C  C     . ARG A 1 98  ? -5.522  11.171  -2.753  1.00 23.05 ? 97  ARG A C     1 
ATOM   760  O  O     . ARG A 1 98  ? -4.630  11.941  -2.414  1.00 22.97 ? 97  ARG A O     1 
ATOM   761  C  CB    . ARG A 1 98  ? -4.886  9.544   -4.513  1.00 23.09 ? 97  ARG A CB    1 
ATOM   762  C  CG    . ARG A 1 98  ? -3.550  10.193  -4.832  1.00 21.98 ? 97  ARG A CG    1 
ATOM   763  C  CD    . ARG A 1 98  ? -3.368  10.301  -6.311  1.00 24.40 ? 97  ARG A CD    1 
ATOM   764  N  NE    . ARG A 1 98  ? -2.467  11.363  -6.714  1.00 23.65 ? 97  ARG A NE    1 
ATOM   765  C  CZ    . ARG A 1 98  ? -1.138  11.321  -6.639  1.00 27.71 ? 97  ARG A CZ    1 
ATOM   766  N  NH1   . ARG A 1 98  ? -0.509  10.256  -6.148  1.00 26.66 ? 97  ARG A NH1   1 
ATOM   767  N  NH2   . ARG A 1 98  ? -0.442  12.360  -7.072  1.00 29.60 ? 97  ARG A NH2   1 
ATOM   768  N  N     . GLU A 1 99  ? -6.792  11.541  -2.946  1.00 24.50 ? 98  GLU A N     1 
ATOM   769  C  CA    . GLU A 1 99  ? -7.242  12.887  -2.649  1.00 25.86 ? 98  GLU A CA    1 
ATOM   770  C  C     . GLU A 1 99  ? -6.852  13.228  -1.214  1.00 25.35 ? 98  GLU A C     1 
ATOM   771  O  O     . GLU A 1 99  ? -6.315  14.308  -0.977  1.00 26.57 ? 98  GLU A O     1 
ATOM   772  C  CB    . GLU A 1 99  ? -8.745  13.049  -2.924  1.00 28.37 ? 98  GLU A CB    1 
ATOM   773  C  CG    . GLU A 1 99  ? -9.201  14.510  -2.910  1.00 31.61 ? 98  GLU A CG    1 
ATOM   774  C  CD    . GLU A 1 99  ? -10.693 14.800  -3.030  1.00 36.57 ? 98  GLU A CD    1 
ATOM   775  O  OE1   . GLU A 1 99  ? -11.116 15.880  -2.572  1.00 36.35 ? 98  GLU A OE1   1 
ATOM   776  O  OE2   . GLU A 1 99  ? -11.436 13.968  -3.599  1.00 38.80 ? 98  GLU A OE2   1 
ATOM   777  N  N     . GLN A 1 100 ? -7.122  12.297  -0.281  1.00 24.68 ? 99  GLN A N     1 
ATOM   778  C  CA    . GLN A 1 100 ? -6.933  12.534  1.145   1.00 25.05 ? 99  GLN A CA    1 
ATOM   779  C  C     . GLN A 1 100 ? -5.455  12.538  1.524   1.00 25.37 ? 99  GLN A C     1 
ATOM   780  O  O     . GLN A 1 100 ? -5.041  13.286  2.403   1.00 25.60 ? 99  GLN A O     1 
ATOM   781  C  CB    . GLN A 1 100 ? -7.733  11.534  1.987   1.00 24.82 ? 99  GLN A CB    1 
ATOM   782  C  CG    . GLN A 1 100 ? -9.237  11.770  1.905   1.00 27.31 ? 99  GLN A CG    1 
ATOM   783  C  CD    . GLN A 1 100 ? -9.604  13.178  2.314   1.00 27.89 ? 99  GLN A CD    1 
ATOM   784  O  OE1   . GLN A 1 100 ? -9.140  13.686  3.330   1.00 29.73 ? 99  GLN A OE1   1 
ATOM   785  N  NE2   . GLN A 1 100 ? -10.404 13.835  1.494   1.00 28.45 ? 99  GLN A NE2   1 
ATOM   786  N  N     . ILE A 1 101 ? -4.663  11.674  0.877   1.00 24.98 ? 100 ILE A N     1 
ATOM   787  C  CA    . ILE A 1 101 ? -3.235  11.650  1.134   1.00 24.07 ? 100 ILE A CA    1 
ATOM   788  C  C     . ILE A 1 101 ? -2.612  12.959  0.648   1.00 25.16 ? 100 ILE A C     1 
ATOM   789  O  O     . ILE A 1 101 ? -1.785  13.535  1.350   1.00 23.57 ? 100 ILE A O     1 
ATOM   790  C  CB    . ILE A 1 101 ? -2.580  10.385  0.526   1.00 22.26 ? 100 ILE A CB    1 
ATOM   791  C  CG1   . ILE A 1 101 ? -2.972  9.129   1.324   1.00 20.86 ? 100 ILE A CG1   1 
ATOM   792  C  CG2   . ILE A 1 101 ? -1.068  10.559  0.438   1.00 20.96 ? 100 ILE A CG2   1 
ATOM   793  C  CD1   . ILE A 1 101 ? -2.789  7.802   0.587   1.00 18.55 ? 100 ILE A CD1   1 
ATOM   794  N  N     . LYS A 1 102 ? -3.008  13.417  -0.546  1.00 28.52 ? 101 LYS A N     1 
ATOM   795  C  CA    . LYS A 1 102 ? -2.508  14.674  -1.088  1.00 32.16 ? 101 LYS A CA    1 
ATOM   796  C  C     . LYS A 1 102 ? -2.790  15.845  -0.138  1.00 34.34 ? 101 LYS A C     1 
ATOM   797  O  O     . LYS A 1 102 ? -1.933  16.706  0.046   1.00 33.30 ? 101 LYS A O     1 
ATOM   798  C  CB    . LYS A 1 102 ? -3.123  14.966  -2.457  1.00 34.20 ? 101 LYS A CB    1 
ATOM   799  C  CG    . LYS A 1 102 ? -2.432  14.295  -3.640  1.00 37.35 ? 101 LYS A CG    1 
ATOM   800  C  CD    . LYS A 1 102 ? -2.535  15.090  -4.934  1.00 41.33 ? 101 LYS A CD    1 
ATOM   801  C  CE    . LYS A 1 102 ? -3.954  15.410  -5.357  1.00 45.18 ? 101 LYS A CE    1 
ATOM   802  N  NZ    . LYS A 1 102 ? -3.998  16.251  -6.577  1.00 48.51 ? 101 LYS A NZ    1 
ATOM   803  N  N     . ARG A 1 103 ? -3.986  15.877  0.459   1.00 34.75 ? 102 ARG A N     1 
ATOM   804  C  CA    . ARG A 1 103 ? -4.411  16.991  1.297   1.00 37.07 ? 102 ARG A CA    1 
ATOM   805  C  C     . ARG A 1 103 ? -3.500  17.101  2.517   1.00 34.75 ? 102 ARG A C     1 
ATOM   806  O  O     . ARG A 1 103 ? -3.046  18.188  2.857   1.00 34.13 ? 102 ARG A O     1 
ATOM   807  C  CB    . ARG A 1 103 ? -5.884  16.846  1.702   1.00 39.27 ? 102 ARG A CB    1 
ATOM   808  C  CG    . ARG A 1 103 ? -6.357  17.891  2.707   1.00 41.66 ? 102 ARG A CG    1 
ATOM   809  C  CD    . ARG A 1 103 ? -7.701  17.646  3.382   1.00 42.63 ? 102 ARG A CD    1 
ATOM   810  N  NE    . ARG A 1 103 ? -7.824  16.370  4.091   1.00 45.06 ? 102 ARG A NE    1 
ATOM   811  C  CZ    . ARG A 1 103 ? -7.363  16.090  5.311   1.00 43.29 ? 102 ARG A CZ    1 
ATOM   812  N  NH1   . ARG A 1 103 ? -7.546  14.883  5.832   1.00 40.52 ? 102 ARG A NH1   1 
ATOM   813  N  NH2   . ARG A 1 103 ? -6.734  17.027  6.022   1.00 44.29 ? 102 ARG A NH2   1 
ATOM   814  N  N     . VAL A 1 104 ? -3.217  15.957  3.145   1.00 34.27 ? 103 VAL A N     1 
ATOM   815  C  CA    . VAL A 1 104 ? -2.471  15.895  4.390   1.00 36.57 ? 103 VAL A CA    1 
ATOM   816  C  C     . VAL A 1 104 ? -0.982  16.148  4.152   1.00 38.96 ? 103 VAL A C     1 
ATOM   817  O  O     . VAL A 1 104 ? -0.287  16.627  5.047   1.00 40.99 ? 103 VAL A O     1 
ATOM   818  C  CB    . VAL A 1 104 ? -2.693  14.544  5.094   1.00 38.92 ? 103 VAL A CB    1 
ATOM   819  C  CG1   . VAL A 1 104 ? -1.616  14.263  6.133   1.00 40.49 ? 103 VAL A CG1   1 
ATOM   820  C  CG2   . VAL A 1 104 ? -4.074  14.455  5.728   1.00 37.94 ? 103 VAL A CG2   1 
ATOM   821  N  N     . LYS A 1 105 ? -0.479  15.781  2.966   1.00 39.02 ? 104 LYS A N     1 
ATOM   822  C  CA    . LYS A 1 105 ? 0.939   15.930  2.686   1.00 36.93 ? 104 LYS A CA    1 
ATOM   823  C  C     . LYS A 1 105 ? 1.133   17.252  1.957   1.00 37.32 ? 104 LYS A C     1 
ATOM   824  O  O     . LYS A 1 105 ? 2.255   17.718  1.815   1.00 36.15 ? 104 LYS A O     1 
ATOM   825  C  CB    . LYS A 1 105 ? 1.483   14.781  1.826   1.00 33.35 ? 104 LYS A CB    1 
ATOM   826  C  CG    . LYS A 1 105 ? 1.445   13.395  2.458   1.00 34.48 ? 104 LYS A CG    1 
ATOM   827  C  CD    . LYS A 1 105 ? 2.286   13.269  3.698   1.00 33.69 ? 104 LYS A CD    1 
ATOM   828  C  CE    . LYS A 1 105 ? 3.710   12.838  3.426   1.00 31.50 ? 104 LYS A CE    1 
ATOM   829  N  NZ    . LYS A 1 105 ? 4.492   12.763  4.681   1.00 32.89 ? 104 LYS A NZ    1 
ATOM   830  N  N     . ASP A 1 106 ? 0.014   17.813  1.489   1.00 42.25 ? 105 ASP A N     1 
ATOM   831  C  CA    . ASP A 1 106 ? -0.035  19.070  0.758   1.00 48.63 ? 105 ASP A CA    1 
ATOM   832  C  C     . ASP A 1 106 ? 0.938   19.025  -0.423  1.00 49.76 ? 105 ASP A C     1 
ATOM   833  O  O     . ASP A 1 106 ? 1.839   19.858  -0.537  1.00 48.88 ? 105 ASP A O     1 
ATOM   834  C  CB    . ASP A 1 106 ? 0.122   20.262  1.709   1.00 51.55 ? 105 ASP A CB    1 
ATOM   835  C  CG    . ASP A 1 106 ? -0.703  21.477  1.316   1.00 54.17 ? 105 ASP A CG    1 
ATOM   836  O  OD1   . ASP A 1 106 ? -0.451  22.039  0.230   1.00 57.19 ? 105 ASP A OD1   1 
ATOM   837  O  OD2   . ASP A 1 106 ? -1.583  21.862  2.110   1.00 55.53 ? 105 ASP A OD2   1 
ATOM   838  N  N     . SER A 1 107 ? 0.720   18.041  -1.306  1.00 47.06 ? 106 SER A N     1 
ATOM   839  C  CA    . SER A 1 107 ? 1.592   17.803  -2.444  1.00 46.31 ? 106 SER A CA    1 
ATOM   840  C  C     . SER A 1 107 ? 0.899   16.892  -3.454  1.00 47.34 ? 106 SER A C     1 
ATOM   841  O  O     . SER A 1 107 ? 0.096   16.036  -3.086  1.00 46.15 ? 106 SER A O     1 
ATOM   842  C  CB    . SER A 1 107 ? 2.913   17.218  -2.002  1.00 42.75 ? 106 SER A CB    1 
ATOM   843  O  OG    . SER A 1 107 ? 3.835   17.260  -3.077  1.00 42.13 ? 106 SER A OG    1 
ATOM   844  N  N     . GLU A 1 108 ? 1.226   17.095  -4.733  1.00 46.91 ? 107 GLU A N     1 
ATOM   845  C  CA    . GLU A 1 108 ? 0.796   16.207  -5.798  1.00 46.36 ? 107 GLU A CA    1 
ATOM   846  C  C     . GLU A 1 108 ? 1.921   15.213  -6.068  1.00 41.83 ? 107 GLU A C     1 
ATOM   847  O  O     . GLU A 1 108 ? 1.810   14.348  -6.933  1.00 45.14 ? 107 GLU A O     1 
ATOM   848  C  CB    . GLU A 1 108 ? 0.426   17.023  -7.039  1.00 50.81 ? 107 GLU A CB    1 
ATOM   849  C  CG    . GLU A 1 108 ? -0.794  17.906  -6.833  1.00 57.90 ? 107 GLU A CG    1 
ATOM   850  C  CD    . GLU A 1 108 ? -1.715  18.027  -8.037  1.00 63.17 ? 107 GLU A CD    1 
ATOM   851  O  OE1   . GLU A 1 108 ? -2.133  19.167  -8.347  1.00 66.75 ? 107 GLU A OE1   1 
ATOM   852  O  OE2   . GLU A 1 108 ? -2.027  16.982  -8.655  1.00 62.75 ? 107 GLU A OE2   1 
ATOM   853  N  N     . ASP A 1 109 ? 2.999   15.354  -5.290  1.00 36.46 ? 108 ASP A N     1 
ATOM   854  C  CA    . ASP A 1 109 ? 4.222   14.581  -5.444  1.00 35.34 ? 108 ASP A CA    1 
ATOM   855  C  C     . ASP A 1 109 ? 4.533   13.817  -4.149  1.00 30.40 ? 108 ASP A C     1 
ATOM   856  O  O     . ASP A 1 109 ? 5.521   14.087  -3.467  1.00 32.31 ? 108 ASP A O     1 
ATOM   857  C  CB    . ASP A 1 109 ? 5.344   15.493  -5.942  1.00 39.43 ? 108 ASP A CB    1 
ATOM   858  C  CG    . ASP A 1 109 ? 6.650   14.766  -6.186  1.00 47.98 ? 108 ASP A CG    1 
ATOM   859  O  OD1   . ASP A 1 109 ? 6.596   13.613  -6.674  1.00 50.06 ? 108 ASP A OD1   1 
ATOM   860  O  OD2   . ASP A 1 109 ? 7.712   15.349  -5.870  1.00 51.82 ? 108 ASP A OD2   1 
ATOM   861  N  N     . VAL A 1 110 ? 3.676   12.843  -3.812  1.00 23.97 ? 109 VAL A N     1 
ATOM   862  C  CA    . VAL A 1 110 ? 3.849   12.004  -2.632  1.00 21.04 ? 109 VAL A CA    1 
ATOM   863  C  C     . VAL A 1 110 ? 4.261   10.599  -3.076  1.00 18.49 ? 109 VAL A C     1 
ATOM   864  O  O     . VAL A 1 110 ? 3.608   10.011  -3.935  1.00 16.39 ? 109 VAL A O     1 
ATOM   865  C  CB    . VAL A 1 110 ? 2.546   11.946  -1.806  1.00 21.14 ? 109 VAL A CB    1 
ATOM   866  C  CG1   . VAL A 1 110 ? 2.665   11.066  -0.576  1.00 19.86 ? 109 VAL A CG1   1 
ATOM   867  C  CG2   . VAL A 1 110 ? 2.050   13.340  -1.430  1.00 21.34 ? 109 VAL A CG2   1 
ATOM   868  N  N     . PRO A 1 111 ? 5.295   9.968   -2.471  1.00 15.98 ? 110 PRO A N     1 
ATOM   869  C  CA    . PRO A 1 111 ? 5.619   8.584   -2.802  1.00 14.17 ? 110 PRO A CA    1 
ATOM   870  C  C     . PRO A 1 111 ? 4.468   7.613   -2.532  1.00 14.26 ? 110 PRO A C     1 
ATOM   871  O  O     . PRO A 1 111 ? 3.957   7.502   -1.408  1.00 13.68 ? 110 PRO A O     1 
ATOM   872  C  CB    . PRO A 1 111 ? 6.870   8.250   -1.984  1.00 14.55 ? 110 PRO A CB    1 
ATOM   873  C  CG    . PRO A 1 111 ? 7.412   9.610   -1.581  1.00 14.98 ? 110 PRO A CG    1 
ATOM   874  C  CD    . PRO A 1 111 ? 6.220   10.544  -1.490  1.00 14.77 ? 110 PRO A CD    1 
ATOM   875  N  N     . MET A 1 112 ? 4.075   6.917   -3.606  1.00 12.46 ? 111 MET A N     1 
ATOM   876  C  CA    . MET A 1 112 ? 2.855   6.134   -3.618  1.00 12.81 ? 111 MET A CA    1 
ATOM   877  C  C     . MET A 1 112 ? 2.997   5.080   -4.702  1.00 11.83 ? 111 MET A C     1 
ATOM   878  O  O     . MET A 1 112 ? 3.583   5.345   -5.764  1.00 12.24 ? 111 MET A O     1 
ATOM   879  C  CB    . MET A 1 112 ? 1.662   7.050   -3.921  1.00 14.35 ? 111 MET A CB    1 
ATOM   880  C  CG    . MET A 1 112 ? 0.298   6.421   -3.818  1.00 17.45 ? 111 MET A CG    1 
ATOM   881  S  SD    . MET A 1 112 ? -0.901  7.784   -4.026  1.00 24.63 ? 111 MET A SD    1 
ATOM   882  C  CE    . MET A 1 112 ? -0.570  8.757   -2.570  1.00 18.30 ? 111 MET A CE    1 
ATOM   883  N  N     . VAL A 1 113 ? 2.481   3.888   -4.400  1.00 10.56 ? 112 VAL A N     1 
ATOM   884  C  CA    . VAL A 1 113 ? 2.405   2.797   -5.364  1.00 10.01 ? 112 VAL A CA    1 
ATOM   885  C  C     . VAL A 1 113 ? 0.959   2.309   -5.373  1.00 10.13 ? 112 VAL A C     1 
ATOM   886  O  O     . VAL A 1 113 ? 0.365   2.145   -4.306  1.00 10.97 ? 112 VAL A O     1 
ATOM   887  C  CB    . VAL A 1 113 ? 3.419   1.665   -5.063  1.00 10.09 ? 112 VAL A CB    1 
ATOM   888  C  CG1   . VAL A 1 113 ? 3.190   0.436   -5.933  1.00 9.80  ? 112 VAL A CG1   1 
ATOM   889  C  CG2   . VAL A 1 113 ? 4.865   2.117   -5.191  1.00 10.39 ? 112 VAL A CG2   1 
ATOM   890  N  N     . LEU A 1 114 ? 0.394   2.071   -6.575  1.00 9.51  ? 113 LEU A N     1 
ATOM   891  C  CA    . LEU A 1 114 ? -0.945  1.517   -6.655  1.00 9.24  ? 113 LEU A CA    1 
ATOM   892  C  C     . LEU A 1 114 ? -0.803  0.007   -6.750  1.00 9.39  ? 113 LEU A C     1 
ATOM   893  O  O     . LEU A 1 114 ? 0.007   -0.488  -7.531  1.00 10.72 ? 113 LEU A O     1 
ATOM   894  C  CB    . LEU A 1 114 ? -1.636  2.052   -7.918  1.00 9.43  ? 113 LEU A CB    1 
ATOM   895  C  CG    . LEU A 1 114 ? -3.057  1.541   -8.158  1.00 9.57  ? 113 LEU A CG    1 
ATOM   896  C  CD1   . LEU A 1 114 ? -4.015  2.085   -7.107  1.00 10.27 ? 113 LEU A CD1   1 
ATOM   897  C  CD2   . LEU A 1 114 ? -3.544  1.906   -9.551  1.00 9.29  ? 113 LEU A CD2   1 
ATOM   898  N  N     . VAL A 1 115 ? -1.543  -0.711  -5.900  1.00 9.57  ? 114 VAL A N     1 
ATOM   899  C  CA    . VAL A 1 115 ? -1.388  -2.152  -5.866  1.00 9.53  ? 114 VAL A CA    1 
ATOM   900  C  C     . VAL A 1 115 ? -2.740  -2.778  -6.188  1.00 10.29 ? 114 VAL A C     1 
ATOM   901  O  O     . VAL A 1 115 ? -3.726  -2.506  -5.507  1.00 11.99 ? 114 VAL A O     1 
ATOM   902  C  CB    . VAL A 1 115 ? -0.888  -2.590  -4.477  1.00 9.44  ? 114 VAL A CB    1 
ATOM   903  C  CG1   . VAL A 1 115 ? -0.826  -4.110  -4.372  1.00 10.95 ? 114 VAL A CG1   1 
ATOM   904  C  CG2   . VAL A 1 115 ? 0.475   -1.953  -4.168  1.00 9.37  ? 114 VAL A CG2   1 
ATOM   905  N  N     . GLY A 1 116 ? -2.753  -3.642  -7.205  1.00 10.78 ? 115 GLY A N     1 
ATOM   906  C  CA    . GLY A 1 116 ? -3.946  -4.405  -7.518  1.00 9.55  ? 115 GLY A CA    1 
ATOM   907  C  C     . GLY A 1 116 ? -3.756  -5.834  -7.012  1.00 9.68  ? 115 GLY A C     1 
ATOM   908  O  O     . GLY A 1 116 ? -2.969  -6.574  -7.593  1.00 9.56  ? 115 GLY A O     1 
ATOM   909  N  N     . ASN A 1 117 ? -4.446  -6.182  -5.916  1.00 9.61  ? 116 ASN A N     1 
ATOM   910  C  CA    . ASN A 1 117 ? -4.251  -7.444  -5.207  1.00 10.55 ? 116 ASN A CA    1 
ATOM   911  C  C     . ASN A 1 117 ? -5.268  -8.491  -5.676  1.00 11.00 ? 116 ASN A C     1 
ATOM   912  O  O     . ASN A 1 117 ? -6.294  -8.158  -6.285  1.00 11.45 ? 116 ASN A O     1 
ATOM   913  C  CB    . ASN A 1 117 ? -4.366  -7.242  -3.683  1.00 10.93 ? 116 ASN A CB    1 
ATOM   914  C  CG    . ASN A 1 117 ? -3.844  -8.409  -2.859  1.00 12.12 ? 116 ASN A CG    1 
ATOM   915  O  OD1   . ASN A 1 117 ? -2.838  -9.028  -3.214  1.00 13.06 ? 116 ASN A OD1   1 
ATOM   916  N  ND2   . ASN A 1 117 ? -4.532  -8.731  -1.763  1.00 12.25 ? 116 ASN A ND2   1 
ATOM   917  N  N     . LYS A 1 118 ? -4.961  -9.755  -5.332  1.00 11.62 ? 117 LYS A N     1 
ATOM   918  C  CA    . LYS A 1 118 ? -5.735  -10.958 -5.610  1.00 12.27 ? 117 LYS A CA    1 
ATOM   919  C  C     . LYS A 1 118 ? -5.664  -11.326 -7.088  1.00 12.12 ? 117 LYS A C     1 
ATOM   920  O  O     . LYS A 1 118 ? -6.665  -11.805 -7.660  1.00 12.03 ? 117 LYS A O     1 
ATOM   921  C  CB    . LYS A 1 118 ? -7.187  -10.857 -5.121  1.00 12.16 ? 117 LYS A CB    1 
ATOM   922  C  CG    . LYS A 1 118 ? -7.374  -10.198 -3.766  1.00 12.27 ? 117 LYS A CG    1 
ATOM   923  C  CD    . LYS A 1 118 ? -8.730  -10.536 -3.121  1.00 13.13 ? 117 LYS A CD    1 
ATOM   924  C  CE    . LYS A 1 118 ? -8.882  -10.008 -1.709  1.00 14.11 ? 117 LYS A CE    1 
ATOM   925  N  NZ    . LYS A 1 118 ? -10.175 -10.413 -1.105  1.00 15.93 ? 117 LYS A NZ    1 
ATOM   926  N  N     . SER A 1 119 ? -4.470  -11.167 -7.691  1.00 13.36 ? 118 SER A N     1 
ATOM   927  C  CA    . SER A 1 119 ? -4.295  -11.484 -9.106  1.00 15.12 ? 118 SER A CA    1 
ATOM   928  C  C     . SER A 1 119 ? -4.518  -12.976 -9.385  1.00 15.66 ? 118 SER A C     1 
ATOM   929  O  O     . SER A 1 119 ? -4.697  -13.371 -10.537 1.00 16.05 ? 118 SER A O     1 
ATOM   930  C  CB    . SER A 1 119 ? -2.937  -11.069 -9.609  1.00 14.92 ? 118 SER A CB    1 
ATOM   931  O  OG    . SER A 1 119 ? -1.921  -11.852 -8.978  1.00 16.17 ? 118 SER A OG    1 
ATOM   932  N  N     . ASP A 1 120 ? -4.514  -13.817 -8.339  1.00 16.58 ? 119 ASP A N     1 
ATOM   933  C  CA    . ASP A 1 120 ? -4.731  -15.251 -8.512  1.00 17.46 ? 119 ASP A CA    1 
ATOM   934  C  C     . ASP A 1 120 ? -6.207  -15.577 -8.742  1.00 18.53 ? 119 ASP A C     1 
ATOM   935  O  O     . ASP A 1 120 ? -6.565  -16.720 -9.032  1.00 18.23 ? 119 ASP A O     1 
ATOM   936  C  CB    . ASP A 1 120 ? -4.355  -16.003 -7.235  1.00 17.32 ? 119 ASP A CB    1 
ATOM   937  C  CG    . ASP A 1 120 ? -5.074  -15.499 -5.992  1.00 18.13 ? 119 ASP A CG    1 
ATOM   938  O  OD1   . ASP A 1 120 ? -4.654  -14.407 -5.451  1.00 17.98 ? 119 ASP A OD1   1 
ATOM   939  O  OD2   . ASP A 1 120 ? -6.007  -16.225 -5.518  1.00 16.80 ? 119 ASP A OD2   1 
ATOM   940  N  N     . LEU A 1 121 ? -7.089  -14.607 -8.520  1.00 18.24 ? 120 LEU A N     1 
ATOM   941  C  CA    . LEU A 1 121 ? -8.502  -14.932 -8.634  1.00 18.11 ? 120 LEU A CA    1 
ATOM   942  C  C     . LEU A 1 121 ? -8.927  -14.806 -10.092 1.00 19.96 ? 120 LEU A C     1 
ATOM   943  O  O     . LEU A 1 121 ? -8.442  -13.947 -10.815 1.00 22.83 ? 120 LEU A O     1 
ATOM   944  C  CB    . LEU A 1 121 ? -9.329  -14.063 -7.678  1.00 16.97 ? 120 LEU A CB    1 
ATOM   945  C  CG    . LEU A 1 121 ? -9.218  -14.463 -6.205  1.00 15.45 ? 120 LEU A CG    1 
ATOM   946  C  CD1   . LEU A 1 121 ? -10.055 -13.551 -5.320  1.00 16.46 ? 120 LEU A CD1   1 
ATOM   947  C  CD2   . LEU A 1 121 ? -9.607  -15.917 -5.983  1.00 16.43 ? 120 LEU A CD2   1 
ATOM   948  N  N     . PRO A 1 122 ? -9.828  -15.682 -10.584 1.00 20.19 ? 121 PRO A N     1 
ATOM   949  C  CA    . PRO A 1 122 ? -10.321 -15.585 -11.964 1.00 22.21 ? 121 PRO A CA    1 
ATOM   950  C  C     . PRO A 1 122 ? -11.339 -14.465 -12.182 1.00 23.42 ? 121 PRO A C     1 
ATOM   951  O  O     . PRO A 1 122 ? -12.010 -14.032 -11.243 1.00 26.96 ? 121 PRO A O     1 
ATOM   952  C  CB    . PRO A 1 122 ? -10.987 -16.957 -12.185 1.00 20.35 ? 121 PRO A CB    1 
ATOM   953  C  CG    . PRO A 1 122 ? -11.442 -17.387 -10.790 1.00 21.30 ? 121 PRO A CG    1 
ATOM   954  C  CD    . PRO A 1 122 ? -10.430 -16.795 -9.822  1.00 21.13 ? 121 PRO A CD    1 
ATOM   955  N  N     . SER A 1 123 ? -11.408 -13.993 -13.433 1.00 25.89 ? 122 SER A N     1 
ATOM   956  C  CA    . SER A 1 123 ? -12.454 -13.109 -13.934 1.00 25.98 ? 122 SER A CA    1 
ATOM   957  C  C     . SER A 1 123 ? -12.486 -11.771 -13.189 1.00 27.81 ? 122 SER A C     1 
ATOM   958  O  O     . SER A 1 123 ? -13.534 -11.322 -12.715 1.00 29.61 ? 122 SER A O     1 
ATOM   959  C  CB    . SER A 1 123 ? -13.790 -13.804 -13.916 1.00 25.19 ? 122 SER A CB    1 
ATOM   960  O  OG    . SER A 1 123 ? -14.578 -13.324 -14.983 1.00 30.90 ? 122 SER A OG    1 
ATOM   961  N  N     . ARG A 1 124 ? -11.323 -11.123 -13.121 1.00 25.03 ? 123 ARG A N     1 
ATOM   962  C  CA    . ARG A 1 124 ? -11.195 -9.795  -12.561 1.00 23.43 ? 123 ARG A CA    1 
ATOM   963  C  C     . ARG A 1 124 ? -12.295 -8.868  -13.090 1.00 24.24 ? 123 ARG A C     1 
ATOM   964  O  O     . ARG A 1 124 ? -12.707 -8.987  -14.252 1.00 25.11 ? 123 ARG A O     1 
ATOM   965  C  CB    . ARG A 1 124 ? -9.801  -9.275  -12.923 1.00 23.04 ? 123 ARG A CB    1 
ATOM   966  C  CG    . ARG A 1 124 ? -9.563  -9.102  -14.418 1.00 24.60 ? 123 ARG A CG    1 
ATOM   967  C  CD    . ARG A 1 124 ? -8.090  -9.070  -14.736 1.00 23.10 ? 123 ARG A CD    1 
ATOM   968  N  NE    . ARG A 1 124 ? -7.500  -7.900  -14.102 1.00 26.13 ? 123 ARG A NE    1 
ATOM   969  C  CZ    . ARG A 1 124 ? -6.228  -7.787  -13.777 1.00 26.10 ? 123 ARG A CZ    1 
ATOM   970  N  NH1   . ARG A 1 124 ? -5.396  -8.794  -13.995 1.00 26.04 ? 123 ARG A NH1   1 
ATOM   971  N  NH2   . ARG A 1 124 ? -5.796  -6.680  -13.204 1.00 27.41 ? 123 ARG A NH2   1 
ATOM   972  N  N     . THR A 1 125 ? -12.712 -7.900  -12.253 1.00 21.50 ? 124 THR A N     1 
ATOM   973  C  CA    . THR A 1 125 ? -13.704 -6.899  -12.632 1.00 18.16 ? 124 THR A CA    1 
ATOM   974  C  C     . THR A 1 125 ? -13.073 -5.539  -12.921 1.00 17.49 ? 124 THR A C     1 
ATOM   975  O  O     . THR A 1 125 ? -13.760 -4.641  -13.412 1.00 15.49 ? 124 THR A O     1 
ATOM   976  C  CB    . THR A 1 125 ? -14.826 -6.772  -11.592 1.00 19.84 ? 124 THR A CB    1 
ATOM   977  O  OG1   . THR A 1 125 ? -14.240 -6.619  -10.293 1.00 19.81 ? 124 THR A OG1   1 
ATOM   978  C  CG2   . THR A 1 125 ? -15.759 -7.968  -11.599 1.00 16.25 ? 124 THR A CG2   1 
ATOM   979  N  N     . VAL A 1 126 ? -11.802 -5.381  -12.521 1.00 16.73 ? 125 VAL A N     1 
ATOM   980  C  CA    . VAL A 1 126 ? -10.970 -4.224  -12.811 1.00 18.03 ? 125 VAL A CA    1 
ATOM   981  C  C     . VAL A 1 126 ? -9.869  -4.707  -13.743 1.00 18.10 ? 125 VAL A C     1 
ATOM   982  O  O     . VAL A 1 126 ? -9.025  -5.489  -13.322 1.00 19.22 ? 125 VAL A O     1 
ATOM   983  C  CB    . VAL A 1 126 ? -10.335 -3.613  -11.543 1.00 17.66 ? 125 VAL A CB    1 
ATOM   984  C  CG1   . VAL A 1 126 ? -9.459  -2.421  -11.914 1.00 16.96 ? 125 VAL A CG1   1 
ATOM   985  C  CG2   . VAL A 1 126 ? -11.382 -3.220  -10.501 1.00 15.74 ? 125 VAL A CG2   1 
ATOM   986  N  N     . ASP A 1 127 ? -9.874  -4.245  -14.993 1.00 20.59 ? 126 ASP A N     1 
ATOM   987  C  CA    . ASP A 1 127 ? -8.872  -4.754  -15.917 1.00 24.81 ? 126 ASP A CA    1 
ATOM   988  C  C     . ASP A 1 127 ? -7.559  -3.988  -15.769 1.00 22.76 ? 126 ASP A C     1 
ATOM   989  O  O     . ASP A 1 127 ? -7.506  -2.917  -15.160 1.00 20.94 ? 126 ASP A O     1 
ATOM   990  C  CB    . ASP A 1 127 ? -9.412  -4.927  -17.343 1.00 30.51 ? 126 ASP A CB    1 
ATOM   991  C  CG    . ASP A 1 127 ? -9.933  -3.651  -17.971 1.00 37.35 ? 126 ASP A CG    1 
ATOM   992  O  OD1   . ASP A 1 127 ? -9.469  -2.567  -17.564 1.00 40.40 ? 126 ASP A OD1   1 
ATOM   993  O  OD2   . ASP A 1 127 ? -10.801 -3.753  -18.870 1.00 42.10 ? 126 ASP A OD2   1 
ATOM   994  N  N     . THR A 1 128 ? -6.487  -4.573  -16.315 1.00 24.00 ? 127 THR A N     1 
ATOM   995  C  CA    . THR A 1 128 ? -5.146  -4.028  -16.166 1.00 24.02 ? 127 THR A CA    1 
ATOM   996  C  C     . THR A 1 128 ? -5.090  -2.612  -16.750 1.00 21.05 ? 127 THR A C     1 
ATOM   997  O  O     . THR A 1 128 ? -4.434  -1.741  -16.191 1.00 18.57 ? 127 THR A O     1 
ATOM   998  C  CB    . THR A 1 128 ? -4.089  -5.027  -16.666 1.00 30.97 ? 127 THR A CB    1 
ATOM   999  O  OG1   . THR A 1 128 ? -4.209  -6.211  -15.870 1.00 34.21 ? 127 THR A OG1   1 
ATOM   1000 C  CG2   . THR A 1 128 ? -2.665  -4.521  -16.563 1.00 32.64 ? 127 THR A CG2   1 
ATOM   1001 N  N     . LYS A 1 129 ? -5.816  -2.376  -17.843 1.00 19.63 ? 128 LYS A N     1 
ATOM   1002 C  CA    . LYS A 1 129 ? -5.795  -1.086  -18.517 1.00 21.77 ? 128 LYS A CA    1 
ATOM   1003 C  C     . LYS A 1 129 ? -6.331  0.016   -17.590 1.00 19.97 ? 128 LYS A C     1 
ATOM   1004 O  O     . LYS A 1 129 ? -5.803  1.126   -17.536 1.00 20.58 ? 128 LYS A O     1 
ATOM   1005 C  CB    . LYS A 1 129 ? -6.556  -1.180  -19.848 1.00 26.34 ? 128 LYS A CB    1 
ATOM   1006 C  CG    . LYS A 1 129 ? -6.863  0.153   -20.518 1.00 31.63 ? 128 LYS A CG    1 
ATOM   1007 C  CD    . LYS A 1 129 ? -6.571  0.193   -22.019 1.00 33.94 ? 128 LYS A CD    1 
ATOM   1008 C  CE    . LYS A 1 129 ? -7.460  1.161   -22.779 1.00 37.35 ? 128 LYS A CE    1 
ATOM   1009 N  NZ    . LYS A 1 129 ? -7.570  2.482   -22.108 1.00 43.01 ? 128 LYS A NZ    1 
ATOM   1010 N  N     . GLN A 1 130 ? -7.427  -0.280  -16.901 1.00 19.77 ? 129 GLN A N     1 
ATOM   1011 C  CA    . GLN A 1 130 ? -8.016  0.609   -15.916 1.00 19.39 ? 129 GLN A CA    1 
ATOM   1012 C  C     . GLN A 1 130 ? -6.969  1.003   -14.858 1.00 16.55 ? 129 GLN A C     1 
ATOM   1013 O  O     . GLN A 1 130 ? -6.808  2.186   -14.562 1.00 15.44 ? 129 GLN A O     1 
ATOM   1014 C  CB    . GLN A 1 130 ? -9.226  -0.090  -15.280 1.00 21.00 ? 129 GLN A CB    1 
ATOM   1015 C  CG    . GLN A 1 130 ? -10.417 -0.252  -16.224 1.00 24.02 ? 129 GLN A CG    1 
ATOM   1016 C  CD    . GLN A 1 130 ? -11.544 -0.975  -15.530 1.00 24.83 ? 129 GLN A CD    1 
ATOM   1017 O  OE1   . GLN A 1 130 ? -11.541 -2.198  -15.396 1.00 27.09 ? 129 GLN A OE1   1 
ATOM   1018 N  NE2   . GLN A 1 130 ? -12.502 -0.211  -15.042 1.00 22.44 ? 129 GLN A NE2   1 
ATOM   1019 N  N     . ALA A 1 131 ? -6.245  0.014   -14.324 1.00 15.25 ? 130 ALA A N     1 
ATOM   1020 C  CA    . ALA A 1 131 ? -5.276  0.241   -13.254 1.00 15.50 ? 130 ALA A CA    1 
ATOM   1021 C  C     . ALA A 1 131 ? -4.085  1.025   -13.804 1.00 15.47 ? 130 ALA A C     1 
ATOM   1022 O  O     . ALA A 1 131 ? -3.612  1.948   -13.142 1.00 14.25 ? 130 ALA A O     1 
ATOM   1023 C  CB    . ALA A 1 131 ? -4.830  -1.079  -12.644 1.00 14.84 ? 130 ALA A CB    1 
ATOM   1024 N  N     . GLN A 1 132 ? -3.615  0.658   -15.014 1.00 15.24 ? 131 GLN A N     1 
ATOM   1025 C  CA    . GLN A 1 132 ? -2.507  1.383   -15.635 1.00 17.47 ? 131 GLN A CA    1 
ATOM   1026 C  C     . GLN A 1 132 ? -2.888  2.836   -15.916 1.00 16.35 ? 131 GLN A C     1 
ATOM   1027 O  O     . GLN A 1 132 ? -2.103  3.742   -15.625 1.00 15.67 ? 131 GLN A O     1 
ATOM   1028 C  CB    . GLN A 1 132 ? -1.965  0.700   -16.898 1.00 18.67 ? 131 GLN A CB    1 
ATOM   1029 C  CG    . GLN A 1 132 ? -1.313  -0.645  -16.615 1.00 24.12 ? 131 GLN A CG    1 
ATOM   1030 C  CD    . GLN A 1 132 ? -0.004  -0.581  -15.863 1.00 27.05 ? 131 GLN A CD    1 
ATOM   1031 O  OE1   . GLN A 1 132 ? 0.533   0.501   -15.589 1.00 25.62 ? 131 GLN A OE1   1 
ATOM   1032 N  NE2   . GLN A 1 132 ? 0.528   -1.754  -15.519 1.00 28.66 ? 131 GLN A NE2   1 
ATOM   1033 N  N     . ASP A 1 133 ? -4.094  3.066   -16.471 1.00 16.60 ? 132 ASP A N     1 
ATOM   1034 C  CA    . ASP A 1 133 ? -4.482  4.423   -16.806 1.00 16.63 ? 132 ASP A CA    1 
ATOM   1035 C  C     . ASP A 1 133 ? -4.493  5.294   -15.548 1.00 15.68 ? 132 ASP A C     1 
ATOM   1036 O  O     . ASP A 1 133 ? -4.070  6.444   -15.602 1.00 14.85 ? 132 ASP A O     1 
ATOM   1037 C  CB    . ASP A 1 133 ? -5.824  4.488   -17.548 1.00 20.26 ? 132 ASP A CB    1 
ATOM   1038 C  CG    . ASP A 1 133 ? -5.762  4.067   -19.008 1.00 22.94 ? 132 ASP A CG    1 
ATOM   1039 O  OD1   . ASP A 1 133 ? -4.672  3.687   -19.472 1.00 24.31 ? 132 ASP A OD1   1 
ATOM   1040 O  OD2   . ASP A 1 133 ? -6.828  4.110   -19.665 1.00 24.99 ? 132 ASP A OD2   1 
ATOM   1041 N  N     . LEU A 1 134 ? -4.990  4.744   -14.429 1.00 14.00 ? 133 LEU A N     1 
ATOM   1042 C  CA    . LEU A 1 134 ? -5.057  5.475   -13.163 1.00 13.17 ? 133 LEU A CA    1 
ATOM   1043 C  C     . LEU A 1 134 ? -3.651  5.757   -12.620 1.00 12.52 ? 133 LEU A C     1 
ATOM   1044 O  O     . LEU A 1 134 ? -3.352  6.881   -12.248 1.00 11.73 ? 133 LEU A O     1 
ATOM   1045 C  CB    . LEU A 1 134 ? -5.903  4.723   -12.122 1.00 14.10 ? 133 LEU A CB    1 
ATOM   1046 C  CG    . LEU A 1 134 ? -6.184  5.496   -10.827 1.00 14.97 ? 133 LEU A CG    1 
ATOM   1047 C  CD1   . LEU A 1 134 ? -7.147  6.669   -11.046 1.00 16.08 ? 133 LEU A CD1   1 
ATOM   1048 C  CD2   . LEU A 1 134 ? -6.732  4.579   -9.738  1.00 15.45 ? 133 LEU A CD2   1 
ATOM   1049 N  N     . ALA A 1 135 ? -2.794  4.731   -12.574 1.00 12.44 ? 134 ALA A N     1 
ATOM   1050 C  CA    . ALA A 1 135 ? -1.436  4.962   -12.102 1.00 11.68 ? 134 ALA A CA    1 
ATOM   1051 C  C     . ALA A 1 135 ? -0.728  6.013   -12.969 1.00 11.97 ? 134 ALA A C     1 
ATOM   1052 O  O     . ALA A 1 135 ? -0.001  6.858   -12.471 1.00 12.29 ? 134 ALA A O     1 
ATOM   1053 C  CB    . ALA A 1 135 ? -0.673  3.664   -12.046 1.00 11.15 ? 134 ALA A CB    1 
ATOM   1054 N  N     . ARG A 1 136 ? -0.926  5.951   -14.286 1.00 11.32 ? 135 ARG A N     1 
ATOM   1055 C  CA    . ARG A 1 136 ? -0.287  6.889   -15.196 1.00 12.81 ? 135 ARG A CA    1 
ATOM   1056 C  C     . ARG A 1 136 ? -0.786  8.307   -14.936 1.00 13.09 ? 135 ARG A C     1 
ATOM   1057 O  O     . ARG A 1 136 ? -0.010  9.256   -14.942 1.00 12.53 ? 135 ARG A O     1 
ATOM   1058 C  CB    . ARG A 1 136 ? -0.483  6.413   -16.643 1.00 15.03 ? 135 ARG A CB    1 
ATOM   1059 C  CG    . ARG A 1 136 ? 0.090   7.363   -17.691 1.00 19.94 ? 135 ARG A CG    1 
ATOM   1060 C  CD    . ARG A 1 136 ? 0.174   6.699   -19.058 1.00 21.31 ? 135 ARG A CD    1 
ATOM   1061 N  NE    . ARG A 1 136 ? -1.148  6.839   -19.647 1.00 28.39 ? 135 ARG A NE    1 
ATOM   1062 C  CZ    . ARG A 1 136 ? -2.011  5.848   -19.874 1.00 30.98 ? 135 ARG A CZ    1 
ATOM   1063 N  NH1   . ARG A 1 136 ? -1.713  4.594   -19.560 1.00 27.33 ? 135 ARG A NH1   1 
ATOM   1064 N  NH2   . ARG A 1 136 ? -3.183  6.128   -20.421 1.00 34.80 ? 135 ARG A NH2   1 
ATOM   1065 N  N     . SER A 1 137 ? -2.093  8.452   -14.707 1.00 13.18 ? 136 SER A N     1 
ATOM   1066 C  CA    . SER A 1 137 ? -2.635  9.772   -14.435 1.00 14.74 ? 136 SER A CA    1 
ATOM   1067 C  C     . SER A 1 137 ? -1.971  10.365  -13.190 1.00 14.66 ? 136 SER A C     1 
ATOM   1068 O  O     . SER A 1 137 ? -1.644  11.551  -13.180 1.00 17.34 ? 136 SER A O     1 
ATOM   1069 C  CB    . SER A 1 137 ? -4.147  9.751   -14.346 1.00 15.80 ? 136 SER A CB    1 
ATOM   1070 O  OG    . SER A 1 137 ? -4.671  10.955  -13.768 1.00 17.33 ? 136 SER A OG    1 
ATOM   1071 N  N     . TYR A 1 138 ? -1.757  9.543   -12.154 1.00 13.00 ? 137 TYR A N     1 
ATOM   1072 C  CA    . TYR A 1 138 ? -1.172  10.004  -10.899 1.00 13.47 ? 137 TYR A CA    1 
ATOM   1073 C  C     . TYR A 1 138 ? 0.350   10.125  -10.946 1.00 13.90 ? 137 TYR A C     1 
ATOM   1074 O  O     . TYR A 1 138 ? 0.935   10.602  -9.982  1.00 13.99 ? 137 TYR A O     1 
ATOM   1075 C  CB    . TYR A 1 138 ? -1.449  8.996   -9.784  1.00 13.74 ? 137 TYR A CB    1 
ATOM   1076 C  CG    . TYR A 1 138 ? -2.891  8.870   -9.384  1.00 14.47 ? 137 TYR A CG    1 
ATOM   1077 C  CD1   . TYR A 1 138 ? -3.827  9.850   -9.712  1.00 14.96 ? 137 TYR A CD1   1 
ATOM   1078 C  CD2   . TYR A 1 138 ? -3.325  7.766   -8.649  1.00 13.70 ? 137 TYR A CD2   1 
ATOM   1079 C  CE1   . TYR A 1 138 ? -5.163  9.703   -9.355  1.00 15.72 ? 137 TYR A CE1   1 
ATOM   1080 C  CE2   . TYR A 1 138 ? -4.648  7.639   -8.253  1.00 14.36 ? 137 TYR A CE2   1 
ATOM   1081 C  CZ    . TYR A 1 138 ? -5.569  8.612   -8.599  1.00 16.02 ? 137 TYR A CZ    1 
ATOM   1082 O  OH    . TYR A 1 138 ? -6.881  8.457   -8.222  1.00 16.46 ? 137 TYR A OH    1 
ATOM   1083 N  N     . GLY A 1 139 ? 0.997   9.588   -11.994 1.00 14.29 ? 138 GLY A N     1 
ATOM   1084 C  CA    . GLY A 1 139 ? 2.452   9.567   -12.059 1.00 12.67 ? 138 GLY A CA    1 
ATOM   1085 C  C     . GLY A 1 139 ? 3.087   8.604   -11.045 1.00 12.30 ? 138 GLY A C     1 
ATOM   1086 O  O     . GLY A 1 139 ? 4.193   8.858   -10.542 1.00 13.11 ? 138 GLY A O     1 
ATOM   1087 N  N     . ILE A 1 140 ? 2.458   7.447   -10.815 1.00 12.11 ? 139 ILE A N     1 
ATOM   1088 C  CA    . ILE A 1 140 ? 2.979   6.492   -9.838  1.00 11.01 ? 139 ILE A CA    1 
ATOM   1089 C  C     . ILE A 1 140 ? 3.046   5.086   -10.446 1.00 11.32 ? 139 ILE A C     1 
ATOM   1090 O  O     . ILE A 1 140 ? 2.361   4.789   -11.424 1.00 10.78 ? 139 ILE A O     1 
ATOM   1091 C  CB    . ILE A 1 140 ? 2.117   6.495   -8.559  1.00 11.29 ? 139 ILE A CB    1 
ATOM   1092 C  CG1   . ILE A 1 140 ? 0.718   5.928   -8.828  1.00 10.63 ? 139 ILE A CG1   1 
ATOM   1093 C  CG2   . ILE A 1 140 ? 2.093   7.901   -7.973  1.00 10.84 ? 139 ILE A CG2   1 
ATOM   1094 C  CD1   . ILE A 1 140 ? -0.198  5.795   -7.593  1.00 11.20 ? 139 ILE A CD1   1 
ATOM   1095 N  N     . PRO A 1 141 ? 3.839   4.153   -9.867  1.00 11.28 ? 140 PRO A N     1 
ATOM   1096 C  CA    . PRO A 1 141 ? 3.890   2.779   -10.387 1.00 11.47 ? 140 PRO A CA    1 
ATOM   1097 C  C     . PRO A 1 141 ? 2.618   2.014   -10.065 1.00 11.68 ? 140 PRO A C     1 
ATOM   1098 O  O     . PRO A 1 141 ? 1.990   2.298   -9.049  1.00 11.13 ? 140 PRO A O     1 
ATOM   1099 C  CB    . PRO A 1 141 ? 5.107   2.170   -9.658  1.00 11.61 ? 140 PRO A CB    1 
ATOM   1100 C  CG    . PRO A 1 141 ? 5.874   3.353   -9.078  1.00 11.29 ? 140 PRO A CG    1 
ATOM   1101 C  CD    . PRO A 1 141 ? 4.805   4.384   -8.780  1.00 11.70 ? 140 PRO A CD    1 
ATOM   1102 N  N     . PHE A 1 142 ? 2.205   1.115   -10.978 1.00 11.50 ? 141 PHE A N     1 
ATOM   1103 C  CA    . PHE A 1 142 ? 1.176   0.132   -10.660 1.00 12.06 ? 141 PHE A CA    1 
ATOM   1104 C  C     . PHE A 1 142 ? 1.844   -1.236  -10.555 1.00 11.80 ? 141 PHE A C     1 
ATOM   1105 O  O     . PHE A 1 142 ? 2.581   -1.626  -11.465 1.00 11.01 ? 141 PHE A O     1 
ATOM   1106 C  CB    . PHE A 1 142 ? 0.090   0.100   -11.744 1.00 11.99 ? 141 PHE A CB    1 
ATOM   1107 C  CG    . PHE A 1 142 ? -0.804  -1.109  -11.660 1.00 12.87 ? 141 PHE A CG    1 
ATOM   1108 C  CD1   . PHE A 1 142 ? -1.666  -1.277  -10.590 1.00 12.88 ? 141 PHE A CD1   1 
ATOM   1109 C  CD2   . PHE A 1 142 ? -0.727  -2.122  -12.600 1.00 14.30 ? 141 PHE A CD2   1 
ATOM   1110 C  CE1   . PHE A 1 142 ? -2.423  -2.432  -10.456 1.00 13.34 ? 141 PHE A CE1   1 
ATOM   1111 C  CE2   . PHE A 1 142 ? -1.497  -3.269  -12.483 1.00 15.19 ? 141 PHE A CE2   1 
ATOM   1112 C  CZ    . PHE A 1 142 ? -2.352  -3.429  -11.403 1.00 15.34 ? 141 PHE A CZ    1 
ATOM   1113 N  N     . ILE A 1 143 ? 1.536   -1.977  -9.475  1.00 11.98 ? 142 ILE A N     1 
ATOM   1114 C  CA    . ILE A 1 143 ? 2.067   -3.325  -9.289  1.00 11.85 ? 142 ILE A CA    1 
ATOM   1115 C  C     . ILE A 1 143 ? 0.932   -4.295  -8.954  1.00 12.13 ? 142 ILE A C     1 
ATOM   1116 O  O     . ILE A 1 143 ? 0.158   -4.073  -8.016  1.00 11.23 ? 142 ILE A O     1 
ATOM   1117 C  CB    . ILE A 1 143 ? 3.170   -3.337  -8.197  1.00 11.55 ? 142 ILE A CB    1 
ATOM   1118 C  CG1   . ILE A 1 143 ? 4.420   -2.601  -8.702  1.00 11.74 ? 142 ILE A CG1   1 
ATOM   1119 C  CG2   . ILE A 1 143 ? 3.515   -4.780  -7.789  1.00 11.44 ? 142 ILE A CG2   1 
ATOM   1120 C  CD1   . ILE A 1 143 ? 5.535   -2.572  -7.711  1.00 13.29 ? 142 ILE A CD1   1 
ATOM   1121 N  N     . GLU A 1 144 ? 0.884   -5.412  -9.688  1.00 11.61 ? 143 GLU A N     1 
ATOM   1122 C  CA    . GLU A 1 144 ? -0.124  -6.419  -9.413  1.00 12.20 ? 143 GLU A CA    1 
ATOM   1123 C  C     . GLU A 1 144 ? 0.434   -7.437  -8.418  1.00 11.41 ? 143 GLU A C     1 
ATOM   1124 O  O     . GLU A 1 144 ? 1.571   -7.879  -8.559  1.00 12.09 ? 143 GLU A O     1 
ATOM   1125 C  CB    . GLU A 1 144 ? -0.556  -7.064  -10.721 1.00 14.54 ? 143 GLU A CB    1 
ATOM   1126 C  CG    . GLU A 1 144 ? -1.713  -8.036  -10.612 1.00 21.92 ? 143 GLU A CG    1 
ATOM   1127 C  CD    . GLU A 1 144 ? -2.207  -8.462  -11.996 1.00 23.50 ? 143 GLU A CD    1 
ATOM   1128 O  OE1   . GLU A 1 144 ? -1.791  -9.545  -12.462 1.00 22.83 ? 143 GLU A OE1   1 
ATOM   1129 O  OE2   . GLU A 1 144 ? -2.981  -7.698  -12.612 1.00 28.64 ? 143 GLU A OE2   1 
ATOM   1130 N  N     . THR A 1 145 ? -0.375  -7.810  -7.424  1.00 9.78  ? 144 THR A N     1 
ATOM   1131 C  CA    . THR A 1 145 ? 0.102   -8.697  -6.376  1.00 10.84 ? 144 THR A CA    1 
ATOM   1132 C  C     . THR A 1 145 ? -0.862  -9.867  -6.207  1.00 10.89 ? 144 THR A C     1 
ATOM   1133 O  O     . THR A 1 145 ? -2.018  -9.785  -6.603  1.00 10.92 ? 144 THR A O     1 
ATOM   1134 C  CB    . THR A 1 145 ? 0.261   -7.912  -5.059  1.00 9.93  ? 144 THR A CB    1 
ATOM   1135 O  OG1   . THR A 1 145 ? -1.026  -7.418  -4.660  1.00 10.20 ? 144 THR A OG1   1 
ATOM   1136 C  CG2   . THR A 1 145 ? 1.295   -6.806  -5.138  1.00 10.38 ? 144 THR A CG2   1 
ATOM   1137 N  N     . SER A 1 146 ? -0.371  -10.955 -5.599  1.00 11.37 ? 145 SER A N     1 
ATOM   1138 C  CA    . SER A 1 146 ? -1.229  -11.904 -4.900  1.00 12.65 ? 145 SER A CA    1 
ATOM   1139 C  C     . SER A 1 146 ? -0.592  -12.193 -3.544  1.00 14.22 ? 145 SER A C     1 
ATOM   1140 O  O     . SER A 1 146 ? 0.509   -12.742 -3.525  1.00 15.18 ? 145 SER A O     1 
ATOM   1141 C  CB    . SER A 1 146 ? -1.433  -13.204 -5.691  1.00 12.85 ? 145 SER A CB    1 
ATOM   1142 O  OG    . SER A 1 146 ? -2.002  -14.246 -4.869  1.00 12.67 ? 145 SER A OG    1 
ATOM   1143 N  N     . ALA A 1 147 ? -1.290  -11.841 -2.449  1.00 14.62 ? 146 ALA A N     1 
ATOM   1144 C  CA    . ALA A 1 147 ? -0.902  -12.224 -1.095  1.00 16.72 ? 146 ALA A CA    1 
ATOM   1145 C  C     . ALA A 1 147 ? -1.045  -13.729 -0.951  1.00 17.30 ? 146 ALA A C     1 
ATOM   1146 O  O     . ALA A 1 147 ? -0.344  -14.337 -0.145  1.00 19.71 ? 146 ALA A O     1 
ATOM   1147 C  CB    . ALA A 1 147 ? -1.729  -11.518 -0.049  1.00 16.71 ? 146 ALA A CB    1 
ATOM   1148 N  N     . LYS A 1 148 ? -1.914  -14.334 -1.775  1.00 20.09 ? 147 LYS A N     1 
ATOM   1149 C  CA    . LYS A 1 148 ? -2.042  -15.780 -1.693  1.00 22.88 ? 147 LYS A CA    1 
ATOM   1150 C  C     . LYS A 1 148 ? -0.743  -16.440 -2.152  1.00 25.48 ? 147 LYS A C     1 
ATOM   1151 O  O     . LYS A 1 148 ? -0.174  -17.244 -1.418  1.00 28.56 ? 147 LYS A O     1 
ATOM   1152 C  CB    . LYS A 1 148 ? -3.272  -16.314 -2.428  1.00 22.22 ? 147 LYS A CB    1 
ATOM   1153 C  CG    . LYS A 1 148 ? -3.286  -17.833 -2.573  1.00 26.05 ? 147 LYS A CG    1 
ATOM   1154 C  CD    . LYS A 1 148 ? -4.618  -18.360 -3.044  1.00 28.78 ? 147 LYS A CD    1 
ATOM   1155 C  CE    . LYS A 1 148 ? -4.829  -19.825 -2.729  1.00 28.89 ? 147 LYS A CE    1 
ATOM   1156 N  NZ    . LYS A 1 148 ? -6.284  -20.112 -2.726  1.00 34.33 ? 147 LYS A NZ    1 
ATOM   1157 N  N     . THR A 1 149 ? -0.256  -16.085 -3.343  1.00 24.17 ? 148 THR A N     1 
ATOM   1158 C  CA    . THR A 1 149 ? 0.917   -16.759 -3.877  1.00 25.09 ? 148 THR A CA    1 
ATOM   1159 C  C     . THR A 1 149 ? 2.215   -16.021 -3.552  1.00 24.96 ? 148 THR A C     1 
ATOM   1160 O  O     . THR A 1 149 ? 3.290   -16.553 -3.817  1.00 25.27 ? 148 THR A O     1 
ATOM   1161 C  CB    . THR A 1 149 ? 0.812   -16.983 -5.390  1.00 24.06 ? 148 THR A CB    1 
ATOM   1162 O  OG1   . THR A 1 149 ? 0.899   -15.707 -6.040  1.00 23.98 ? 148 THR A OG1   1 
ATOM   1163 C  CG2   . THR A 1 149 ? -0.440  -17.737 -5.780  1.00 24.89 ? 148 THR A CG2   1 
ATOM   1164 N  N     . ARG A 1 150 ? 2.108   -14.792 -3.034  1.00 22.95 ? 149 ARG A N     1 
ATOM   1165 C  CA    . ARG A 1 150 ? 3.235   -13.926 -2.706  1.00 22.06 ? 149 ARG A CA    1 
ATOM   1166 C  C     . ARG A 1 150 ? 3.810   -13.233 -3.944  1.00 19.67 ? 149 ARG A C     1 
ATOM   1167 O  O     . ARG A 1 150 ? 4.672   -12.376 -3.805  1.00 19.04 ? 149 ARG A O     1 
ATOM   1168 C  CB    . ARG A 1 150 ? 4.341   -14.626 -1.908  1.00 20.72 ? 149 ARG A CB    1 
ATOM   1169 C  CG    . ARG A 1 150 ? 5.134   -13.668 -1.033  1.00 24.82 ? 149 ARG A CG    1 
ATOM   1170 C  CD    . ARG A 1 150 ? 6.145   -14.390 -0.149  1.00 24.84 ? 149 ARG A CD    1 
ATOM   1171 N  NE    . ARG A 1 150 ? 6.684   -13.515 0.883   1.00 26.89 ? 149 ARG A NE    1 
ATOM   1172 C  CZ    . ARG A 1 150 ? 7.596   -12.596 0.651   1.00 24.42 ? 149 ARG A CZ    1 
ATOM   1173 N  NH1   . ARG A 1 150 ? 8.044   -12.442 -0.575  1.00 27.68 ? 149 ARG A NH1   1 
ATOM   1174 N  NH2   . ARG A 1 150 ? 8.049   -11.833 1.627   1.00 27.08 ? 149 ARG A NH2   1 
ATOM   1175 N  N     . GLN A 1 151 ? 3.300   -13.551 -5.133  1.00 18.84 ? 150 GLN A N     1 
ATOM   1176 C  CA    . GLN A 1 151 ? 3.728   -12.844 -6.333  1.00 19.76 ? 150 GLN A CA    1 
ATOM   1177 C  C     . GLN A 1 151 ? 3.537   -11.330 -6.210  1.00 18.59 ? 150 GLN A C     1 
ATOM   1178 O  O     . GLN A 1 151 ? 2.420   -10.870 -5.939  1.00 15.51 ? 150 GLN A O     1 
ATOM   1179 C  CB    . GLN A 1 151 ? 2.953   -13.331 -7.550  1.00 21.09 ? 150 GLN A CB    1 
ATOM   1180 C  CG    . GLN A 1 151 ? 3.523   -12.795 -8.853  1.00 25.80 ? 150 GLN A CG    1 
ATOM   1181 C  CD    . GLN A 1 151 ? 2.922   -13.468 -10.064 1.00 29.82 ? 150 GLN A CD    1 
ATOM   1182 O  OE1   . GLN A 1 151 ? 2.435   -14.597 -10.009 1.00 35.88 ? 150 GLN A OE1   1 
ATOM   1183 N  NE2   . GLN A 1 151 ? 2.972   -12.783 -11.189 1.00 31.81 ? 150 GLN A NE2   1 
ATOM   1184 N  N     . GLY A 1 152 ? 4.641   -10.578 -6.445  1.00 16.58 ? 151 GLY A N     1 
ATOM   1185 C  CA    . GLY A 1 152 ? 4.622   -9.118  -6.539  1.00 16.01 ? 151 GLY A CA    1 
ATOM   1186 C  C     . GLY A 1 152 ? 4.704   -8.404  -5.185  1.00 14.88 ? 151 GLY A C     1 
ATOM   1187 O  O     . GLY A 1 152 ? 4.815   -7.174  -5.150  1.00 14.54 ? 151 GLY A O     1 
ATOM   1188 N  N     . VAL A 1 153 ? 4.671   -9.168  -4.082  1.00 14.11 ? 152 VAL A N     1 
ATOM   1189 C  CA    . VAL A 1 153 ? 4.644   -8.598  -2.735  1.00 14.60 ? 152 VAL A CA    1 
ATOM   1190 C  C     . VAL A 1 153 ? 5.944   -7.828  -2.456  1.00 14.89 ? 152 VAL A C     1 
ATOM   1191 O  O     . VAL A 1 153 ? 5.916   -6.663  -2.041  1.00 13.83 ? 152 VAL A O     1 
ATOM   1192 C  CB    . VAL A 1 153 ? 4.323   -9.652  -1.651  1.00 15.78 ? 152 VAL A CB    1 
ATOM   1193 C  CG1   . VAL A 1 153 ? 4.257   -9.035  -0.257  1.00 16.49 ? 152 VAL A CG1   1 
ATOM   1194 C  CG2   . VAL A 1 153 ? 3.020   -10.396 -1.937  1.00 15.61 ? 152 VAL A CG2   1 
ATOM   1195 N  N     . ASP A 1 154 ? 7.096   -8.477  -2.660  1.00 15.99 ? 153 ASP A N     1 
ATOM   1196 C  CA    . ASP A 1 154 ? 8.357   -7.779  -2.446  1.00 16.91 ? 153 ASP A CA    1 
ATOM   1197 C  C     . ASP A 1 154 ? 8.459   -6.602  -3.417  1.00 16.39 ? 153 ASP A C     1 
ATOM   1198 O  O     . ASP A 1 154 ? 8.914   -5.534  -3.034  1.00 15.85 ? 153 ASP A O     1 
ATOM   1199 C  CB    . ASP A 1 154 ? 9.566   -8.688  -2.665  1.00 21.12 ? 153 ASP A CB    1 
ATOM   1200 C  CG    . ASP A 1 154 ? 9.750   -9.737  -1.584  1.00 24.62 ? 153 ASP A CG    1 
ATOM   1201 O  OD1   . ASP A 1 154 ? 9.139   -9.603  -0.498  1.00 23.44 ? 153 ASP A OD1   1 
ATOM   1202 O  OD2   . ASP A 1 154 ? 10.493  -10.705 -1.856  1.00 29.50 ? 153 ASP A OD2   1 
ATOM   1203 N  N     . ASP A 1 155 ? 8.052   -6.825  -4.671  1.00 14.87 ? 154 ASP A N     1 
ATOM   1204 C  CA    . ASP A 1 155 ? 8.082   -5.797  -5.689  1.00 15.12 ? 154 ASP A CA    1 
ATOM   1205 C  C     . ASP A 1 155 ? 7.341   -4.544  -5.205  1.00 13.60 ? 154 ASP A C     1 
ATOM   1206 O  O     . ASP A 1 155 ? 7.868   -3.430  -5.288  1.00 13.76 ? 154 ASP A O     1 
ATOM   1207 C  CB    . ASP A 1 155 ? 7.522   -6.365  -6.994  1.00 19.69 ? 154 ASP A CB    1 
ATOM   1208 C  CG    . ASP A 1 155 ? 8.207   -5.797  -8.214  1.00 26.07 ? 154 ASP A CG    1 
ATOM   1209 O  OD1   . ASP A 1 155 ? 8.876   -4.743  -8.062  1.00 26.78 ? 154 ASP A OD1   1 
ATOM   1210 O  OD2   . ASP A 1 155 ? 8.044   -6.398  -9.317  1.00 32.42 ? 154 ASP A OD2   1 
ATOM   1211 N  N     . ALA A 1 156 ? 6.132   -4.732  -4.652  1.00 12.06 ? 155 ALA A N     1 
ATOM   1212 C  CA    . ALA A 1 156 ? 5.308   -3.604  -4.251  1.00 11.06 ? 155 ALA A CA    1 
ATOM   1213 C  C     . ALA A 1 156 ? 6.021   -2.784  -3.171  1.00 11.57 ? 155 ALA A C     1 
ATOM   1214 O  O     . ALA A 1 156 ? 6.094   -1.556  -3.258  1.00 10.48 ? 155 ALA A O     1 
ATOM   1215 C  CB    . ALA A 1 156 ? 3.941   -4.067  -3.784  1.00 10.79 ? 155 ALA A CB    1 
ATOM   1216 N  N     . PHE A 1 157 ? 6.577   -3.492  -2.166  1.00 12.11 ? 156 PHE A N     1 
ATOM   1217 C  CA    . PHE A 1 157 ? 7.138   -2.807  -1.013  1.00 12.00 ? 156 PHE A CA    1 
ATOM   1218 C  C     . PHE A 1 157 ? 8.497   -2.184  -1.324  1.00 12.88 ? 156 PHE A C     1 
ATOM   1219 O  O     . PHE A 1 157 ? 8.733   -1.062  -0.886  1.00 11.58 ? 156 PHE A O     1 
ATOM   1220 C  CB    . PHE A 1 157 ? 7.190   -3.705  0.228   1.00 12.46 ? 156 PHE A CB    1 
ATOM   1221 C  CG    . PHE A 1 157 ? 5.889   -3.834  0.972   1.00 13.31 ? 156 PHE A CG    1 
ATOM   1222 C  CD1   . PHE A 1 157 ? 5.517   -2.894  1.919   1.00 14.80 ? 156 PHE A CD1   1 
ATOM   1223 C  CD2   . PHE A 1 157 ? 5.064   -4.938  0.771   1.00 13.82 ? 156 PHE A CD2   1 
ATOM   1224 C  CE1   . PHE A 1 157 ? 4.323   -3.022  2.627   1.00 14.02 ? 156 PHE A CE1   1 
ATOM   1225 C  CE2   . PHE A 1 157 ? 3.881   -5.074  1.490   1.00 13.96 ? 156 PHE A CE2   1 
ATOM   1226 C  CZ    . PHE A 1 157 ? 3.523   -4.128  2.431   1.00 13.76 ? 156 PHE A CZ    1 
ATOM   1227 N  N     . TYR A 1 158 ? 9.332   -2.893  -2.099  1.00 12.57 ? 157 TYR A N     1 
ATOM   1228 C  CA    . TYR A 1 158 ? 10.649  -2.390  -2.487  1.00 13.64 ? 157 TYR A CA    1 
ATOM   1229 C  C     . TYR A 1 158 ? 10.489  -1.183  -3.411  1.00 12.11 ? 157 TYR A C     1 
ATOM   1230 O  O     . TYR A 1 158 ? 11.154  -0.164  -3.211  1.00 11.72 ? 157 TYR A O     1 
ATOM   1231 C  CB    . TYR A 1 158 ? 11.457  -3.468  -3.222  1.00 16.04 ? 157 TYR A CB    1 
ATOM   1232 C  CG    . TYR A 1 158 ? 12.038  -4.587  -2.389  1.00 20.18 ? 157 TYR A CG    1 
ATOM   1233 C  CD1   . TYR A 1 158 ? 11.404  -5.060  -1.252  1.00 21.93 ? 157 TYR A CD1   1 
ATOM   1234 C  CD2   . TYR A 1 158 ? 13.211  -5.215  -2.785  1.00 23.19 ? 157 TYR A CD2   1 
ATOM   1235 C  CE1   . TYR A 1 158 ? 11.907  -6.132  -0.530  1.00 24.92 ? 157 TYR A CE1   1 
ATOM   1236 C  CE2   . TYR A 1 158 ? 13.739  -6.280  -2.065  1.00 26.94 ? 157 TYR A CE2   1 
ATOM   1237 C  CZ    . TYR A 1 158 ? 13.079  -6.740  -0.939  1.00 27.59 ? 157 TYR A CZ    1 
ATOM   1238 O  OH    . TYR A 1 158 ? 13.607  -7.773  -0.218  1.00 34.76 ? 157 TYR A OH    1 
ATOM   1239 N  N     . THR A 1 159 ? 9.553   -1.277  -4.378  1.00 11.61 ? 158 THR A N     1 
ATOM   1240 C  CA    . THR A 1 159 ? 9.276   -0.166  -5.272  1.00 10.78 ? 158 THR A CA    1 
ATOM   1241 C  C     . THR A 1 159 ? 8.909   1.075   -4.461  1.00 9.77  ? 158 THR A C     1 
ATOM   1242 O  O     . THR A 1 159 ? 9.369   2.160   -4.784  1.00 9.19  ? 158 THR A O     1 
ATOM   1243 C  CB    . THR A 1 159 ? 8.228   -0.463  -6.345  1.00 11.36 ? 158 THR A CB    1 
ATOM   1244 O  OG1   . THR A 1 159 ? 8.764   -1.506  -7.151  1.00 11.49 ? 158 THR A OG1   1 
ATOM   1245 C  CG2   . THR A 1 159 ? 7.908   0.752   -7.193  1.00 11.21 ? 158 THR A CG2   1 
ATOM   1246 N  N     . LEU A 1 160 ? 8.081   0.912   -3.423  1.00 9.09  ? 159 LEU A N     1 
ATOM   1247 C  CA    . LEU A 1 160 ? 7.666   2.062   -2.630  1.00 9.58  ? 159 LEU A CA    1 
ATOM   1248 C  C     . LEU A 1 160 ? 8.887   2.677   -1.928  1.00 9.84  ? 159 LEU A C     1 
ATOM   1249 O  O     . LEU A 1 160 ? 9.018   3.897   -1.948  1.00 11.24 ? 159 LEU A O     1 
ATOM   1250 C  CB    . LEU A 1 160 ? 6.533   1.687   -1.656  1.00 8.49  ? 159 LEU A CB    1 
ATOM   1251 C  CG    . LEU A 1 160 ? 6.007   2.817   -0.756  1.00 9.27  ? 159 LEU A CG    1 
ATOM   1252 C  CD1   . LEU A 1 160 ? 5.475   4.001   -1.588  1.00 8.89  ? 159 LEU A CD1   1 
ATOM   1253 C  CD2   . LEU A 1 160 ? 4.883   2.310   0.150   1.00 9.41  ? 159 LEU A CD2   1 
ATOM   1254 N  N     . VAL A 1 161 ? 9.785   1.839   -1.392  1.00 10.87 ? 160 VAL A N     1 
ATOM   1255 C  CA    . VAL A 1 161 ? 11.021  2.313   -0.771  1.00 12.06 ? 160 VAL A CA    1 
ATOM   1256 C  C     . VAL A 1 161 ? 11.823  3.142   -1.792  1.00 12.85 ? 160 VAL A C     1 
ATOM   1257 O  O     . VAL A 1 161 ? 12.262  4.256   -1.506  1.00 12.23 ? 160 VAL A O     1 
ATOM   1258 C  CB    . VAL A 1 161 ? 11.859  1.169   -0.149  1.00 12.55 ? 160 VAL A CB    1 
ATOM   1259 C  CG1   . VAL A 1 161 ? 13.274  1.619   0.237   1.00 13.77 ? 160 VAL A CG1   1 
ATOM   1260 C  CG2   . VAL A 1 161 ? 11.179  0.533   1.055   1.00 11.98 ? 160 VAL A CG2   1 
ATOM   1261 N  N     . ARG A 1 162 ? 11.920  2.643   -3.034  1.00 14.16 ? 161 ARG A N     1 
ATOM   1262 C  CA    . ARG A 1 162 ? 12.649  3.368   -4.069  1.00 14.94 ? 161 ARG A CA    1 
ATOM   1263 C  C     . ARG A 1 162 ? 11.954  4.674   -4.443  1.00 14.74 ? 161 ARG A C     1 
ATOM   1264 O  O     . ARG A 1 162 ? 12.628  5.647   -4.766  1.00 14.78 ? 161 ARG A O     1 
ATOM   1265 C  CB    . ARG A 1 162 ? 12.906  2.472   -5.276  1.00 15.23 ? 161 ARG A CB    1 
ATOM   1266 C  CG    . ARG A 1 162 ? 13.896  1.361   -4.968  1.00 15.80 ? 161 ARG A CG    1 
ATOM   1267 C  CD    . ARG A 1 162 ? 14.172  0.508   -6.187  1.00 16.84 ? 161 ARG A CD    1 
ATOM   1268 N  NE    . ARG A 1 162 ? 15.024  -0.620  -5.839  1.00 16.53 ? 161 ARG A NE    1 
ATOM   1269 C  CZ    . ARG A 1 162 ? 14.685  -1.895  -5.996  1.00 15.77 ? 161 ARG A CZ    1 
ATOM   1270 N  NH1   . ARG A 1 162 ? 13.519  -2.217  -6.526  1.00 17.75 ? 161 ARG A NH1   1 
ATOM   1271 N  NH2   . ARG A 1 162 ? 15.538  -2.851  -5.664  1.00 18.17 ? 161 ARG A NH2   1 
ATOM   1272 N  N     . GLU A 1 163 ? 10.610  4.705   -4.392  1.00 13.55 ? 162 GLU A N     1 
ATOM   1273 C  CA    . GLU A 1 163 ? 9.896   5.944   -4.642  1.00 14.35 ? 162 GLU A CA    1 
ATOM   1274 C  C     . GLU A 1 163 ? 10.179  6.945   -3.517  1.00 13.81 ? 162 GLU A C     1 
ATOM   1275 O  O     . GLU A 1 163 ? 10.239  8.143   -3.781  1.00 15.02 ? 162 GLU A O     1 
ATOM   1276 C  CB    . GLU A 1 163 ? 8.395   5.713   -4.831  1.00 14.59 ? 162 GLU A CB    1 
ATOM   1277 C  CG    . GLU A 1 163 ? 8.035   4.963   -6.105  1.00 13.94 ? 162 GLU A CG    1 
ATOM   1278 C  CD    . GLU A 1 163 ? 8.297   5.842   -7.316  1.00 15.60 ? 162 GLU A CD    1 
ATOM   1279 O  OE1   . GLU A 1 163 ? 7.688   6.934   -7.386  1.00 15.77 ? 162 GLU A OE1   1 
ATOM   1280 O  OE2   . GLU A 1 163 ? 9.216   5.525   -8.088  1.00 15.85 ? 162 GLU A OE2   1 
ATOM   1281 N  N     . ILE A 1 164 ? 10.315  6.473   -2.273  1.00 14.16 ? 163 ILE A N     1 
ATOM   1282 C  CA    . ILE A 1 164 ? 10.602  7.407   -1.187  1.00 13.95 ? 163 ILE A CA    1 
ATOM   1283 C  C     . ILE A 1 164 ? 11.985  8.029   -1.421  1.00 13.90 ? 163 ILE A C     1 
ATOM   1284 O  O     . ILE A 1 164 ? 12.133  9.246   -1.340  1.00 13.49 ? 163 ILE A O     1 
ATOM   1285 C  CB    . ILE A 1 164 ? 10.478  6.768   0.217   1.00 14.02 ? 163 ILE A CB    1 
ATOM   1286 C  CG1   . ILE A 1 164 ? 9.052   6.322   0.540   1.00 13.15 ? 163 ILE A CG1   1 
ATOM   1287 C  CG2   . ILE A 1 164 ? 11.010  7.717   1.300   1.00 13.20 ? 163 ILE A CG2   1 
ATOM   1288 C  CD1   . ILE A 1 164 ? 9.016   5.293   1.649   1.00 13.64 ? 163 ILE A CD1   1 
ATOM   1289 N  N     . ARG A 1 165 ? 12.973  7.192   -1.738  1.00 14.98 ? 164 ARG A N     1 
ATOM   1290 C  CA    . ARG A 1 165 ? 14.338  7.637   -1.991  1.00 16.48 ? 164 ARG A CA    1 
ATOM   1291 C  C     . ARG A 1 165 ? 14.392  8.662   -3.130  1.00 18.44 ? 164 ARG A C     1 
ATOM   1292 O  O     . ARG A 1 165 ? 15.131  9.645   -3.068  1.00 18.38 ? 164 ARG A O     1 
ATOM   1293 C  CB    . ARG A 1 165 ? 15.234  6.448   -2.338  1.00 15.12 ? 164 ARG A CB    1 
ATOM   1294 C  CG    . ARG A 1 165 ? 15.425  5.453   -1.205  1.00 15.17 ? 164 ARG A CG    1 
ATOM   1295 C  CD    . ARG A 1 165 ? 16.272  4.357   -1.763  1.00 15.43 ? 164 ARG A CD    1 
ATOM   1296 N  NE    . ARG A 1 165 ? 16.553  3.362   -0.754  1.00 16.19 ? 164 ARG A NE    1 
ATOM   1297 C  CZ    . ARG A 1 165 ? 16.927  2.114   -1.025  1.00 17.08 ? 164 ARG A CZ    1 
ATOM   1298 N  NH1   . ARG A 1 165 ? 17.026  1.699   -2.281  1.00 17.47 ? 164 ARG A NH1   1 
ATOM   1299 N  NH2   . ARG A 1 165 ? 17.150  1.284   -0.026  1.00 16.61 ? 164 ARG A NH2   1 
ATOM   1300 N  N     . LYS A 1 166 ? 13.582  8.444   -4.167  1.00 19.99 ? 165 LYS A N     1 
ATOM   1301 C  CA    . LYS A 1 166 ? 13.598  9.303   -5.335  1.00 20.08 ? 165 LYS A CA    1 
ATOM   1302 C  C     . LYS A 1 166 ? 13.042  10.686  -4.993  1.00 21.34 ? 165 LYS A C     1 
ATOM   1303 O  O     . LYS A 1 166 ? 13.360  11.671  -5.655  1.00 19.85 ? 165 LYS A O     1 
ATOM   1304 C  CB    . LYS A 1 166 ? 12.769  8.617   -6.423  1.00 20.96 ? 165 LYS A CB    1 
ATOM   1305 C  CG    . LYS A 1 166 ? 13.120  8.987   -7.856  1.00 21.57 ? 165 LYS A CG    1 
ATOM   1306 C  CD    . LYS A 1 166 ? 12.124  8.397   -8.814  1.00 22.26 ? 165 LYS A CD    1 
ATOM   1307 C  CE    . LYS A 1 166 ? 10.709  8.902   -8.585  1.00 22.59 ? 165 LYS A CE    1 
ATOM   1308 N  NZ    . LYS A 1 166 ? 9.765   8.126   -9.419  1.00 26.63 ? 165 LYS A NZ    1 
ATOM   1309 N  N     . HIS A 1 167 ? 12.208  10.769  -3.949  1.00 23.47 ? 166 HIS A N     1 
ATOM   1310 C  CA    . HIS A 1 167 ? 11.579  12.031  -3.600  1.00 25.13 ? 166 HIS A CA    1 
ATOM   1311 C  C     . HIS A 1 167 ? 12.432  12.825  -2.606  1.00 29.18 ? 166 HIS A C     1 
ATOM   1312 O  O     . HIS A 1 167 ? 12.318  14.045  -2.536  1.00 32.96 ? 166 HIS A O     1 
ATOM   1313 C  CB    . HIS A 1 167 ? 10.141  11.771  -3.130  1.00 27.43 ? 166 HIS A CB    1 
ATOM   1314 C  CG    . HIS A 1 167 ? 9.523   12.851  -2.306  1.00 30.34 ? 166 HIS A CG    1 
ATOM   1315 N  ND1   . HIS A 1 167 ? 8.775   13.883  -2.869  1.00 32.32 ? 166 HIS A ND1   1 
ATOM   1316 C  CD2   . HIS A 1 167 ? 9.498   13.042  -0.967  1.00 29.88 ? 166 HIS A CD2   1 
ATOM   1317 C  CE1   . HIS A 1 167 ? 8.343   14.678  -1.907  1.00 32.69 ? 166 HIS A CE1   1 
ATOM   1318 N  NE2   . HIS A 1 167 ? 8.773   14.183  -0.727  1.00 32.77 ? 166 HIS A NE2   1 
ATOM   1319 N  N     . LYS A 1 168 ? 13.243  12.129  -1.802  1.00 31.41 ? 167 LYS A N     1 
ATOM   1320 C  CA    . LYS A 1 168 ? 13.910  12.734  -0.658  1.00 34.72 ? 167 LYS A CA    1 
ATOM   1321 C  C     . LYS A 1 168 ? 15.106  11.869  -0.271  1.00 35.40 ? 167 LYS A C     1 
ATOM   1322 O  O     . LYS A 1 168 ? 15.078  10.659  -0.469  1.00 31.98 ? 167 LYS A O     1 
ATOM   1323 C  CB    . LYS A 1 168 ? 12.952  12.864  0.535   1.00 36.88 ? 167 LYS A CB    1 
ATOM   1324 C  CG    . LYS A 1 168 ? 12.508  11.544  1.171   1.00 41.94 ? 167 LYS A CG    1 
ATOM   1325 C  CD    . LYS A 1 168 ? 11.688  11.673  2.456   1.00 41.83 ? 167 LYS A CD    1 
ATOM   1326 C  CE    . LYS A 1 168 ? 12.478  12.209  3.632   1.00 44.30 ? 167 LYS A CE    1 
ATOM   1327 N  NZ    . LYS A 1 168 ? 11.726  12.054  4.900   1.00 46.49 ? 167 LYS A NZ    1 
ATOM   1328 N  N     . GLU A 1 169 ? 16.133  12.506  0.307   1.00 38.88 ? 168 GLU A N     1 
ATOM   1329 C  CA    . GLU A 1 169 ? 17.355  11.852  0.755   1.00 42.56 ? 168 GLU A CA    1 
ATOM   1330 C  C     . GLU A 1 169 ? 17.060  10.951  1.955   1.00 44.60 ? 168 GLU A C     1 
ATOM   1331 O  O     . GLU A 1 169 ? 16.404  11.371  2.907   1.00 41.42 ? 168 GLU A O     1 
ATOM   1332 C  CB    . GLU A 1 169 ? 18.399  12.918  1.096   1.00 43.75 ? 168 GLU A CB    1 
ATOM   1333 C  CG    . GLU A 1 169 ? 19.759  12.356  1.458   1.00 44.56 ? 168 GLU A CG    1 
ATOM   1334 C  CD    . GLU A 1 169 ? 20.891  13.350  1.267   1.00 48.25 ? 168 GLU A CD    1 
ATOM   1335 O  OE1   . GLU A 1 169 ? 20.658  14.564  1.478   1.00 49.55 ? 168 GLU A OE1   1 
ATOM   1336 O  OE2   . GLU A 1 169 ? 21.999  12.913  0.882   1.00 54.94 ? 168 GLU A OE2   1 
ATOM   1337 N  N     . LYS A 1 170 ? 17.563  9.709   1.887   1.00 45.67 ? 169 LYS A N     1 
ATOM   1338 C  CA    . LYS A 1 170 ? 17.396  8.718   2.940   1.00 45.53 ? 169 LYS A CA    1 
ATOM   1339 C  C     . LYS A 1 170 ? 18.770  8.170   3.348   1.00 46.88 ? 169 LYS A C     1 
ATOM   1340 O  O     . LYS A 1 170 ? 19.006  8.096   4.571   1.00 49.08 ? 169 LYS A O     1 
ATOM   1341 C  CB    . LYS A 1 170 ? 16.442  7.598   2.502   1.00 40.89 ? 169 LYS A CB    1 
ATOM   1342 C  CG    . LYS A 1 170 ? 14.976  7.999   2.322   1.00 42.04 ? 169 LYS A CG    1 
ATOM   1343 C  CD    . LYS A 1 170 ? 14.234  8.405   3.599   1.00 38.97 ? 169 LYS A CD    1 
ATOM   1344 C  CE    . LYS A 1 170 ? 14.305  7.358   4.696   1.00 38.42 ? 169 LYS A CE    1 
ATOM   1345 N  NZ    . LYS A 1 170 ? 13.709  7.817   5.974   1.00 38.78 ? 169 LYS A NZ    1 
HETATM 1346 P  PB    . GDP B 2 .   ? -7.830  -6.250  4.705   1.00 12.94 ? 201 GDP A PB    1 
HETATM 1347 O  O1B   . GDP B 2 .   ? -7.506  -5.272  3.560   1.00 13.81 ? 201 GDP A O1B   1 
HETATM 1348 O  O2B   . GDP B 2 .   ? -6.722  -6.336  5.729   1.00 14.04 ? 201 GDP A O2B   1 
HETATM 1349 O  O3B   . GDP B 2 .   ? -9.230  -6.151  5.225   1.00 13.12 ? 201 GDP A O3B   1 
HETATM 1350 O  O3A   . GDP B 2 .   ? -7.794  -7.683  4.028   1.00 12.96 ? 201 GDP A O3A   1 
HETATM 1351 P  PA    . GDP B 2 .   ? -7.310  -9.156  4.497   1.00 14.91 ? 201 GDP A PA    1 
HETATM 1352 O  O1A   . GDP B 2 .   ? -5.802  -9.230  4.326   1.00 16.37 ? 201 GDP A O1A   1 
HETATM 1353 O  O2A   . GDP B 2 .   ? -7.999  -9.438  5.849   1.00 15.75 ? 201 GDP A O2A   1 
HETATM 1354 O  "O5'" . GDP B 2 .   ? -7.838  -10.212 3.404   1.00 14.14 ? 201 GDP A "O5'" 1 
HETATM 1355 C  "C5'" . GDP B 2 .   ? -9.258  -10.214 3.262   1.00 15.58 ? 201 GDP A "C5'" 1 
HETATM 1356 C  "C4'" . GDP B 2 .   ? -9.633  -11.543 2.682   1.00 15.86 ? 201 GDP A "C4'" 1 
HETATM 1357 O  "O4'" . GDP B 2 .   ? -9.034  -11.722 1.396   1.00 15.61 ? 201 GDP A "O4'" 1 
HETATM 1358 C  "C3'" . GDP B 2 .   ? -9.115  -12.678 3.554   1.00 16.41 ? 201 GDP A "C3'" 1 
HETATM 1359 O  "O3'" . GDP B 2 .   ? -9.991  -13.807 3.382   1.00 18.33 ? 201 GDP A "O3'" 1 
HETATM 1360 C  "C2'" . GDP B 2 .   ? -7.786  -12.960 2.901   1.00 17.32 ? 201 GDP A "C2'" 1 
HETATM 1361 O  "O2'" . GDP B 2 .   ? -7.382  -14.286 3.165   1.00 20.87 ? 201 GDP A "O2'" 1 
HETATM 1362 C  "C1'" . GDP B 2 .   ? -8.138  -12.822 1.428   1.00 16.57 ? 201 GDP A "C1'" 1 
HETATM 1363 N  N9    . GDP B 2 .   ? -7.043  -12.461 0.555   1.00 16.15 ? 201 GDP A N9    1 
HETATM 1364 C  C8    . GDP B 2 .   ? -6.131  -11.467 0.795   1.00 15.63 ? 201 GDP A C8    1 
HETATM 1365 N  N7    . GDP B 2 .   ? -5.267  -11.302 -0.169  1.00 15.08 ? 201 GDP A N7    1 
HETATM 1366 C  C5    . GDP B 2 .   ? -5.619  -12.249 -1.108  1.00 15.50 ? 201 GDP A C5    1 
HETATM 1367 C  C6    . GDP B 2 .   ? -5.067  -12.608 -2.413  1.00 14.91 ? 201 GDP A C6    1 
HETATM 1368 O  O6    . GDP B 2 .   ? -4.099  -12.135 -2.997  1.00 14.44 ? 201 GDP A O6    1 
HETATM 1369 N  N1    . GDP B 2 .   ? -5.780  -13.642 -2.978  1.00 16.34 ? 201 GDP A N1    1 
HETATM 1370 C  C2    . GDP B 2 .   ? -6.895  -14.271 -2.469  1.00 16.50 ? 201 GDP A C2    1 
HETATM 1371 N  N2    . GDP B 2 .   ? -7.404  -15.264 -3.266  1.00 15.87 ? 201 GDP A N2    1 
HETATM 1372 N  N3    . GDP B 2 .   ? -7.367  -13.945 -1.307  1.00 15.64 ? 201 GDP A N3    1 
HETATM 1373 C  C4    . GDP B 2 .   ? -6.722  -12.959 -0.676  1.00 15.70 ? 201 GDP A C4    1 
HETATM 1374 MG MG    . MG  C 3 .   ? -6.737  -6.011  7.853   1.00 16.63 ? 202 MG  A MG    1 
HETATM 1375 S  S     . SO4 D 4 .   ? -19.067 4.716   0.545   1.00 41.21 ? 203 SO4 A S     1 
HETATM 1376 O  O1    . SO4 D 4 .   ? -17.748 4.799   -0.059  1.00 43.21 ? 203 SO4 A O1    1 
HETATM 1377 O  O2    . SO4 D 4 .   ? -20.032 4.357   -0.470  1.00 38.07 ? 203 SO4 A O2    1 
HETATM 1378 O  O3    . SO4 D 4 .   ? -19.089 3.684   1.568   1.00 43.31 ? 203 SO4 A O3    1 
HETATM 1379 O  O4    . SO4 D 4 .   ? -19.350 5.991   1.177   1.00 42.99 ? 203 SO4 A O4    1 
HETATM 1380 C  C3    . IQN E 5 .   ? -5.577  10.312  4.964   1.00 35.29 ? 204 IQN A C3    1 
HETATM 1381 C  C4    . IQN E 5 .   ? -5.681  11.216  5.998   1.00 35.66 ? 204 IQN A C4    1 
HETATM 1382 C  C20   . IQN E 5 .   ? -9.123  5.645   5.796   1.00 26.83 ? 204 IQN A C20   1 
HETATM 1383 C  C8    . IQN E 5 .   ? -8.644  9.959   7.511   1.00 41.75 ? 204 IQN A C8    1 
HETATM 1384 C  C19   . IQN E 5 .   ? -10.379 5.898   5.271   1.00 26.04 ? 204 IQN A C19   1 
HETATM 1385 C  C9    . IQN E 5 .   ? -7.653  9.917   6.549   1.00 35.72 ? 204 IQN A C9    1 
HETATM 1386 C  C10   . IQN E 5 .   ? -7.540  8.995   5.525   1.00 32.82 ? 204 IQN A C10   1 
HETATM 1387 C  C11   . IQN E 5 .   ? -8.478  7.903   5.413   1.00 29.01 ? 204 IQN A C11   1 
HETATM 1388 C  C2    . IQN E 5 .   ? -6.439  9.256   4.737   1.00 32.98 ? 204 IQN A C2    1 
HETATM 1389 C  C14   . IQN E 5 .   ? -10.685 7.147   4.794   1.00 25.03 ? 204 IQN A C14   1 
HETATM 1390 C  C5    . IQN E 5 .   ? -6.773  10.998  6.814   1.00 38.55 ? 204 IQN A C5    1 
HETATM 1391 C  C12   . IQN E 5 .   ? -9.729  8.135   4.884   1.00 25.99 ? 204 IQN A C12   1 
HETATM 1392 C  C21   . IQN E 5 .   ? -8.169  6.637   5.872   1.00 27.35 ? 204 IQN A C21   1 
HETATM 1393 C  C18   . IQN E 5 .   ? -11.405 4.971   5.165   1.00 25.00 ? 204 IQN A C18   1 
HETATM 1394 C  C16   . IQN E 5 .   ? -12.795 6.440   4.186   1.00 27.09 ? 204 IQN A C16   1 
HETATM 1395 C  C31   . IQN E 5 .   ? -12.351 -3.591  7.335   1.00 21.06 ? 204 IQN A C31   1 
HETATM 1396 C  C30   . IQN E 5 .   ? -11.334 -2.784  8.153   1.00 21.45 ? 204 IQN A C30   1 
HETATM 1397 C  C29   . IQN E 5 .   ? -10.282 -2.183  7.209   1.00 20.45 ? 204 IQN A C29   1 
HETATM 1398 C  C38   . IQN E 5 .   ? -16.186 6.613   2.753   1.00 27.73 ? 204 IQN A C38   1 
HETATM 1399 C  C44   . IQN E 5 .   ? -14.476 4.958   2.134   1.00 28.70 ? 204 IQN A C44   1 
HETATM 1400 C  C25   . IQN E 5 .   ? -9.926  2.343   7.074   1.00 21.73 ? 204 IQN A C25   1 
HETATM 1401 C  C34   . IQN E 5 .   ? -11.334 1.327   5.169   1.00 21.18 ? 204 IQN A C34   1 
HETATM 1402 C  C39   . IQN E 5 .   ? -16.003 7.371   1.452   1.00 28.16 ? 204 IQN A C39   1 
HETATM 1403 C  C43   . IQN E 5 .   ? -14.259 5.694   0.832   1.00 31.04 ? 204 IQN A C43   1 
HETATM 1404 C  C27   . IQN E 5 .   ? -9.425  0.013   6.228   1.00 19.51 ? 204 IQN A C27   1 
HETATM 1405 C  C33   . IQN E 5 .   ? -11.215 0.198   7.429   1.00 21.47 ? 204 IQN A C33   1 
HETATM 1406 C  C24   . IQN E 5 .   ? -10.943 3.475   7.089   1.00 21.98 ? 204 IQN A C24   1 
HETATM 1407 C  C35   . IQN E 5 .   ? -12.174 2.589   5.168   1.00 22.63 ? 204 IQN A C35   1 
HETATM 1408 C  C37   . IQN E 5 .   ? -14.957 5.867   3.238   1.00 29.07 ? 204 IQN A C37   1 
HETATM 1409 C  C26   . IQN E 5 .   ? -10.485 1.095   6.416   1.00 21.11 ? 204 IQN A C26   1 
HETATM 1410 C  C1    . IQN E 5 .   ? -6.167  8.364   3.575   1.00 32.33 ? 204 IQN A C1    1 
HETATM 1411 C  C42   . IQN E 5 .   ? -16.459 7.984   -1.177  1.00 36.04 ? 204 IQN A C42   1 
HETATM 1412 C  C41   . IQN E 5 .   ? -15.312 7.025   -0.917  1.00 33.80 ? 204 IQN A C41   1 
HETATM 1413 N  N7    . IQN E 5 .   ? -8.312  11.030  8.288   1.00 44.02 ? 204 IQN A N7    1 
HETATM 1414 N  N15   . IQN E 5 .   ? -11.881 7.408   4.256   1.00 25.44 ? 204 IQN A N15   1 
HETATM 1415 N  N17   . IQN E 5 .   ? -12.613 5.195   4.635   1.00 26.18 ? 204 IQN A N17   1 
HETATM 1416 N  N6    . IQN E 5 .   ? -7.196  11.666  7.892   1.00 41.82 ? 204 IQN A N6    1 
HETATM 1417 N  N28   . IQN E 5 .   ? -10.208 -0.813  7.148   1.00 20.72 ? 204 IQN A N28   1 
HETATM 1418 N  N40   . IQN E 5 .   ? -15.496 6.424   0.424   1.00 31.40 ? 204 IQN A N40   1 
HETATM 1419 N  N23   . IQN E 5 .   ? -11.229 3.624   5.643   1.00 24.72 ? 204 IQN A N23   1 
HETATM 1420 O  O32   . IQN E 5 .   ? -9.523  -2.896  6.590   1.00 19.74 ? 204 IQN A O32   1 
HETATM 1421 O  O36   . IQN E 5 .   ? -13.989 6.859   3.609   1.00 30.25 ? 204 IQN A O36   1 
HETATM 1422 F  F13   . IQN E 5 .   ? -9.998  9.354   4.402   1.00 22.93 ? 204 IQN A F13   1 
HETATM 1423 CL CL1   . IQN E 5 .   ? -6.595  6.292   6.533   1.00 27.39 ? 204 IQN A CL1   1 
HETATM 1424 O  O     . HOH F 6 .   ? 14.545  -3.254  8.546   1.00 55.46 ? 301 HOH A O     1 
HETATM 1425 O  O     . HOH F 6 .   ? -4.844  12.551  -12.060 1.00 26.83 ? 302 HOH A O     1 
HETATM 1426 O  O     . HOH F 6 .   ? -14.208 -11.016 -10.379 1.00 38.33 ? 303 HOH A O     1 
HETATM 1427 O  O     . HOH F 6 .   ? 8.715   -12.299 7.565   1.00 33.53 ? 304 HOH A O     1 
HETATM 1428 O  O     . HOH F 6 .   ? -15.499 0.653   -0.191  1.00 24.98 ? 305 HOH A O     1 
HETATM 1429 O  O     . HOH F 6 .   ? 2.184   10.895  -5.765  1.00 26.13 ? 306 HOH A O     1 
HETATM 1430 O  O     . HOH F 6 .   ? 11.174  1.507   13.940  1.00 40.25 ? 307 HOH A O     1 
HETATM 1431 O  O     . HOH F 6 .   ? -8.861  -11.679 6.494   1.00 36.55 ? 308 HOH A O     1 
HETATM 1432 O  O     . HOH F 6 .   ? 18.181  -4.848  -3.384  1.00 35.53 ? 309 HOH A O     1 
HETATM 1433 O  O     . HOH F 6 .   ? -4.143  8.033   -17.538 1.00 26.06 ? 310 HOH A O     1 
HETATM 1434 O  O     . HOH F 6 .   ? 18.722  -4.429  -5.966  1.00 16.13 ? 311 HOH A O     1 
HETATM 1435 O  O     . HOH F 6 .   ? 0.592   3.035   -15.754 1.00 14.77 ? 312 HOH A O     1 
HETATM 1436 O  O     . HOH F 6 .   ? 5.366   7.304   -6.345  1.00 12.65 ? 313 HOH A O     1 
HETATM 1437 O  O     . HOH F 6 .   ? 4.579   17.072  0.898   1.00 36.58 ? 314 HOH A O     1 
HETATM 1438 O  O     . HOH F 6 .   ? -15.012 0.580   6.108   1.00 23.03 ? 315 HOH A O     1 
HETATM 1439 O  O     . HOH F 6 .   ? -6.679  -18.700 -5.871  1.00 19.39 ? 316 HOH A O     1 
HETATM 1440 O  O     . HOH F 6 .   ? 9.153   9.441   -5.743  1.00 21.88 ? 317 HOH A O     1 
HETATM 1441 O  O     . HOH F 6 .   ? 11.701  -12.569 -0.501  1.00 35.62 ? 318 HOH A O     1 
HETATM 1442 O  O     . HOH F 6 .   ? 0.360   3.223   -18.780 1.00 32.41 ? 319 HOH A O     1 
HETATM 1443 O  O     . HOH F 6 .   ? -11.042 -7.855  6.013   1.00 21.85 ? 320 HOH A O     1 
HETATM 1444 O  O     . HOH F 6 .   ? -14.481 -3.920  0.297   1.00 24.16 ? 321 HOH A O     1 
HETATM 1445 O  O     . HOH F 6 .   ? -4.381  5.127   10.937  1.00 29.53 ? 322 HOH A O     1 
HETATM 1446 O  O     . HOH F 6 .   ? -14.779 0.661   8.767   1.00 35.74 ? 323 HOH A O     1 
HETATM 1447 O  O     . HOH F 6 .   ? -7.686  -7.877  7.958   1.00 17.73 ? 324 HOH A O     1 
HETATM 1448 O  O     . HOH F 6 .   ? -5.949  -4.119  7.729   1.00 17.00 ? 325 HOH A O     1 
HETATM 1449 O  O     . HOH F 6 .   ? 13.645  13.215  -7.791  1.00 22.44 ? 326 HOH A O     1 
HETATM 1450 O  O     . HOH F 6 .   ? -12.735 2.266   1.336   1.00 18.44 ? 327 HOH A O     1 
HETATM 1451 O  O     . HOH F 6 .   ? 6.315   -8.421  -9.548  1.00 22.23 ? 328 HOH A O     1 
HETATM 1452 O  O     . HOH F 6 .   ? -0.720  -13.105 4.601   1.00 20.44 ? 329 HOH A O     1 
HETATM 1453 O  O     . HOH F 6 .   ? -9.269  0.170   -2.006  1.00 10.01 ? 330 HOH A O     1 
HETATM 1454 O  O     . HOH F 6 .   ? -7.426  2.165   4.577   1.00 17.53 ? 331 HOH A O     1 
HETATM 1455 O  O     . HOH F 6 .   ? -17.620 4.032   -5.960  1.00 14.40 ? 332 HOH A O     1 
HETATM 1456 O  O     . HOH F 6 .   ? -17.290 -4.101  -3.340  1.00 23.83 ? 333 HOH A O     1 
HETATM 1457 O  O     . HOH F 6 .   ? -11.923 -8.953  -3.014  1.00 16.97 ? 334 HOH A O     1 
HETATM 1458 O  O     . HOH F 6 .   ? -14.717 -8.602  -4.177  1.00 19.93 ? 335 HOH A O     1 
HETATM 1459 O  O     . HOH F 6 .   ? -11.370 -14.452 1.133   1.00 25.33 ? 336 HOH A O     1 
HETATM 1460 O  O     . HOH F 6 .   ? -2.966  -4.839  11.450  1.00 24.90 ? 337 HOH A O     1 
HETATM 1461 O  O     . HOH F 6 .   ? 2.950   -1.030  -14.097 1.00 17.55 ? 338 HOH A O     1 
HETATM 1462 O  O     . HOH F 6 .   ? -4.330  13.156  -7.595  1.00 30.11 ? 339 HOH A O     1 
HETATM 1463 O  O     . HOH F 6 .   ? -16.226 -3.476  -13.222 1.00 46.25 ? 340 HOH A O     1 
HETATM 1464 O  O     . HOH F 6 .   ? 10.873  7.976   -11.922 1.00 20.31 ? 341 HOH A O     1 
HETATM 1465 O  O     . HOH F 6 .   ? 5.938   10.855  -11.257 1.00 30.26 ? 342 HOH A O     1 
HETATM 1466 O  O     . HOH F 6 .   ? -10.242 -10.374 7.288   1.00 22.98 ? 343 HOH A O     1 
HETATM 1467 O  O     . HOH F 6 .   ? -6.469  -4.192  -12.203 1.00 36.31 ? 344 HOH A O     1 
HETATM 1468 O  O     . HOH F 6 .   ? -8.612  -5.237  7.768   1.00 17.38 ? 345 HOH A O     1 
HETATM 1469 O  O     . HOH F 6 .   ? -6.774  -5.766  10.036  1.00 18.20 ? 346 HOH A O     1 
HETATM 1470 O  O     . HOH F 6 .   ? -19.519 0.711   -7.466  1.00 10.44 ? 347 HOH A O     1 
HETATM 1471 O  O     . HOH F 6 .   ? 16.167  15.299  0.310   1.00 35.50 ? 348 HOH A O     1 
HETATM 1472 O  O     . HOH F 6 .   ? -13.974 -0.667  3.713   1.00 19.13 ? 349 HOH A O     1 
HETATM 1473 O  O     . HOH F 6 .   ? -10.343 -13.201 -1.272  1.00 14.04 ? 350 HOH A O     1 
HETATM 1474 O  O     . HOH F 6 .   ? -14.442 -1.928  -13.456 1.00 29.87 ? 351 HOH A O     1 
HETATM 1475 O  O     . HOH F 6 .   ? -13.641 7.122   -4.383  1.00 43.91 ? 352 HOH A O     1 
HETATM 1476 O  O     . HOH F 6 .   ? -0.866  -19.950 -0.951  1.00 26.64 ? 353 HOH A O     1 
HETATM 1477 O  O     . HOH F 6 .   ? -7.197  -7.110  -17.371 1.00 32.29 ? 354 HOH A O     1 
HETATM 1478 O  O     . HOH F 6 .   ? -12.464 -12.698 -3.181  1.00 31.53 ? 355 HOH A O     1 
HETATM 1479 O  O     . HOH F 6 .   ? 10.642  -8.572  10.906  1.00 34.42 ? 356 HOH A O     1 
HETATM 1480 O  O     . HOH F 6 .   ? 11.202  7.417   8.809   1.00 34.15 ? 357 HOH A O     1 
HETATM 1481 O  O     . HOH F 6 .   ? 2.432   3.812   -14.112 1.00 22.03 ? 358 HOH A O     1 
HETATM 1482 O  O     . HOH F 6 .   ? 16.018  6.848   9.146   1.00 33.60 ? 359 HOH A O     1 
HETATM 1483 O  O     . HOH F 6 .   ? 13.084  -8.335  10.043  1.00 26.16 ? 360 HOH A O     1 
HETATM 1484 O  O     . HOH F 6 .   ? -0.844  -20.337 5.531   1.00 50.01 ? 361 HOH A O     1 
HETATM 1485 O  O     . HOH F 6 .   ? 3.639   18.973  -5.411  1.00 61.72 ? 362 HOH A O     1 
HETATM 1486 O  O     . HOH F 6 .   ? -9.571  -16.854 -2.162  1.00 22.36 ? 363 HOH A O     1 
HETATM 1487 O  O     . HOH F 6 .   ? 18.610  8.294   -0.432  1.00 26.51 ? 364 HOH A O     1 
HETATM 1488 O  O     . HOH F 6 .   ? -8.490  10.742  -9.077  1.00 26.55 ? 365 HOH A O     1 
HETATM 1489 O  O     . HOH F 6 .   ? -10.612 -11.784 -9.997  1.00 42.65 ? 366 HOH A O     1 
HETATM 1490 O  O     . HOH F 6 .   ? 11.619  -0.636  -8.128  1.00 24.63 ? 367 HOH A O     1 
HETATM 1491 O  O     . HOH F 6 .   ? 7.567   11.561  1.680   1.00 31.83 ? 368 HOH A O     1 
HETATM 1492 O  O     . HOH F 6 .   ? 6.997   -11.876 -7.671  1.00 38.16 ? 369 HOH A O     1 
HETATM 1493 O  O     . HOH F 6 .   ? 17.732  -8.605  3.149   1.00 26.46 ? 370 HOH A O     1 
HETATM 1494 O  O     . HOH F 6 .   ? 7.185   11.077  -5.231  1.00 44.79 ? 371 HOH A O     1 
HETATM 1495 O  O     . HOH F 6 .   ? -0.208  -2.984  -18.136 1.00 64.83 ? 372 HOH A O     1 
HETATM 1496 O  O     . HOH F 6 .   ? -10.558 7.662   9.255   1.00 44.70 ? 373 HOH A O     1 
HETATM 1497 O  O     . HOH F 6 .   ? -10.725 16.814  1.675   1.00 37.07 ? 374 HOH A O     1 
HETATM 1498 O  O     . HOH F 6 .   ? 7.494   12.862  4.275   1.00 38.63 ? 375 HOH A O     1 
HETATM 1499 O  O     . HOH F 6 .   ? 12.116  4.670   -7.775  1.00 19.49 ? 376 HOH A O     1 
HETATM 1500 O  O     . HOH F 6 .   ? 15.151  4.817   -6.295  1.00 20.17 ? 377 HOH A O     1 
HETATM 1501 O  O     . HOH F 6 .   ? -6.497  -12.780 13.161  1.00 34.42 ? 378 HOH A O     1 
HETATM 1502 O  O     . HOH F 6 .   ? 3.367   11.315  -8.200  1.00 25.42 ? 379 HOH A O     1 
HETATM 1503 O  O     . HOH F 6 .   ? 4.305   4.155   9.144   1.00 28.96 ? 380 HOH A O     1 
HETATM 1504 O  O     . HOH F 6 .   ? 7.628   -9.866  -5.712  1.00 20.10 ? 381 HOH A O     1 
HETATM 1505 O  O     . HOH F 6 .   ? 22.985  0.673   5.049   1.00 28.86 ? 382 HOH A O     1 
HETATM 1506 O  O     . HOH F 6 .   ? 15.715  -8.991  4.207   1.00 46.19 ? 383 HOH A O     1 
HETATM 1507 O  O     . HOH F 6 .   ? 5.295   9.855   -7.406  1.00 26.94 ? 384 HOH A O     1 
HETATM 1508 O  O     . HOH F 6 .   ? 5.682   13.269  0.667   1.00 35.03 ? 385 HOH A O     1 
HETATM 1509 O  O     . HOH F 6 .   ? -7.011  14.519  -5.722  1.00 38.07 ? 386 HOH A O     1 
HETATM 1510 O  O     . HOH F 6 .   ? -13.245 -7.035  5.910   1.00 32.27 ? 387 HOH A O     1 
HETATM 1511 O  O     . HOH F 6 .   ? -5.391  -15.202 11.200  1.00 41.99 ? 388 HOH A O     1 
HETATM 1512 O  O     . HOH F 6 .   ? 11.374  2.015   -8.520  1.00 19.78 ? 389 HOH A O     1 
HETATM 1513 O  O     . HOH F 6 .   ? -14.738 -7.705  3.455   1.00 39.29 ? 390 HOH A O     1 
HETATM 1514 O  O     . HOH F 6 .   ? 4.823   -17.913 -9.299  1.00 41.81 ? 391 HOH A O     1 
HETATM 1515 O  O     . HOH F 6 .   ? -19.752 -2.061  -7.423  0.33 10.84 ? 392 HOH A O     1 
HETATM 1516 O  O     . HOH F 6 .   ? -10.737 17.504  14.395  1.00 46.69 ? 393 HOH A O     1 
HETATM 1517 O  O     . HOH F 6 .   ? 9.156   -10.440 -7.481  1.00 52.07 ? 394 HOH A O     1 
HETATM 1518 O  O     . HOH F 6 .   ? -13.997 -10.696 7.841   1.00 34.32 ? 395 HOH A O     1 
# 
loop_
_pdbx_poly_seq_scheme.asym_id 
_pdbx_poly_seq_scheme.entity_id 
_pdbx_poly_seq_scheme.seq_id 
_pdbx_poly_seq_scheme.mon_id 
_pdbx_poly_seq_scheme.ndb_seq_num 
_pdbx_poly_seq_scheme.pdb_seq_num 
_pdbx_poly_seq_scheme.auth_seq_num 
_pdbx_poly_seq_scheme.pdb_mon_id 
_pdbx_poly_seq_scheme.auth_mon_id 
_pdbx_poly_seq_scheme.pdb_strand_id 
_pdbx_poly_seq_scheme.pdb_ins_code 
_pdbx_poly_seq_scheme.hetero 
A 1 1   GLY 1   0   ?   ?   ?   A . n 
A 1 2   MET 2   1   1   MET MET A . n 
A 1 3   THR 3   2   2   THR THR A . n 
A 1 4   GLU 4   3   3   GLU GLU A . n 
A 1 5   TYR 5   4   4   TYR TYR A . n 
A 1 6   LYS 6   5   5   LYS LYS A . n 
A 1 7   LEU 7   6   6   LEU LEU A . n 
A 1 8   VAL 8   7   7   VAL VAL A . n 
A 1 9   VAL 9   8   8   VAL VAL A . n 
A 1 10  VAL 10  9   9   VAL VAL A . n 
A 1 11  GLY 11  10  10  GLY GLY A . n 
A 1 12  ALA 12  11  11  ALA ALA A . n 
A 1 13  CYS 13  12  12  CYS CYS A . n 
A 1 14  GLY 14  13  13  GLY GLY A . n 
A 1 15  VAL 15  14  14  VAL VAL A . n 
A 1 16  GLY 16  15  15  GLY GLY A . n 
A 1 17  LYS 17  16  16  LYS LYS A . n 
A 1 18  SER 18  17  17  SER SER A . n 
A 1 19  ALA 19  18  18  ALA ALA A . n 
A 1 20  LEU 20  19  19  LEU LEU A . n 
A 1 21  THR 21  20  20  THR THR A . n 
A 1 22  ILE 22  21  21  ILE ILE A . n 
A 1 23  GLN 23  22  22  GLN GLN A . n 
A 1 24  LEU 24  23  23  LEU LEU A . n 
A 1 25  ILE 25  24  24  ILE ILE A . n 
A 1 26  GLN 26  25  25  GLN GLN A . n 
A 1 27  ASN 27  26  26  ASN ASN A . n 
A 1 28  HIS 28  27  27  HIS HIS A . n 
A 1 29  PHE 29  28  28  PHE PHE A . n 
A 1 30  VAL 30  29  29  VAL VAL A . n 
A 1 31  ASP 31  30  30  ASP ASP A . n 
A 1 32  GLU 32  31  31  GLU GLU A . n 
A 1 33  TYR 33  32  32  TYR TYR A . n 
A 1 34  ASP 34  33  33  ASP ASP A . n 
A 1 35  PRO 35  34  34  PRO PRO A . n 
A 1 36  THR 36  35  35  THR THR A . n 
A 1 37  ILE 37  36  36  ILE ILE A . n 
A 1 38  GLU 38  37  37  GLU GLU A . n 
A 1 39  ASP 39  38  38  ASP ASP A . n 
A 1 40  SER 40  39  39  SER SER A . n 
A 1 41  TYR 41  40  40  TYR TYR A . n 
A 1 42  ARG 42  41  41  ARG ARG A . n 
A 1 43  LYS 43  42  42  LYS LYS A . n 
A 1 44  GLN 44  43  43  GLN GLN A . n 
A 1 45  VAL 45  44  44  VAL VAL A . n 
A 1 46  VAL 46  45  45  VAL VAL A . n 
A 1 47  ILE 47  46  46  ILE ILE A . n 
A 1 48  ASP 48  47  47  ASP ASP A . n 
A 1 49  GLY 49  48  48  GLY GLY A . n 
A 1 50  GLU 50  49  49  GLU GLU A . n 
A 1 51  THR 51  50  50  THR THR A . n 
A 1 52  CYS 52  51  51  CYS CYS A . n 
A 1 53  LEU 53  52  52  LEU LEU A . n 
A 1 54  LEU 54  53  53  LEU LEU A . n 
A 1 55  ASP 55  54  54  ASP ASP A . n 
A 1 56  ILE 56  55  55  ILE ILE A . n 
A 1 57  LEU 57  56  56  LEU LEU A . n 
A 1 58  ASP 58  57  57  ASP ASP A . n 
A 1 59  THR 59  58  58  THR THR A . n 
A 1 60  ALA 60  59  59  ALA ALA A . n 
A 1 61  GLY 61  60  60  GLY GLY A . n 
A 1 62  GLN 62  61  61  GLN GLN A . n 
A 1 63  GLU 63  62  62  GLU GLU A . n 
A 1 64  GLU 64  63  63  GLU GLU A . n 
A 1 65  TYR 65  64  64  TYR TYR A . n 
A 1 66  SER 66  65  65  SER SER A . n 
A 1 67  ALA 67  66  66  ALA ALA A . n 
A 1 68  MET 68  67  67  MET MET A . n 
A 1 69  ARG 69  68  68  ARG ARG A . n 
A 1 70  ASP 70  69  69  ASP ASP A . n 
A 1 71  GLN 71  70  70  GLN GLN A . n 
A 1 72  TYR 72  71  71  TYR TYR A . n 
A 1 73  MET 73  72  72  MET MET A . n 
A 1 74  ARG 74  73  73  ARG ARG A . n 
A 1 75  THR 75  74  74  THR THR A . n 
A 1 76  GLY 76  75  75  GLY GLY A . n 
A 1 77  GLU 77  76  76  GLU GLU A . n 
A 1 78  GLY 78  77  77  GLY GLY A . n 
A 1 79  PHE 79  78  78  PHE PHE A . n 
A 1 80  LEU 80  79  79  LEU LEU A . n 
A 1 81  CYS 81  80  80  CYS CYS A . n 
A 1 82  VAL 82  81  81  VAL VAL A . n 
A 1 83  PHE 83  82  82  PHE PHE A . n 
A 1 84  ALA 84  83  83  ALA ALA A . n 
A 1 85  ILE 85  84  84  ILE ILE A . n 
A 1 86  ASN 86  85  85  ASN ASN A . n 
A 1 87  ASN 87  86  86  ASN ASN A . n 
A 1 88  THR 88  87  87  THR THR A . n 
A 1 89  LYS 89  88  88  LYS LYS A . n 
A 1 90  SER 90  89  89  SER SER A . n 
A 1 91  PHE 91  90  90  PHE PHE A . n 
A 1 92  GLU 92  91  91  GLU GLU A . n 
A 1 93  ASP 93  92  92  ASP ASP A . n 
A 1 94  ILE 94  93  93  ILE ILE A . n 
A 1 95  HIS 95  94  94  HIS HIS A . n 
A 1 96  HIS 96  95  95  HIS HIS A . n 
A 1 97  TYR 97  96  96  TYR TYR A . n 
A 1 98  ARG 98  97  97  ARG ARG A . n 
A 1 99  GLU 99  98  98  GLU GLU A . n 
A 1 100 GLN 100 99  99  GLN GLN A . n 
A 1 101 ILE 101 100 100 ILE ILE A . n 
A 1 102 LYS 102 101 101 LYS LYS A . n 
A 1 103 ARG 103 102 102 ARG ARG A . n 
A 1 104 VAL 104 103 103 VAL VAL A . n 
A 1 105 LYS 105 104 104 LYS LYS A . n 
A 1 106 ASP 106 105 105 ASP ASP A . n 
A 1 107 SER 107 106 106 SER SER A . n 
A 1 108 GLU 108 107 107 GLU GLU A . n 
A 1 109 ASP 109 108 108 ASP ASP A . n 
A 1 110 VAL 110 109 109 VAL VAL A . n 
A 1 111 PRO 111 110 110 PRO PRO A . n 
A 1 112 MET 112 111 111 MET MET A . n 
A 1 113 VAL 113 112 112 VAL VAL A . n 
A 1 114 LEU 114 113 113 LEU LEU A . n 
A 1 115 VAL 115 114 114 VAL VAL A . n 
A 1 116 GLY 116 115 115 GLY GLY A . n 
A 1 117 ASN 117 116 116 ASN ASN A . n 
A 1 118 LYS 118 117 117 LYS LYS A . n 
A 1 119 SER 119 118 118 SER SER A . n 
A 1 120 ASP 120 119 119 ASP ASP A . n 
A 1 121 LEU 121 120 120 LEU LEU A . n 
A 1 122 PRO 122 121 121 PRO PRO A . n 
A 1 123 SER 123 122 122 SER SER A . n 
A 1 124 ARG 124 123 123 ARG ARG A . n 
A 1 125 THR 125 124 124 THR THR A . n 
A 1 126 VAL 126 125 125 VAL VAL A . n 
A 1 127 ASP 127 126 126 ASP ASP A . n 
A 1 128 THR 128 127 127 THR THR A . n 
A 1 129 LYS 129 128 128 LYS LYS A . n 
A 1 130 GLN 130 129 129 GLN GLN A . n 
A 1 131 ALA 131 130 130 ALA ALA A . n 
A 1 132 GLN 132 131 131 GLN GLN A . n 
A 1 133 ASP 133 132 132 ASP ASP A . n 
A 1 134 LEU 134 133 133 LEU LEU A . n 
A 1 135 ALA 135 134 134 ALA ALA A . n 
A 1 136 ARG 136 135 135 ARG ARG A . n 
A 1 137 SER 137 136 136 SER SER A . n 
A 1 138 TYR 138 137 137 TYR TYR A . n 
A 1 139 GLY 139 138 138 GLY GLY A . n 
A 1 140 ILE 140 139 139 ILE ILE A . n 
A 1 141 PRO 141 140 140 PRO PRO A . n 
A 1 142 PHE 142 141 141 PHE PHE A . n 
A 1 143 ILE 143 142 142 ILE ILE A . n 
A 1 144 GLU 144 143 143 GLU GLU A . n 
A 1 145 THR 145 144 144 THR THR A . n 
A 1 146 SER 146 145 145 SER SER A . n 
A 1 147 ALA 147 146 146 ALA ALA A . n 
A 1 148 LYS 148 147 147 LYS LYS A . n 
A 1 149 THR 149 148 148 THR THR A . n 
A 1 150 ARG 150 149 149 ARG ARG A . n 
A 1 151 GLN 151 150 150 GLN GLN A . n 
A 1 152 GLY 152 151 151 GLY GLY A . n 
A 1 153 VAL 153 152 152 VAL VAL A . n 
A 1 154 ASP 154 153 153 ASP ASP A . n 
A 1 155 ASP 155 154 154 ASP ASP A . n 
A 1 156 ALA 156 155 155 ALA ALA A . n 
A 1 157 PHE 157 156 156 PHE PHE A . n 
A 1 158 TYR 158 157 157 TYR TYR A . n 
A 1 159 THR 159 158 158 THR THR A . n 
A 1 160 LEU 160 159 159 LEU LEU A . n 
A 1 161 VAL 161 160 160 VAL VAL A . n 
A 1 162 ARG 162 161 161 ARG ARG A . n 
A 1 163 GLU 163 162 162 GLU GLU A . n 
A 1 164 ILE 164 163 163 ILE ILE A . n 
A 1 165 ARG 165 164 164 ARG ARG A . n 
A 1 166 LYS 166 165 165 LYS LYS A . n 
A 1 167 HIS 167 166 166 HIS HIS A . n 
A 1 168 LYS 168 167 167 LYS LYS A . n 
A 1 169 GLU 169 168 168 GLU GLU A . n 
A 1 170 LYS 170 169 169 LYS LYS A . n 
# 
_pdbx_contact_author.id                 2 
_pdbx_contact_author.email              yasushi-amano@astellas.com 
_pdbx_contact_author.name_first         Yasushi 
_pdbx_contact_author.name_last          Amano 
_pdbx_contact_author.name_mi            ? 
_pdbx_contact_author.role               'principal investigator/group leader' 
_pdbx_contact_author.identifier_ORCID   0000-0002-7190-7537 
# 
loop_
_pdbx_nonpoly_scheme.asym_id 
_pdbx_nonpoly_scheme.entity_id 
_pdbx_nonpoly_scheme.mon_id 
_pdbx_nonpoly_scheme.ndb_seq_num 
_pdbx_nonpoly_scheme.pdb_seq_num 
_pdbx_nonpoly_scheme.auth_seq_num 
_pdbx_nonpoly_scheme.pdb_mon_id 
_pdbx_nonpoly_scheme.auth_mon_id 
_pdbx_nonpoly_scheme.pdb_strand_id 
_pdbx_nonpoly_scheme.pdb_ins_code 
B 2 GDP 1  201 201 GDP GDP A . 
C 3 MG  1  202 202 MG  MG  A . 
D 4 SO4 1  203 203 SO4 SO4 A . 
E 5 IQN 1  204 301 IQN UNL A . 
F 6 HOH 1  301 99  HOH HOH A . 
F 6 HOH 2  302 29  HOH HOH A . 
F 6 HOH 3  303 66  HOH HOH A . 
F 6 HOH 4  304 24  HOH HOH A . 
F 6 HOH 5  305 18  HOH HOH A . 
F 6 HOH 6  306 22  HOH HOH A . 
F 6 HOH 7  307 61  HOH HOH A . 
F 6 HOH 8  308 97  HOH HOH A . 
F 6 HOH 9  309 47  HOH HOH A . 
F 6 HOH 10 310 49  HOH HOH A . 
F 6 HOH 11 311 3   HOH HOH A . 
F 6 HOH 12 312 35  HOH HOH A . 
F 6 HOH 13 313 6   HOH HOH A . 
F 6 HOH 14 314 52  HOH HOH A . 
F 6 HOH 15 315 76  HOH HOH A . 
F 6 HOH 16 316 40  HOH HOH A . 
F 6 HOH 17 317 25  HOH HOH A . 
F 6 HOH 18 318 82  HOH HOH A . 
F 6 HOH 19 319 28  HOH HOH A . 
F 6 HOH 20 320 14  HOH HOH A . 
F 6 HOH 21 321 60  HOH HOH A . 
F 6 HOH 22 322 36  HOH HOH A . 
F 6 HOH 23 323 75  HOH HOH A . 
F 6 HOH 24 324 93  HOH HOH A . 
F 6 HOH 25 325 92  HOH HOH A . 
F 6 HOH 26 326 27  HOH HOH A . 
F 6 HOH 27 327 5   HOH HOH A . 
F 6 HOH 28 328 34  HOH HOH A . 
F 6 HOH 29 329 4   HOH HOH A . 
F 6 HOH 30 330 2   HOH HOH A . 
F 6 HOH 31 331 1   HOH HOH A . 
F 6 HOH 32 332 13  HOH HOH A . 
F 6 HOH 33 333 58  HOH HOH A . 
F 6 HOH 34 334 12  HOH HOH A . 
F 6 HOH 35 335 31  HOH HOH A . 
F 6 HOH 36 336 41  HOH HOH A . 
F 6 HOH 37 337 96  HOH HOH A . 
F 6 HOH 38 338 10  HOH HOH A . 
F 6 HOH 39 339 7   HOH HOH A . 
F 6 HOH 40 340 78  HOH HOH A . 
F 6 HOH 41 341 51  HOH HOH A . 
F 6 HOH 42 342 68  HOH HOH A . 
F 6 HOH 43 343 30  HOH HOH A . 
F 6 HOH 44 344 59  HOH HOH A . 
F 6 HOH 45 345 15  HOH HOH A . 
F 6 HOH 46 346 16  HOH HOH A . 
F 6 HOH 47 347 8   HOH HOH A . 
F 6 HOH 48 348 83  HOH HOH A . 
F 6 HOH 49 349 32  HOH HOH A . 
F 6 HOH 50 350 23  HOH HOH A . 
F 6 HOH 51 351 64  HOH HOH A . 
F 6 HOH 52 352 69  HOH HOH A . 
F 6 HOH 53 353 77  HOH HOH A . 
F 6 HOH 54 354 85  HOH HOH A . 
F 6 HOH 55 355 19  HOH HOH A . 
F 6 HOH 56 356 79  HOH HOH A . 
F 6 HOH 57 357 70  HOH HOH A . 
F 6 HOH 58 358 95  HOH HOH A . 
F 6 HOH 59 359 56  HOH HOH A . 
F 6 HOH 60 360 20  HOH HOH A . 
F 6 HOH 61 361 74  HOH HOH A . 
F 6 HOH 62 362 71  HOH HOH A . 
F 6 HOH 63 363 62  HOH HOH A . 
F 6 HOH 64 364 38  HOH HOH A . 
F 6 HOH 65 365 45  HOH HOH A . 
F 6 HOH 66 366 87  HOH HOH A . 
F 6 HOH 67 367 11  HOH HOH A . 
F 6 HOH 68 368 46  HOH HOH A . 
F 6 HOH 69 369 73  HOH HOH A . 
F 6 HOH 70 370 86  HOH HOH A . 
F 6 HOH 71 371 63  HOH HOH A . 
F 6 HOH 72 372 55  HOH HOH A . 
F 6 HOH 73 373 94  HOH HOH A . 
F 6 HOH 74 374 48  HOH HOH A . 
F 6 HOH 75 375 88  HOH HOH A . 
F 6 HOH 76 376 42  HOH HOH A . 
F 6 HOH 77 377 21  HOH HOH A . 
F 6 HOH 78 378 65  HOH HOH A . 
F 6 HOH 79 379 39  HOH HOH A . 
F 6 HOH 80 380 53  HOH HOH A . 
F 6 HOH 81 381 9   HOH HOH A . 
F 6 HOH 82 382 37  HOH HOH A . 
F 6 HOH 83 383 90  HOH HOH A . 
F 6 HOH 84 384 26  HOH HOH A . 
F 6 HOH 85 385 50  HOH HOH A . 
F 6 HOH 86 386 98  HOH HOH A . 
F 6 HOH 87 387 44  HOH HOH A . 
F 6 HOH 88 388 91  HOH HOH A . 
F 6 HOH 89 389 89  HOH HOH A . 
F 6 HOH 90 390 84  HOH HOH A . 
F 6 HOH 91 391 67  HOH HOH A . 
F 6 HOH 92 392 54  HOH HOH A . 
F 6 HOH 93 393 80  HOH HOH A . 
F 6 HOH 94 394 43  HOH HOH A . 
F 6 HOH 95 395 72  HOH HOH A . 
# 
_pdbx_struct_assembly.id                   1 
_pdbx_struct_assembly.details              author_and_software_defined_assembly 
_pdbx_struct_assembly.method_details       PISA 
_pdbx_struct_assembly.oligomeric_details   monomeric 
_pdbx_struct_assembly.oligomeric_count     1 
# 
_pdbx_struct_assembly_gen.assembly_id       1 
_pdbx_struct_assembly_gen.oper_expression   1 
_pdbx_struct_assembly_gen.asym_id_list      A,B,C,D,E,F 
# 
loop_
_pdbx_struct_assembly_prop.biol_id 
_pdbx_struct_assembly_prop.type 
_pdbx_struct_assembly_prop.value 
_pdbx_struct_assembly_prop.details 
1 'ABSA (A^2)' 880  ? 
1 MORE         -19  ? 
1 'SSA (A^2)'  8280 ? 
# 
_pdbx_struct_oper_list.id                   1 
_pdbx_struct_oper_list.type                 'identity operation' 
_pdbx_struct_oper_list.name                 1_555 
_pdbx_struct_oper_list.symmetry_operation   x,y,z 
_pdbx_struct_oper_list.matrix[1][1]         1.0000000000 
_pdbx_struct_oper_list.matrix[1][2]         0.0000000000 
_pdbx_struct_oper_list.matrix[1][3]         0.0000000000 
_pdbx_struct_oper_list.vector[1]            0.0000000000 
_pdbx_struct_oper_list.matrix[2][1]         0.0000000000 
_pdbx_struct_oper_list.matrix[2][2]         1.0000000000 
_pdbx_struct_oper_list.matrix[2][3]         0.0000000000 
_pdbx_struct_oper_list.vector[2]            0.0000000000 
_pdbx_struct_oper_list.matrix[3][1]         0.0000000000 
_pdbx_struct_oper_list.matrix[3][2]         0.0000000000 
_pdbx_struct_oper_list.matrix[3][3]         1.0000000000 
_pdbx_struct_oper_list.vector[3]            0.0000000000 
# 
_pdbx_struct_special_symmetry.id              1 
_pdbx_struct_special_symmetry.PDB_model_num   1 
_pdbx_struct_special_symmetry.auth_asym_id    A 
_pdbx_struct_special_symmetry.auth_comp_id    HOH 
_pdbx_struct_special_symmetry.auth_seq_id     392 
_pdbx_struct_special_symmetry.PDB_ins_code    ? 
_pdbx_struct_special_symmetry.label_asym_id   F 
_pdbx_struct_special_symmetry.label_comp_id   HOH 
_pdbx_struct_special_symmetry.label_seq_id    . 
# 
_pdbx_struct_conn_angle.id                    1 
_pdbx_struct_conn_angle.ptnr1_label_atom_id   OG 
_pdbx_struct_conn_angle.ptnr1_label_alt_id    ? 
_pdbx_struct_conn_angle.ptnr1_label_asym_id   A 
_pdbx_struct_conn_angle.ptnr1_label_comp_id   SER 
_pdbx_struct_conn_angle.ptnr1_label_seq_id    18 
_pdbx_struct_conn_angle.ptnr1_auth_atom_id    ? 
_pdbx_struct_conn_angle.ptnr1_auth_asym_id    A 
_pdbx_struct_conn_angle.ptnr1_auth_comp_id    SER 
_pdbx_struct_conn_angle.ptnr1_auth_seq_id     17 
_pdbx_struct_conn_angle.ptnr1_PDB_ins_code    ? 
_pdbx_struct_conn_angle.ptnr1_symmetry        1_555 
_pdbx_struct_conn_angle.ptnr2_label_atom_id   MG 
_pdbx_struct_conn_angle.ptnr2_label_alt_id    ? 
_pdbx_struct_conn_angle.ptnr2_label_asym_id   C 
_pdbx_struct_conn_angle.ptnr2_label_comp_id   MG 
_pdbx_struct_conn_angle.ptnr2_label_seq_id    . 
_pdbx_struct_conn_angle.ptnr2_auth_atom_id    ? 
_pdbx_struct_conn_angle.ptnr2_auth_asym_id    A 
_pdbx_struct_conn_angle.ptnr2_auth_comp_id    MG 
_pdbx_struct_conn_angle.ptnr2_auth_seq_id     202 
_pdbx_struct_conn_angle.ptnr2_PDB_ins_code    ? 
_pdbx_struct_conn_angle.ptnr2_symmetry        1_555 
_pdbx_struct_conn_angle.ptnr3_label_atom_id   O2B 
_pdbx_struct_conn_angle.ptnr3_label_alt_id    ? 
_pdbx_struct_conn_angle.ptnr3_label_asym_id   B 
_pdbx_struct_conn_angle.ptnr3_label_comp_id   GDP 
_pdbx_struct_conn_angle.ptnr3_label_seq_id    . 
_pdbx_struct_conn_angle.ptnr3_auth_atom_id    ? 
_pdbx_struct_conn_angle.ptnr3_auth_asym_id    A 
_pdbx_struct_conn_angle.ptnr3_auth_comp_id    GDP 
_pdbx_struct_conn_angle.ptnr3_auth_seq_id     201 
_pdbx_struct_conn_angle.ptnr3_PDB_ins_code    ? 
_pdbx_struct_conn_angle.ptnr3_symmetry        1_555 
_pdbx_struct_conn_angle.value                 90.6 
_pdbx_struct_conn_angle.value_esd             ? 
# 
loop_
_pdbx_audit_revision_history.ordinal 
_pdbx_audit_revision_history.data_content_type 
_pdbx_audit_revision_history.major_revision 
_pdbx_audit_revision_history.minor_revision 
_pdbx_audit_revision_history.revision_date 
1 'Structure model' 1 0 2022-08-10 
2 'Structure model' 1 1 2022-08-17 
3 'Structure model' 1 2 2023-11-29 
# 
_pdbx_audit_revision_details.ordinal             1 
_pdbx_audit_revision_details.revision_ordinal    1 
_pdbx_audit_revision_details.data_content_type   'Structure model' 
_pdbx_audit_revision_details.provider            repository 
_pdbx_audit_revision_details.type                'Initial release' 
_pdbx_audit_revision_details.description         ? 
_pdbx_audit_revision_details.details             ? 
# 
loop_
_pdbx_audit_revision_group.ordinal 
_pdbx_audit_revision_group.revision_ordinal 
_pdbx_audit_revision_group.data_content_type 
_pdbx_audit_revision_group.group 
1 2 'Structure model' 'Database references'    
2 3 'Structure model' 'Data collection'        
3 3 'Structure model' 'Refinement description' 
# 
loop_
_pdbx_audit_revision_category.ordinal 
_pdbx_audit_revision_category.revision_ordinal 
_pdbx_audit_revision_category.data_content_type 
_pdbx_audit_revision_category.category 
1 2 'Structure model' citation                      
2 3 'Structure model' chem_comp_atom                
3 3 'Structure model' chem_comp_bond                
4 3 'Structure model' pdbx_initial_refinement_model 
# 
loop_
_pdbx_audit_revision_item.ordinal 
_pdbx_audit_revision_item.revision_ordinal 
_pdbx_audit_revision_item.data_content_type 
_pdbx_audit_revision_item.item 
1 2 'Structure model' '_citation.journal_volume'          
2 2 'Structure model' '_citation.page_last'               
3 2 'Structure model' '_citation.pdbx_database_id_PubMed' 
4 2 'Structure model' '_citation.title'                   
# 
loop_
_software.citation_id 
_software.classification 
_software.compiler_name 
_software.compiler_version 
_software.contact_author 
_software.contact_author_email 
_software.date 
_software.description 
_software.dependencies 
_software.hardware 
_software.language 
_software.location 
_software.mods 
_software.name 
_software.os 
_software.os_version 
_software.type 
_software.version 
_software.pdbx_ordinal 
? 'data scaling'    ? ? ? ? ? ? ? ? ? ? ? Aimless     ? ? ? 0.7.4    1 
? refinement        ? ? ? ? ? ? ? ? ? ? ? REFMAC      ? ? ? 5.8.0257 2 
? 'data extraction' ? ? ? ? ? ? ? ? ? ? ? PDB_EXTRACT ? ? ? 3.27     3 
? 'data reduction'  ? ? ? ? ? ? ? ? ? ? ? CrysalisPro ? ? ? .        4 
? phasing           ? ? ? ? ? ? ? ? ? ? ? PHASER      ? ? ? .        5 
# 
_pdbx_entry_details.entry_id                 7YCE 
_pdbx_entry_details.has_ligand_of_interest   Y 
_pdbx_entry_details.compound_details         ? 
_pdbx_entry_details.source_details           ? 
_pdbx_entry_details.nonpolymer_details       ? 
_pdbx_entry_details.sequence_details         ? 
# 
loop_
_pdbx_validate_close_contact.id 
_pdbx_validate_close_contact.PDB_model_num 
_pdbx_validate_close_contact.auth_atom_id_1 
_pdbx_validate_close_contact.auth_asym_id_1 
_pdbx_validate_close_contact.auth_comp_id_1 
_pdbx_validate_close_contact.auth_seq_id_1 
_pdbx_validate_close_contact.PDB_ins_code_1 
_pdbx_validate_close_contact.label_alt_id_1 
_pdbx_validate_close_contact.auth_atom_id_2 
_pdbx_validate_close_contact.auth_asym_id_2 
_pdbx_validate_close_contact.auth_comp_id_2 
_pdbx_validate_close_contact.auth_seq_id_2 
_pdbx_validate_close_contact.PDB_ins_code_2 
_pdbx_validate_close_contact.label_alt_id_2 
_pdbx_validate_close_contact.dist 
1 1 SG A CYS 12  ? ? C31 A IQN 204 ? ? 1.84 
2 1 O  A CYS 51  ? ? O   A HOH 301 ? ? 1.94 
3 1 O  A HOH 308 ? ? O   A HOH 343 ? ? 2.06 
# 
_pdbx_validate_rmsd_angle.id                         1 
_pdbx_validate_rmsd_angle.PDB_model_num              1 
_pdbx_validate_rmsd_angle.auth_atom_id_1             CB 
_pdbx_validate_rmsd_angle.auth_asym_id_1             A 
_pdbx_validate_rmsd_angle.auth_comp_id_1             ASP 
_pdbx_validate_rmsd_angle.auth_seq_id_1              69 
_pdbx_validate_rmsd_angle.PDB_ins_code_1             ? 
_pdbx_validate_rmsd_angle.label_alt_id_1             ? 
_pdbx_validate_rmsd_angle.auth_atom_id_2             CG 
_pdbx_validate_rmsd_angle.auth_asym_id_2             A 
_pdbx_validate_rmsd_angle.auth_comp_id_2             ASP 
_pdbx_validate_rmsd_angle.auth_seq_id_2              69 
_pdbx_validate_rmsd_angle.PDB_ins_code_2             ? 
_pdbx_validate_rmsd_angle.label_alt_id_2             ? 
_pdbx_validate_rmsd_angle.auth_atom_id_3             OD1 
_pdbx_validate_rmsd_angle.auth_asym_id_3             A 
_pdbx_validate_rmsd_angle.auth_comp_id_3             ASP 
_pdbx_validate_rmsd_angle.auth_seq_id_3              69 
_pdbx_validate_rmsd_angle.PDB_ins_code_3             ? 
_pdbx_validate_rmsd_angle.label_alt_id_3             ? 
_pdbx_validate_rmsd_angle.angle_value                126.29 
_pdbx_validate_rmsd_angle.angle_target_value         118.30 
_pdbx_validate_rmsd_angle.angle_deviation            7.99 
_pdbx_validate_rmsd_angle.angle_standard_deviation   0.90 
_pdbx_validate_rmsd_angle.linker_flag                N 
# 
loop_
_pdbx_validate_torsion.id 
_pdbx_validate_torsion.PDB_model_num 
_pdbx_validate_torsion.auth_comp_id 
_pdbx_validate_torsion.auth_asym_id 
_pdbx_validate_torsion.auth_seq_id 
_pdbx_validate_torsion.PDB_ins_code 
_pdbx_validate_torsion.label_alt_id 
_pdbx_validate_torsion.phi 
_pdbx_validate_torsion.psi 
1 1 GLN A 25  ? ? -152.11 -6.54   
2 1 GLU A 31  ? ? -149.62 55.15   
3 1 ALA A 59  ? ? -162.74 -169.84 
4 1 TYR A 64  ? ? -38.50  102.42  
5 1 LYS A 117 ? ? 72.10   39.62   
6 1 ARG A 149 ? ? 79.16   -4.09   
# 
loop_
_pdbx_unobs_or_zero_occ_atoms.id 
_pdbx_unobs_or_zero_occ_atoms.PDB_model_num 
_pdbx_unobs_or_zero_occ_atoms.polymer_flag 
_pdbx_unobs_or_zero_occ_atoms.occupancy_flag 
_pdbx_unobs_or_zero_occ_atoms.auth_asym_id 
_pdbx_unobs_or_zero_occ_atoms.auth_comp_id 
_pdbx_unobs_or_zero_occ_atoms.auth_seq_id 
_pdbx_unobs_or_zero_occ_atoms.PDB_ins_code 
_pdbx_unobs_or_zero_occ_atoms.auth_atom_id 
_pdbx_unobs_or_zero_occ_atoms.label_alt_id 
_pdbx_unobs_or_zero_occ_atoms.label_asym_id 
_pdbx_unobs_or_zero_occ_atoms.label_comp_id 
_pdbx_unobs_or_zero_occ_atoms.label_seq_id 
_pdbx_unobs_or_zero_occ_atoms.label_atom_id 
1 1 Y 1 A TYR 71 ? CG  ? A TYR 72 CG  
2 1 Y 1 A TYR 71 ? CD1 ? A TYR 72 CD1 
3 1 Y 1 A TYR 71 ? CD2 ? A TYR 72 CD2 
4 1 Y 1 A TYR 71 ? CE1 ? A TYR 72 CE1 
5 1 Y 1 A TYR 71 ? CE2 ? A TYR 72 CE2 
6 1 Y 1 A TYR 71 ? CZ  ? A TYR 72 CZ  
7 1 Y 1 A TYR 71 ? OH  ? A TYR 72 OH  
# 
_pdbx_unobs_or_zero_occ_residues.id               1 
_pdbx_unobs_or_zero_occ_residues.PDB_model_num    1 
_pdbx_unobs_or_zero_occ_residues.polymer_flag     Y 
_pdbx_unobs_or_zero_occ_residues.occupancy_flag   1 
_pdbx_unobs_or_zero_occ_residues.auth_asym_id     A 
_pdbx_unobs_or_zero_occ_residues.auth_comp_id     GLY 
_pdbx_unobs_or_zero_occ_residues.auth_seq_id      0 
_pdbx_unobs_or_zero_occ_residues.PDB_ins_code     ? 
_pdbx_unobs_or_zero_occ_residues.label_asym_id    A 
_pdbx_unobs_or_zero_occ_residues.label_comp_id    GLY 
_pdbx_unobs_or_zero_occ_residues.label_seq_id     1 
# 
loop_
_chem_comp_atom.comp_id 
_chem_comp_atom.atom_id 
_chem_comp_atom.type_symbol 
_chem_comp_atom.pdbx_aromatic_flag 
_chem_comp_atom.pdbx_stereo_config 
_chem_comp_atom.pdbx_ordinal 
ALA N      N  N N 1   
ALA CA     C  N S 2   
ALA C      C  N N 3   
ALA O      O  N N 4   
ALA CB     C  N N 5   
ALA OXT    O  N N 6   
ALA H      H  N N 7   
ALA H2     H  N N 8   
ALA HA     H  N N 9   
ALA HB1    H  N N 10  
ALA HB2    H  N N 11  
ALA HB3    H  N N 12  
ALA HXT    H  N N 13  
ARG N      N  N N 14  
ARG CA     C  N S 15  
ARG C      C  N N 16  
ARG O      O  N N 17  
ARG CB     C  N N 18  
ARG CG     C  N N 19  
ARG CD     C  N N 20  
ARG NE     N  N N 21  
ARG CZ     C  N N 22  
ARG NH1    N  N N 23  
ARG NH2    N  N N 24  
ARG OXT    O  N N 25  
ARG H      H  N N 26  
ARG H2     H  N N 27  
ARG HA     H  N N 28  
ARG HB2    H  N N 29  
ARG HB3    H  N N 30  
ARG HG2    H  N N 31  
ARG HG3    H  N N 32  
ARG HD2    H  N N 33  
ARG HD3    H  N N 34  
ARG HE     H  N N 35  
ARG HH11   H  N N 36  
ARG HH12   H  N N 37  
ARG HH21   H  N N 38  
ARG HH22   H  N N 39  
ARG HXT    H  N N 40  
ASN N      N  N N 41  
ASN CA     C  N S 42  
ASN C      C  N N 43  
ASN O      O  N N 44  
ASN CB     C  N N 45  
ASN CG     C  N N 46  
ASN OD1    O  N N 47  
ASN ND2    N  N N 48  
ASN OXT    O  N N 49  
ASN H      H  N N 50  
ASN H2     H  N N 51  
ASN HA     H  N N 52  
ASN HB2    H  N N 53  
ASN HB3    H  N N 54  
ASN HD21   H  N N 55  
ASN HD22   H  N N 56  
ASN HXT    H  N N 57  
ASP N      N  N N 58  
ASP CA     C  N S 59  
ASP C      C  N N 60  
ASP O      O  N N 61  
ASP CB     C  N N 62  
ASP CG     C  N N 63  
ASP OD1    O  N N 64  
ASP OD2    O  N N 65  
ASP OXT    O  N N 66  
ASP H      H  N N 67  
ASP H2     H  N N 68  
ASP HA     H  N N 69  
ASP HB2    H  N N 70  
ASP HB3    H  N N 71  
ASP HD2    H  N N 72  
ASP HXT    H  N N 73  
CYS N      N  N N 74  
CYS CA     C  N R 75  
CYS C      C  N N 76  
CYS O      O  N N 77  
CYS CB     C  N N 78  
CYS SG     S  N N 79  
CYS OXT    O  N N 80  
CYS H      H  N N 81  
CYS H2     H  N N 82  
CYS HA     H  N N 83  
CYS HB2    H  N N 84  
CYS HB3    H  N N 85  
CYS HG     H  N N 86  
CYS HXT    H  N N 87  
GDP PB     P  N N 88  
GDP O1B    O  N N 89  
GDP O2B    O  N N 90  
GDP O3B    O  N N 91  
GDP O3A    O  N N 92  
GDP PA     P  N N 93  
GDP O1A    O  N N 94  
GDP O2A    O  N N 95  
GDP "O5'"  O  N N 96  
GDP "C5'"  C  N N 97  
GDP "C4'"  C  N R 98  
GDP "O4'"  O  N N 99  
GDP "C3'"  C  N S 100 
GDP "O3'"  O  N N 101 
GDP "C2'"  C  N R 102 
GDP "O2'"  O  N N 103 
GDP "C1'"  C  N R 104 
GDP N9     N  Y N 105 
GDP C8     C  Y N 106 
GDP N7     N  Y N 107 
GDP C5     C  Y N 108 
GDP C6     C  N N 109 
GDP O6     O  N N 110 
GDP N1     N  N N 111 
GDP C2     C  N N 112 
GDP N2     N  N N 113 
GDP N3     N  N N 114 
GDP C4     C  Y N 115 
GDP HOB2   H  N N 116 
GDP HOB3   H  N N 117 
GDP HOA2   H  N N 118 
GDP "H5'"  H  N N 119 
GDP "H5''" H  N N 120 
GDP "H4'"  H  N N 121 
GDP "H3'"  H  N N 122 
GDP "HO3'" H  N N 123 
GDP "H2'"  H  N N 124 
GDP "HO2'" H  N N 125 
GDP "H1'"  H  N N 126 
GDP H8     H  N N 127 
GDP HN1    H  N N 128 
GDP HN21   H  N N 129 
GDP HN22   H  N N 130 
GLN N      N  N N 131 
GLN CA     C  N S 132 
GLN C      C  N N 133 
GLN O      O  N N 134 
GLN CB     C  N N 135 
GLN CG     C  N N 136 
GLN CD     C  N N 137 
GLN OE1    O  N N 138 
GLN NE2    N  N N 139 
GLN OXT    O  N N 140 
GLN H      H  N N 141 
GLN H2     H  N N 142 
GLN HA     H  N N 143 
GLN HB2    H  N N 144 
GLN HB3    H  N N 145 
GLN HG2    H  N N 146 
GLN HG3    H  N N 147 
GLN HE21   H  N N 148 
GLN HE22   H  N N 149 
GLN HXT    H  N N 150 
GLU N      N  N N 151 
GLU CA     C  N S 152 
GLU C      C  N N 153 
GLU O      O  N N 154 
GLU CB     C  N N 155 
GLU CG     C  N N 156 
GLU CD     C  N N 157 
GLU OE1    O  N N 158 
GLU OE2    O  N N 159 
GLU OXT    O  N N 160 
GLU H      H  N N 161 
GLU H2     H  N N 162 
GLU HA     H  N N 163 
GLU HB2    H  N N 164 
GLU HB3    H  N N 165 
GLU HG2    H  N N 166 
GLU HG3    H  N N 167 
GLU HE2    H  N N 168 
GLU HXT    H  N N 169 
GLY N      N  N N 170 
GLY CA     C  N N 171 
GLY C      C  N N 172 
GLY O      O  N N 173 
GLY OXT    O  N N 174 
GLY H      H  N N 175 
GLY H2     H  N N 176 
GLY HA2    H  N N 177 
GLY HA3    H  N N 178 
GLY HXT    H  N N 179 
HIS N      N  N N 180 
HIS CA     C  N S 181 
HIS C      C  N N 182 
HIS O      O  N N 183 
HIS CB     C  N N 184 
HIS CG     C  Y N 185 
HIS ND1    N  Y N 186 
HIS CD2    C  Y N 187 
HIS CE1    C  Y N 188 
HIS NE2    N  Y N 189 
HIS OXT    O  N N 190 
HIS H      H  N N 191 
HIS H2     H  N N 192 
HIS HA     H  N N 193 
HIS HB2    H  N N 194 
HIS HB3    H  N N 195 
HIS HD1    H  N N 196 
HIS HD2    H  N N 197 
HIS HE1    H  N N 198 
HIS HE2    H  N N 199 
HIS HXT    H  N N 200 
HOH O      O  N N 201 
HOH H1     H  N N 202 
HOH H2     H  N N 203 
ILE N      N  N N 204 
ILE CA     C  N S 205 
ILE C      C  N N 206 
ILE O      O  N N 207 
ILE CB     C  N S 208 
ILE CG1    C  N N 209 
ILE CG2    C  N N 210 
ILE CD1    C  N N 211 
ILE OXT    O  N N 212 
ILE H      H  N N 213 
ILE H2     H  N N 214 
ILE HA     H  N N 215 
ILE HB     H  N N 216 
ILE HG12   H  N N 217 
ILE HG13   H  N N 218 
ILE HG21   H  N N 219 
ILE HG22   H  N N 220 
ILE HG23   H  N N 221 
ILE HD11   H  N N 222 
ILE HD12   H  N N 223 
ILE HD13   H  N N 224 
ILE HXT    H  N N 225 
IQN C3     C  Y N 226 
IQN C4     C  Y N 227 
IQN C20    C  Y N 228 
IQN C8     C  Y N 229 
IQN C19    C  Y N 230 
IQN C9     C  Y N 231 
IQN C10    C  Y N 232 
IQN C11    C  Y N 233 
IQN C2     C  Y N 234 
IQN C14    C  Y N 235 
IQN C5     C  Y N 236 
IQN C12    C  Y N 237 
IQN C21    C  Y N 238 
IQN C18    C  Y N 239 
IQN C16    C  Y N 240 
IQN C31    C  N N 241 
IQN C30    C  N N 242 
IQN C29    C  N N 243 
IQN C38    C  N N 244 
IQN C44    C  N N 245 
IQN C25    C  N N 246 
IQN C34    C  N N 247 
IQN C39    C  N N 248 
IQN C43    C  N N 249 
IQN C27    C  N N 250 
IQN C33    C  N N 251 
IQN C24    C  N N 252 
IQN C35    C  N N 253 
IQN C37    C  N N 254 
IQN C26    C  N N 255 
IQN C1     C  N N 256 
IQN C42    C  N N 257 
IQN C41    C  N N 258 
IQN N7     N  Y N 259 
IQN N15    N  Y N 260 
IQN N17    N  Y N 261 
IQN N6     N  Y N 262 
IQN N28    N  N N 263 
IQN N40    N  N N 264 
IQN N23    N  N N 265 
IQN O32    O  N N 266 
IQN O36    O  N N 267 
IQN F13    F  N N 268 
IQN CL1    CL N N 269 
IQN H1     H  N N 270 
IQN H2     H  N N 271 
IQN H3     H  N N 272 
IQN H4     H  N N 273 
IQN H5     H  N N 274 
IQN H6     H  N N 275 
IQN H7     H  N N 276 
IQN H8     H  N N 277 
IQN H9     H  N N 278 
IQN H10    H  N N 279 
IQN H11    H  N N 280 
IQN H12    H  N N 281 
IQN H13    H  N N 282 
IQN H14    H  N N 283 
IQN H15    H  N N 284 
IQN H16    H  N N 285 
IQN H17    H  N N 286 
IQN H18    H  N N 287 
IQN H19    H  N N 288 
IQN H20    H  N N 289 
IQN H21    H  N N 290 
IQN H22    H  N N 291 
IQN H23    H  N N 292 
IQN H24    H  N N 293 
IQN H25    H  N N 294 
IQN H26    H  N N 295 
IQN H27    H  N N 296 
IQN H28    H  N N 297 
IQN H29    H  N N 298 
IQN H30    H  N N 299 
IQN H31    H  N N 300 
IQN H32    H  N N 301 
IQN H33    H  N N 302 
IQN H34    H  N N 303 
IQN H35    H  N N 304 
IQN H36    H  N N 305 
IQN H37    H  N N 306 
IQN H38    H  N N 307 
IQN H39    H  N N 308 
LEU N      N  N N 309 
LEU CA     C  N S 310 
LEU C      C  N N 311 
LEU O      O  N N 312 
LEU CB     C  N N 313 
LEU CG     C  N N 314 
LEU CD1    C  N N 315 
LEU CD2    C  N N 316 
LEU OXT    O  N N 317 
LEU H      H  N N 318 
LEU H2     H  N N 319 
LEU HA     H  N N 320 
LEU HB2    H  N N 321 
LEU HB3    H  N N 322 
LEU HG     H  N N 323 
LEU HD11   H  N N 324 
LEU HD12   H  N N 325 
LEU HD13   H  N N 326 
LEU HD21   H  N N 327 
LEU HD22   H  N N 328 
LEU HD23   H  N N 329 
LEU HXT    H  N N 330 
LYS N      N  N N 331 
LYS CA     C  N S 332 
LYS C      C  N N 333 
LYS O      O  N N 334 
LYS CB     C  N N 335 
LYS CG     C  N N 336 
LYS CD     C  N N 337 
LYS CE     C  N N 338 
LYS NZ     N  N N 339 
LYS OXT    O  N N 340 
LYS H      H  N N 341 
LYS H2     H  N N 342 
LYS HA     H  N N 343 
LYS HB2    H  N N 344 
LYS HB3    H  N N 345 
LYS HG2    H  N N 346 
LYS HG3    H  N N 347 
LYS HD2    H  N N 348 
LYS HD3    H  N N 349 
LYS HE2    H  N N 350 
LYS HE3    H  N N 351 
LYS HZ1    H  N N 352 
LYS HZ2    H  N N 353 
LYS HZ3    H  N N 354 
LYS HXT    H  N N 355 
MET N      N  N N 356 
MET CA     C  N S 357 
MET C      C  N N 358 
MET O      O  N N 359 
MET CB     C  N N 360 
MET CG     C  N N 361 
MET SD     S  N N 362 
MET CE     C  N N 363 
MET OXT    O  N N 364 
MET H      H  N N 365 
MET H2     H  N N 366 
MET HA     H  N N 367 
MET HB2    H  N N 368 
MET HB3    H  N N 369 
MET HG2    H  N N 370 
MET HG3    H  N N 371 
MET HE1    H  N N 372 
MET HE2    H  N N 373 
MET HE3    H  N N 374 
MET HXT    H  N N 375 
MG  MG     MG N N 376 
PHE N      N  N N 377 
PHE CA     C  N S 378 
PHE C      C  N N 379 
PHE O      O  N N 380 
PHE CB     C  N N 381 
PHE CG     C  Y N 382 
PHE CD1    C  Y N 383 
PHE CD2    C  Y N 384 
PHE CE1    C  Y N 385 
PHE CE2    C  Y N 386 
PHE CZ     C  Y N 387 
PHE OXT    O  N N 388 
PHE H      H  N N 389 
PHE H2     H  N N 390 
PHE HA     H  N N 391 
PHE HB2    H  N N 392 
PHE HB3    H  N N 393 
PHE HD1    H  N N 394 
PHE HD2    H  N N 395 
PHE HE1    H  N N 396 
PHE HE2    H  N N 397 
PHE HZ     H  N N 398 
PHE HXT    H  N N 399 
PRO N      N  N N 400 
PRO CA     C  N S 401 
PRO C      C  N N 402 
PRO O      O  N N 403 
PRO CB     C  N N 404 
PRO CG     C  N N 405 
PRO CD     C  N N 406 
PRO OXT    O  N N 407 
PRO H      H  N N 408 
PRO HA     H  N N 409 
PRO HB2    H  N N 410 
PRO HB3    H  N N 411 
PRO HG2    H  N N 412 
PRO HG3    H  N N 413 
PRO HD2    H  N N 414 
PRO HD3    H  N N 415 
PRO HXT    H  N N 416 
SER N      N  N N 417 
SER CA     C  N S 418 
SER C      C  N N 419 
SER O      O  N N 420 
SER CB     C  N N 421 
SER OG     O  N N 422 
SER OXT    O  N N 423 
SER H      H  N N 424 
SER H2     H  N N 425 
SER HA     H  N N 426 
SER HB2    H  N N 427 
SER HB3    H  N N 428 
SER HG     H  N N 429 
SER HXT    H  N N 430 
SO4 S      S  N N 431 
SO4 O1     O  N N 432 
SO4 O2     O  N N 433 
SO4 O3     O  N N 434 
SO4 O4     O  N N 435 
THR N      N  N N 436 
THR CA     C  N S 437 
THR C      C  N N 438 
THR O      O  N N 439 
THR CB     C  N R 440 
THR OG1    O  N N 441 
THR CG2    C  N N 442 
THR OXT    O  N N 443 
THR H      H  N N 444 
THR H2     H  N N 445 
THR HA     H  N N 446 
THR HB     H  N N 447 
THR HG1    H  N N 448 
THR HG21   H  N N 449 
THR HG22   H  N N 450 
THR HG23   H  N N 451 
THR HXT    H  N N 452 
TYR N      N  N N 453 
TYR CA     C  N S 454 
TYR C      C  N N 455 
TYR O      O  N N 456 
TYR CB     C  N N 457 
TYR CG     C  Y N 458 
TYR CD1    C  Y N 459 
TYR CD2    C  Y N 460 
TYR CE1    C  Y N 461 
TYR CE2    C  Y N 462 
TYR CZ     C  Y N 463 
TYR OH     O  N N 464 
TYR OXT    O  N N 465 
TYR H      H  N N 466 
TYR H2     H  N N 467 
TYR HA     H  N N 468 
TYR HB2    H  N N 469 
TYR HB3    H  N N 470 
TYR HD1    H  N N 471 
TYR HD2    H  N N 472 
TYR HE1    H  N N 473 
TYR HE2    H  N N 474 
TYR HH     H  N N 475 
TYR HXT    H  N N 476 
VAL N      N  N N 477 
VAL CA     C  N S 478 
VAL C      C  N N 479 
VAL O      O  N N 480 
VAL CB     C  N N 481 
VAL CG1    C  N N 482 
VAL CG2    C  N N 483 
VAL OXT    O  N N 484 
VAL H      H  N N 485 
VAL H2     H  N N 486 
VAL HA     H  N N 487 
VAL HB     H  N N 488 
VAL HG11   H  N N 489 
VAL HG12   H  N N 490 
VAL HG13   H  N N 491 
VAL HG21   H  N N 492 
VAL HG22   H  N N 493 
VAL HG23   H  N N 494 
VAL HXT    H  N N 495 
# 
loop_
_chem_comp_bond.comp_id 
_chem_comp_bond.atom_id_1 
_chem_comp_bond.atom_id_2 
_chem_comp_bond.value_order 
_chem_comp_bond.pdbx_aromatic_flag 
_chem_comp_bond.pdbx_stereo_config 
_chem_comp_bond.pdbx_ordinal 
ALA N     CA     sing N N 1   
ALA N     H      sing N N 2   
ALA N     H2     sing N N 3   
ALA CA    C      sing N N 4   
ALA CA    CB     sing N N 5   
ALA CA    HA     sing N N 6   
ALA C     O      doub N N 7   
ALA C     OXT    sing N N 8   
ALA CB    HB1    sing N N 9   
ALA CB    HB2    sing N N 10  
ALA CB    HB3    sing N N 11  
ALA OXT   HXT    sing N N 12  
ARG N     CA     sing N N 13  
ARG N     H      sing N N 14  
ARG N     H2     sing N N 15  
ARG CA    C      sing N N 16  
ARG CA    CB     sing N N 17  
ARG CA    HA     sing N N 18  
ARG C     O      doub N N 19  
ARG C     OXT    sing N N 20  
ARG CB    CG     sing N N 21  
ARG CB    HB2    sing N N 22  
ARG CB    HB3    sing N N 23  
ARG CG    CD     sing N N 24  
ARG CG    HG2    sing N N 25  
ARG CG    HG3    sing N N 26  
ARG CD    NE     sing N N 27  
ARG CD    HD2    sing N N 28  
ARG CD    HD3    sing N N 29  
ARG NE    CZ     sing N N 30  
ARG NE    HE     sing N N 31  
ARG CZ    NH1    sing N N 32  
ARG CZ    NH2    doub N N 33  
ARG NH1   HH11   sing N N 34  
ARG NH1   HH12   sing N N 35  
ARG NH2   HH21   sing N N 36  
ARG NH2   HH22   sing N N 37  
ARG OXT   HXT    sing N N 38  
ASN N     CA     sing N N 39  
ASN N     H      sing N N 40  
ASN N     H2     sing N N 41  
ASN CA    C      sing N N 42  
ASN CA    CB     sing N N 43  
ASN CA    HA     sing N N 44  
ASN C     O      doub N N 45  
ASN C     OXT    sing N N 46  
ASN CB    CG     sing N N 47  
ASN CB    HB2    sing N N 48  
ASN CB    HB3    sing N N 49  
ASN CG    OD1    doub N N 50  
ASN CG    ND2    sing N N 51  
ASN ND2   HD21   sing N N 52  
ASN ND2   HD22   sing N N 53  
ASN OXT   HXT    sing N N 54  
ASP N     CA     sing N N 55  
ASP N     H      sing N N 56  
ASP N     H2     sing N N 57  
ASP CA    C      sing N N 58  
ASP CA    CB     sing N N 59  
ASP CA    HA     sing N N 60  
ASP C     O      doub N N 61  
ASP C     OXT    sing N N 62  
ASP CB    CG     sing N N 63  
ASP CB    HB2    sing N N 64  
ASP CB    HB3    sing N N 65  
ASP CG    OD1    doub N N 66  
ASP CG    OD2    sing N N 67  
ASP OD2   HD2    sing N N 68  
ASP OXT   HXT    sing N N 69  
CYS N     CA     sing N N 70  
CYS N     H      sing N N 71  
CYS N     H2     sing N N 72  
CYS CA    C      sing N N 73  
CYS CA    CB     sing N N 74  
CYS CA    HA     sing N N 75  
CYS C     O      doub N N 76  
CYS C     OXT    sing N N 77  
CYS CB    SG     sing N N 78  
CYS CB    HB2    sing N N 79  
CYS CB    HB3    sing N N 80  
CYS SG    HG     sing N N 81  
CYS OXT   HXT    sing N N 82  
GDP PB    O1B    doub N N 83  
GDP PB    O2B    sing N N 84  
GDP PB    O3B    sing N N 85  
GDP PB    O3A    sing N N 86  
GDP O2B   HOB2   sing N N 87  
GDP O3B   HOB3   sing N N 88  
GDP O3A   PA     sing N N 89  
GDP PA    O1A    doub N N 90  
GDP PA    O2A    sing N N 91  
GDP PA    "O5'"  sing N N 92  
GDP O2A   HOA2   sing N N 93  
GDP "O5'" "C5'"  sing N N 94  
GDP "C5'" "C4'"  sing N N 95  
GDP "C5'" "H5'"  sing N N 96  
GDP "C5'" "H5''" sing N N 97  
GDP "C4'" "O4'"  sing N N 98  
GDP "C4'" "C3'"  sing N N 99  
GDP "C4'" "H4'"  sing N N 100 
GDP "O4'" "C1'"  sing N N 101 
GDP "C3'" "O3'"  sing N N 102 
GDP "C3'" "C2'"  sing N N 103 
GDP "C3'" "H3'"  sing N N 104 
GDP "O3'" "HO3'" sing N N 105 
GDP "C2'" "O2'"  sing N N 106 
GDP "C2'" "C1'"  sing N N 107 
GDP "C2'" "H2'"  sing N N 108 
GDP "O2'" "HO2'" sing N N 109 
GDP "C1'" N9     sing N N 110 
GDP "C1'" "H1'"  sing N N 111 
GDP N9    C8     sing Y N 112 
GDP N9    C4     sing Y N 113 
GDP C8    N7     doub Y N 114 
GDP C8    H8     sing N N 115 
GDP N7    C5     sing Y N 116 
GDP C5    C6     sing N N 117 
GDP C5    C4     doub Y N 118 
GDP C6    O6     doub N N 119 
GDP C6    N1     sing N N 120 
GDP N1    C2     sing N N 121 
GDP N1    HN1    sing N N 122 
GDP C2    N2     sing N N 123 
GDP C2    N3     doub N N 124 
GDP N2    HN21   sing N N 125 
GDP N2    HN22   sing N N 126 
GDP N3    C4     sing N N 127 
GLN N     CA     sing N N 128 
GLN N     H      sing N N 129 
GLN N     H2     sing N N 130 
GLN CA    C      sing N N 131 
GLN CA    CB     sing N N 132 
GLN CA    HA     sing N N 133 
GLN C     O      doub N N 134 
GLN C     OXT    sing N N 135 
GLN CB    CG     sing N N 136 
GLN CB    HB2    sing N N 137 
GLN CB    HB3    sing N N 138 
GLN CG    CD     sing N N 139 
GLN CG    HG2    sing N N 140 
GLN CG    HG3    sing N N 141 
GLN CD    OE1    doub N N 142 
GLN CD    NE2    sing N N 143 
GLN NE2   HE21   sing N N 144 
GLN NE2   HE22   sing N N 145 
GLN OXT   HXT    sing N N 146 
GLU N     CA     sing N N 147 
GLU N     H      sing N N 148 
GLU N     H2     sing N N 149 
GLU CA    C      sing N N 150 
GLU CA    CB     sing N N 151 
GLU CA    HA     sing N N 152 
GLU C     O      doub N N 153 
GLU C     OXT    sing N N 154 
GLU CB    CG     sing N N 155 
GLU CB    HB2    sing N N 156 
GLU CB    HB3    sing N N 157 
GLU CG    CD     sing N N 158 
GLU CG    HG2    sing N N 159 
GLU CG    HG3    sing N N 160 
GLU CD    OE1    doub N N 161 
GLU CD    OE2    sing N N 162 
GLU OE2   HE2    sing N N 163 
GLU OXT   HXT    sing N N 164 
GLY N     CA     sing N N 165 
GLY N     H      sing N N 166 
GLY N     H2     sing N N 167 
GLY CA    C      sing N N 168 
GLY CA    HA2    sing N N 169 
GLY CA    HA3    sing N N 170 
GLY C     O      doub N N 171 
GLY C     OXT    sing N N 172 
GLY OXT   HXT    sing N N 173 
HIS N     CA     sing N N 174 
HIS N     H      sing N N 175 
HIS N     H2     sing N N 176 
HIS CA    C      sing N N 177 
HIS CA    CB     sing N N 178 
HIS CA    HA     sing N N 179 
HIS C     O      doub N N 180 
HIS C     OXT    sing N N 181 
HIS CB    CG     sing N N 182 
HIS CB    HB2    sing N N 183 
HIS CB    HB3    sing N N 184 
HIS CG    ND1    sing Y N 185 
HIS CG    CD2    doub Y N 186 
HIS ND1   CE1    doub Y N 187 
HIS ND1   HD1    sing N N 188 
HIS CD2   NE2    sing Y N 189 
HIS CD2   HD2    sing N N 190 
HIS CE1   NE2    sing Y N 191 
HIS CE1   HE1    sing N N 192 
HIS NE2   HE2    sing N N 193 
HIS OXT   HXT    sing N N 194 
HOH O     H1     sing N N 195 
HOH O     H2     sing N N 196 
ILE N     CA     sing N N 197 
ILE N     H      sing N N 198 
ILE N     H2     sing N N 199 
ILE CA    C      sing N N 200 
ILE CA    CB     sing N N 201 
ILE CA    HA     sing N N 202 
ILE C     O      doub N N 203 
ILE C     OXT    sing N N 204 
ILE CB    CG1    sing N N 205 
ILE CB    CG2    sing N N 206 
ILE CB    HB     sing N N 207 
ILE CG1   CD1    sing N N 208 
ILE CG1   HG12   sing N N 209 
ILE CG1   HG13   sing N N 210 
ILE CG2   HG21   sing N N 211 
ILE CG2   HG22   sing N N 212 
ILE CG2   HG23   sing N N 213 
ILE CD1   HD11   sing N N 214 
ILE CD1   HD12   sing N N 215 
ILE CD1   HD13   sing N N 216 
ILE OXT   HXT    sing N N 217 
IQN C41   C42    sing N N 218 
IQN C41   N40    sing N N 219 
IQN C43   N40    sing N N 220 
IQN C43   C44    sing N N 221 
IQN C1    C2     sing N N 222 
IQN N40   C39    sing N N 223 
IQN C44   C37    sing N N 224 
IQN C2    C3     sing Y N 225 
IQN C2    C10    doub Y N 226 
IQN C3    C4     doub Y N 227 
IQN C39   C38    sing N N 228 
IQN F13   C12    sing N N 229 
IQN C10   C11    sing N N 230 
IQN C10   C9     sing Y N 231 
IQN C34   C35    sing N N 232 
IQN C34   C26    sing N N 233 
IQN C4    C5     sing Y N 234 
IQN C12   C11    doub Y N 235 
IQN C12   C14    sing Y N 236 
IQN C11   C21    sing Y N 237 
IQN C37   C38    sing N N 238 
IQN C37   O36    sing N N 239 
IQN N15   C14    sing Y N 240 
IQN N15   C16    doub Y N 241 
IQN C14   C19    doub Y N 242 
IQN C27   C26    sing N N 243 
IQN C27   N28    sing N N 244 
IQN O32   C29    doub N N 245 
IQN O36   C16    sing N N 246 
IQN C21   CL1    sing N N 247 
IQN C21   C20    doub Y N 248 
IQN C16   N17    sing Y N 249 
IQN C19   C20    sing Y N 250 
IQN C19   C18    sing Y N 251 
IQN N17   C18    doub Y N 252 
IQN C35   N23    sing N N 253 
IQN C18   N23    sing N N 254 
IQN N23   C24    sing N N 255 
IQN C26   C25    sing N N 256 
IQN C26   C33    sing N N 257 
IQN C9    C5     doub Y N 258 
IQN C9    C8     sing Y N 259 
IQN C29   N28    sing N N 260 
IQN C29   C30    sing N N 261 
IQN C5    N6     sing Y N 262 
IQN N28   C33    sing N N 263 
IQN C25   C24    sing N N 264 
IQN C31   C30    sing N N 265 
IQN C8    N7     doub Y N 266 
IQN N6    N7     sing Y N 267 
IQN C3    H1     sing N N 268 
IQN C4    H2     sing N N 269 
IQN C20   H3     sing N N 270 
IQN C8    H4     sing N N 271 
IQN C31   H5     sing N N 272 
IQN C31   H6     sing N N 273 
IQN C31   H7     sing N N 274 
IQN C30   H8     sing N N 275 
IQN C30   H9     sing N N 276 
IQN C38   H10    sing N N 277 
IQN C38   H11    sing N N 278 
IQN C44   H12    sing N N 279 
IQN C44   H13    sing N N 280 
IQN C25   H14    sing N N 281 
IQN C25   H15    sing N N 282 
IQN C34   H16    sing N N 283 
IQN C34   H17    sing N N 284 
IQN C39   H18    sing N N 285 
IQN C39   H19    sing N N 286 
IQN C43   H20    sing N N 287 
IQN C43   H21    sing N N 288 
IQN C27   H22    sing N N 289 
IQN C27   H23    sing N N 290 
IQN C33   H24    sing N N 291 
IQN C33   H25    sing N N 292 
IQN C24   H26    sing N N 293 
IQN C24   H27    sing N N 294 
IQN C35   H28    sing N N 295 
IQN C35   H29    sing N N 296 
IQN C37   H30    sing N N 297 
IQN C1    H31    sing N N 298 
IQN C1    H32    sing N N 299 
IQN C1    H33    sing N N 300 
IQN C42   H34    sing N N 301 
IQN C42   H35    sing N N 302 
IQN C42   H36    sing N N 303 
IQN C41   H37    sing N N 304 
IQN C41   H38    sing N N 305 
IQN N6    H39    sing N N 306 
LEU N     CA     sing N N 307 
LEU N     H      sing N N 308 
LEU N     H2     sing N N 309 
LEU CA    C      sing N N 310 
LEU CA    CB     sing N N 311 
LEU CA    HA     sing N N 312 
LEU C     O      doub N N 313 
LEU C     OXT    sing N N 314 
LEU CB    CG     sing N N 315 
LEU CB    HB2    sing N N 316 
LEU CB    HB3    sing N N 317 
LEU CG    CD1    sing N N 318 
LEU CG    CD2    sing N N 319 
LEU CG    HG     sing N N 320 
LEU CD1   HD11   sing N N 321 
LEU CD1   HD12   sing N N 322 
LEU CD1   HD13   sing N N 323 
LEU CD2   HD21   sing N N 324 
LEU CD2   HD22   sing N N 325 
LEU CD2   HD23   sing N N 326 
LEU OXT   HXT    sing N N 327 
LYS N     CA     sing N N 328 
LYS N     H      sing N N 329 
LYS N     H2     sing N N 330 
LYS CA    C      sing N N 331 
LYS CA    CB     sing N N 332 
LYS CA    HA     sing N N 333 
LYS C     O      doub N N 334 
LYS C     OXT    sing N N 335 
LYS CB    CG     sing N N 336 
LYS CB    HB2    sing N N 337 
LYS CB    HB3    sing N N 338 
LYS CG    CD     sing N N 339 
LYS CG    HG2    sing N N 340 
LYS CG    HG3    sing N N 341 
LYS CD    CE     sing N N 342 
LYS CD    HD2    sing N N 343 
LYS CD    HD3    sing N N 344 
LYS CE    NZ     sing N N 345 
LYS CE    HE2    sing N N 346 
LYS CE    HE3    sing N N 347 
LYS NZ    HZ1    sing N N 348 
LYS NZ    HZ2    sing N N 349 
LYS NZ    HZ3    sing N N 350 
LYS OXT   HXT    sing N N 351 
MET N     CA     sing N N 352 
MET N     H      sing N N 353 
MET N     H2     sing N N 354 
MET CA    C      sing N N 355 
MET CA    CB     sing N N 356 
MET CA    HA     sing N N 357 
MET C     O      doub N N 358 
MET C     OXT    sing N N 359 
MET CB    CG     sing N N 360 
MET CB    HB2    sing N N 361 
MET CB    HB3    sing N N 362 
MET CG    SD     sing N N 363 
MET CG    HG2    sing N N 364 
MET CG    HG3    sing N N 365 
MET SD    CE     sing N N 366 
MET CE    HE1    sing N N 367 
MET CE    HE2    sing N N 368 
MET CE    HE3    sing N N 369 
MET OXT   HXT    sing N N 370 
PHE N     CA     sing N N 371 
PHE N     H      sing N N 372 
PHE N     H2     sing N N 373 
PHE CA    C      sing N N 374 
PHE CA    CB     sing N N 375 
PHE CA    HA     sing N N 376 
PHE C     O      doub N N 377 
PHE C     OXT    sing N N 378 
PHE CB    CG     sing N N 379 
PHE CB    HB2    sing N N 380 
PHE CB    HB3    sing N N 381 
PHE CG    CD1    doub Y N 382 
PHE CG    CD2    sing Y N 383 
PHE CD1   CE1    sing Y N 384 
PHE CD1   HD1    sing N N 385 
PHE CD2   CE2    doub Y N 386 
PHE CD2   HD2    sing N N 387 
PHE CE1   CZ     doub Y N 388 
PHE CE1   HE1    sing N N 389 
PHE CE2   CZ     sing Y N 390 
PHE CE2   HE2    sing N N 391 
PHE CZ    HZ     sing N N 392 
PHE OXT   HXT    sing N N 393 
PRO N     CA     sing N N 394 
PRO N     CD     sing N N 395 
PRO N     H      sing N N 396 
PRO CA    C      sing N N 397 
PRO CA    CB     sing N N 398 
PRO CA    HA     sing N N 399 
PRO C     O      doub N N 400 
PRO C     OXT    sing N N 401 
PRO CB    CG     sing N N 402 
PRO CB    HB2    sing N N 403 
PRO CB    HB3    sing N N 404 
PRO CG    CD     sing N N 405 
PRO CG    HG2    sing N N 406 
PRO CG    HG3    sing N N 407 
PRO CD    HD2    sing N N 408 
PRO CD    HD3    sing N N 409 
PRO OXT   HXT    sing N N 410 
SER N     CA     sing N N 411 
SER N     H      sing N N 412 
SER N     H2     sing N N 413 
SER CA    C      sing N N 414 
SER CA    CB     sing N N 415 
SER CA    HA     sing N N 416 
SER C     O      doub N N 417 
SER C     OXT    sing N N 418 
SER CB    OG     sing N N 419 
SER CB    HB2    sing N N 420 
SER CB    HB3    sing N N 421 
SER OG    HG     sing N N 422 
SER OXT   HXT    sing N N 423 
SO4 S     O1     doub N N 424 
SO4 S     O2     doub N N 425 
SO4 S     O3     sing N N 426 
SO4 S     O4     sing N N 427 
THR N     CA     sing N N 428 
THR N     H      sing N N 429 
THR N     H2     sing N N 430 
THR CA    C      sing N N 431 
THR CA    CB     sing N N 432 
THR CA    HA     sing N N 433 
THR C     O      doub N N 434 
THR C     OXT    sing N N 435 
THR CB    OG1    sing N N 436 
THR CB    CG2    sing N N 437 
THR CB    HB     sing N N 438 
THR OG1   HG1    sing N N 439 
THR CG2   HG21   sing N N 440 
THR CG2   HG22   sing N N 441 
THR CG2   HG23   sing N N 442 
THR OXT   HXT    sing N N 443 
TYR N     CA     sing N N 444 
TYR N     H      sing N N 445 
TYR N     H2     sing N N 446 
TYR CA    C      sing N N 447 
TYR CA    CB     sing N N 448 
TYR CA    HA     sing N N 449 
TYR C     O      doub N N 450 
TYR C     OXT    sing N N 451 
TYR CB    CG     sing N N 452 
TYR CB    HB2    sing N N 453 
TYR CB    HB3    sing N N 454 
TYR CG    CD1    doub Y N 455 
TYR CG    CD2    sing Y N 456 
TYR CD1   CE1    sing Y N 457 
TYR CD1   HD1    sing N N 458 
TYR CD2   CE2    doub Y N 459 
TYR CD2   HD2    sing N N 460 
TYR CE1   CZ     doub Y N 461 
TYR CE1   HE1    sing N N 462 
TYR CE2   CZ     sing Y N 463 
TYR CE2   HE2    sing N N 464 
TYR CZ    OH     sing N N 465 
TYR OH    HH     sing N N 466 
TYR OXT   HXT    sing N N 467 
VAL N     CA     sing N N 468 
VAL N     H      sing N N 469 
VAL N     H2     sing N N 470 
VAL CA    C      sing N N 471 
VAL CA    CB     sing N N 472 
VAL CA    HA     sing N N 473 
VAL C     O      doub N N 474 
VAL C     OXT    sing N N 475 
VAL CB    CG1    sing N N 476 
VAL CB    CG2    sing N N 477 
VAL CB    HB     sing N N 478 
VAL CG1   HG11   sing N N 479 
VAL CG1   HG12   sing N N 480 
VAL CG1   HG13   sing N N 481 
VAL CG2   HG21   sing N N 482 
VAL CG2   HG22   sing N N 483 
VAL CG2   HG23   sing N N 484 
VAL OXT   HXT    sing N N 485 
# 
_pdbx_audit_support.funding_organization   'Not funded' 
_pdbx_audit_support.country                ? 
_pdbx_audit_support.grant_number           ? 
_pdbx_audit_support.ordinal                1 
# 
_pdbx_entity_instance_feature.ordinal        1 
_pdbx_entity_instance_feature.comp_id        IQN 
_pdbx_entity_instance_feature.asym_id        ? 
_pdbx_entity_instance_feature.seq_num        ? 
_pdbx_entity_instance_feature.auth_comp_id   IQN 
_pdbx_entity_instance_feature.auth_asym_id   ? 
_pdbx_entity_instance_feature.auth_seq_num   ? 
_pdbx_entity_instance_feature.feature_type   'SUBJECT OF INVESTIGATION' 
_pdbx_entity_instance_feature.details        ? 
# 
loop_
_pdbx_entity_nonpoly.entity_id 
_pdbx_entity_nonpoly.name 
_pdbx_entity_nonpoly.comp_id 
2 "GUANOSINE-5'-DIPHOSPHATE" GDP 
3 'MAGNESIUM ION' MG  
4 'SULFATE ION' SO4 
5 
;1-[7-[6-chloranyl-2-(1-ethylpiperidin-4-yl)oxy-8-fluoranyl-7-(5-methyl-1~{H}-indazol-4-yl)quinazolin-4-yl]-2,7-diazaspiro[3.5]nonan-2-yl]propan-1-one
;
IQN 
6 water HOH 
# 
_pdbx_initial_refinement_model.id               1 
_pdbx_initial_refinement_model.entity_id_list   ? 
_pdbx_initial_refinement_model.type             'experimental model' 
_pdbx_initial_refinement_model.source_name      PDB 
_pdbx_initial_refinement_model.accession_code   4L8G 
_pdbx_initial_refinement_model.details          ? 
# 
_pdbx_struct_assembly_auth_evidence.id                     1 
_pdbx_struct_assembly_auth_evidence.assembly_id            1 
_pdbx_struct_assembly_auth_evidence.experimental_support   'gel filtration' 
_pdbx_struct_assembly_auth_evidence.details                ? 
# 
